data_3U60
#
_entry.id   3U60
#
_cell.length_a   93.518
_cell.length_b   118.443
_cell.length_c   133.078
_cell.angle_alpha   90.00
_cell.angle_beta   102.06
_cell.angle_gamma   90.00
#
_symmetry.space_group_name_H-M   'P 1 21 1'
#
loop_
_entity.id
_entity.type
_entity.pdbx_description
1 polymer 'DNA polymerase accessory protein 44'
2 polymer 'Template DNA strand'
3 polymer 'Primer DNA strand'
4 polymer 'DNA polymerase accessory protein 62'
5 polymer 'DNA polymerase processivity component'
6 non-polymer [[[(2R,3S,4R,5R)-5-(6-aminopurin-9-yl)-3,4-bis(oxidanyl)oxolan-2-yl]methoxy-oxidanyl-phosphoryl]oxy-oxidanyl-phosphoryl]oxy-tris(fluoranyl)beryllium
7 non-polymer 'MAGNESIUM ION'
8 non-polymer "ADENOSINE-5'-DIPHOSPHATE"
#
loop_
_entity_poly.entity_id
_entity_poly.type
_entity_poly.pdbx_seq_one_letter_code
_entity_poly.pdbx_strand_id
1 'polypeptide(L)'
;GPGGSMITVNEKEHILEQKYRPSTIDECILPAFDKETFKSITSKGKIPHIILHSPSPGTGKTTVAKALCHDVNADMMFVN
GSDCKIDFVRGPLTNFASAASFDGRQKVIVIDEFDRSGLAESQRHLRSFMEAYSSNCSIIITANNIDGIIKPLQSRCRVI
TFGQPTDEDKIEMMKQMIRRLTEICKHEGIAIADMKVVAALVKKNFPDFRKTIGELDSYSSKGVLDAGILSLVTNDRGAI
DDVLESLKNKDVKQLRALAPKYAADYSWFVGKLAEEIYSRVTPQSIIRMYEIVGENNQYHGIAANTELHLAYLFIQLACE
MQWK
;
B,C,D,E
2 'polydeoxyribonucleotide'
;(DT)(DT)(DT)(DT)(DT)(DT)(DT)(DT)(DT)(DT)(DT)(DA)(DT)(DG)(DT)(DA)(DC)(DT)(DC)(DG)
(DT)(DA)(DG)(DT)(DG)(DT)(DC)(DT)(DG)(DC)
;
I
3 'polydeoxyribonucleotide' (DG)(DC)(DA)(DG)(DA)(DC)(DA)(DC)(DT)(DA)(DC)(DG)(DA)(DG)(DT)(DA)(DC)(DA)(DT)(DA) J
4 'polypeptide(L)'
;SLFKDDIQLNEHQVAWYSKDWTAVQSAADSFKEKAENEFFEIIGAINNKTKCSIAQKDYSKFMVENALSQFPECMPAVYA
MNLIGSGLSDEAHFNYLMAAVPRGKRYGKWAKLVEDSTEVLIIKLLAKRYQVNTNDAINYKSILTKNGKLPLVLKELKGL
VTDDFLKEVTKNVKEQKQLKKLALEWGLEHHHHHH
;
A
5 'polypeptide(L)'
;(MSE)KLSKDTTALLKNFATINSGI(MSE)LKSGQFI(MSE)TRAVNGTTYAEANISDVIDFDVAIYDLNGFLGILSLVN
DDAEISQSEDGNIKIADARSTIFWPAADPSTVVAPNKPIPFPVASAVTEIKAEDLQQLLRVSRGLQIDTIAITVKEGKIV
INGFNKVEDSALTRVKYSLTLGDYDGENTFNFIIN(MSE)AN(MSE)K(MSE)QPGNYKLLLWAKGKQGAAKFEGEHANY
VVALEADSTHDF
;
G,H,F
#
loop_
_chem_comp.id
_chem_comp.type
_chem_comp.name
_chem_comp.formula
08T non-polymer [[[(2R,3S,4R,5R)-5-(6-aminopurin-9-yl)-3,4-bis(oxidanyl)oxolan-2-yl]methoxy-oxidanyl-phosphoryl]oxy-oxidanyl-phosphoryl]oxy-tris(fluoranyl)beryllium 'C10 H14 Be F3 N5 O10 P2'
ADP non-polymer ADENOSINE-5'-DIPHOSPHATE 'C10 H15 N5 O10 P2'
DA DNA linking 2'-DEOXYADENOSINE-5'-MONOPHOSPHATE 'C10 H14 N5 O6 P'
DC DNA linking 2'-DEOXYCYTIDINE-5'-MONOPHOSPHATE 'C9 H14 N3 O7 P'
DG DNA linking 2'-DEOXYGUANOSINE-5'-MONOPHOSPHATE 'C10 H14 N5 O7 P'
DT DNA linking THYMIDINE-5'-MONOPHOSPHATE 'C10 H15 N2 O8 P'
MG non-polymer 'MAGNESIUM ION' 'Mg 2'
#
# COMPACT_ATOMS: atom_id res chain seq x y z
N MET A 6 -51.49 0.66 -11.18
CA MET A 6 -50.55 -0.20 -11.91
C MET A 6 -49.22 -0.33 -11.18
N ILE A 7 -48.86 0.70 -10.42
CA ILE A 7 -47.52 0.86 -9.90
C ILE A 7 -47.30 0.25 -8.53
N THR A 8 -46.29 -0.61 -8.37
CA THR A 8 -45.99 -1.19 -7.06
C THR A 8 -45.34 -0.18 -6.17
N VAL A 9 -45.84 -0.01 -4.95
CA VAL A 9 -45.15 0.82 -3.96
C VAL A 9 -44.83 0.04 -2.71
N ASN A 10 -43.60 0.14 -2.23
CA ASN A 10 -43.16 -0.70 -1.11
C ASN A 10 -43.50 -0.21 0.30
N GLU A 11 -43.60 1.10 0.47
CA GLU A 11 -44.21 1.68 1.67
C GLU A 11 -43.51 1.38 2.98
N LYS A 12 -42.43 0.63 2.92
CA LYS A 12 -41.62 0.40 4.11
C LYS A 12 -40.40 1.29 3.89
N GLU A 13 -40.32 1.93 2.73
CA GLU A 13 -39.19 2.81 2.40
C GLU A 13 -39.61 4.26 2.09
N HIS A 14 -38.86 5.20 2.66
CA HIS A 14 -39.03 6.62 2.36
C HIS A 14 -38.17 7.04 1.19
N ILE A 15 -37.17 6.24 0.88
CA ILE A 15 -36.08 6.73 0.06
C ILE A 15 -36.48 6.89 -1.40
N LEU A 16 -37.63 6.37 -1.76
CA LEU A 16 -38.37 6.79 -2.95
C LEU A 16 -37.88 6.43 -4.34
N GLU A 17 -36.65 5.93 -4.50
CA GLU A 17 -36.28 5.36 -5.80
C GLU A 17 -36.40 3.90 -5.51
N GLN A 18 -36.46 3.59 -4.22
CA GLN A 18 -36.73 2.23 -3.77
C GLN A 18 -38.15 1.98 -3.31
N LYS A 19 -38.94 3.04 -3.22
CA LYS A 19 -40.37 2.93 -2.95
C LYS A 19 -41.07 2.39 -4.20
N TYR A 20 -40.70 2.95 -5.34
CA TYR A 20 -41.30 2.61 -6.63
C TYR A 20 -40.67 1.48 -7.47
N ARG A 21 -39.76 0.72 -6.87
CA ARG A 21 -39.17 -0.46 -7.50
C ARG A 21 -40.21 -1.46 -8.01
N PRO A 22 -40.23 -1.66 -9.33
CA PRO A 22 -41.16 -2.51 -10.06
C PRO A 22 -41.19 -3.93 -9.55
N SER A 23 -42.41 -4.43 -9.35
CA SER A 23 -42.69 -5.75 -8.80
C SER A 23 -42.59 -6.87 -9.84
N THR A 24 -43.09 -6.58 -11.05
CA THR A 24 -43.17 -7.59 -12.11
C THR A 24 -42.48 -7.12 -13.39
N ILE A 25 -42.19 -8.08 -14.27
CA ILE A 25 -41.49 -7.83 -15.54
C ILE A 25 -42.17 -6.81 -16.47
N ASP A 26 -43.48 -6.63 -16.35
CA ASP A 26 -44.19 -5.64 -17.18
C ASP A 26 -44.01 -4.21 -16.65
N GLU A 27 -44.07 -4.06 -15.33
CA GLU A 27 -43.93 -2.75 -14.70
C GLU A 27 -42.59 -2.15 -15.03
N CYS A 28 -41.63 -3.00 -15.42
CA CYS A 28 -40.28 -2.59 -15.81
C CYS A 28 -40.21 -1.88 -17.16
N ILE A 29 -39.49 -0.77 -17.22
CA ILE A 29 -39.29 -0.06 -18.49
C ILE A 29 -38.01 -0.50 -19.17
N LEU A 30 -38.17 -1.18 -20.29
CA LEU A 30 -37.05 -1.86 -20.96
C LEU A 30 -37.13 -1.69 -22.47
N PRO A 31 -36.01 -1.94 -23.18
CA PRO A 31 -36.01 -2.07 -24.66
C PRO A 31 -37.04 -3.10 -25.09
N ALA A 32 -37.68 -2.90 -26.23
CA ALA A 32 -38.68 -3.84 -26.73
C ALA A 32 -38.20 -5.31 -26.74
N PHE A 33 -37.15 -5.59 -27.51
CA PHE A 33 -36.67 -6.96 -27.63
C PHE A 33 -36.33 -7.57 -26.29
N ASP A 34 -35.78 -6.75 -25.40
CA ASP A 34 -35.44 -7.24 -24.07
C ASP A 34 -36.67 -7.65 -23.26
N LYS A 35 -37.69 -6.79 -23.21
CA LYS A 35 -38.93 -7.11 -22.47
C LYS A 35 -39.49 -8.41 -23.03
N GLU A 36 -39.61 -8.46 -24.36
CA GLU A 36 -40.13 -9.62 -25.06
C GLU A 36 -39.36 -10.92 -24.75
N THR A 37 -38.03 -10.85 -24.71
CA THR A 37 -37.24 -12.01 -24.33
C THR A 37 -37.48 -12.41 -22.86
N PHE A 38 -37.78 -11.46 -22.00
CA PHE A 38 -38.11 -11.80 -20.63
C PHE A 38 -39.50 -12.39 -20.51
N LYS A 39 -40.46 -11.87 -21.28
CA LYS A 39 -41.79 -12.47 -21.29
C LYS A 39 -41.66 -13.92 -21.76
N SER A 40 -40.95 -14.10 -22.87
CA SER A 40 -40.69 -15.43 -23.42
C SER A 40 -40.24 -16.38 -22.32
N ILE A 41 -39.27 -15.92 -21.52
CA ILE A 41 -38.72 -16.72 -20.43
C ILE A 41 -39.74 -17.05 -19.38
N THR A 42 -40.47 -16.06 -18.88
CA THR A 42 -41.44 -16.32 -17.82
C THR A 42 -42.55 -17.26 -18.29
N SER A 43 -42.82 -17.24 -19.60
CA SER A 43 -43.79 -18.13 -20.24
C SER A 43 -43.47 -19.63 -20.12
N LYS A 44 -42.26 -19.99 -20.54
CA LYS A 44 -41.79 -21.38 -20.52
C LYS A 44 -41.79 -21.90 -19.08
N GLY A 45 -41.89 -21.00 -18.11
CA GLY A 45 -42.12 -21.38 -16.73
C GLY A 45 -40.88 -21.79 -15.98
N LYS A 46 -39.80 -22.09 -16.71
CA LYS A 46 -38.50 -22.42 -16.13
C LYS A 46 -37.48 -21.38 -16.54
N ILE A 47 -36.56 -21.09 -15.63
CA ILE A 47 -35.56 -20.01 -15.78
C ILE A 47 -34.13 -20.54 -15.90
N PRO A 48 -33.47 -20.22 -17.01
CA PRO A 48 -32.11 -20.71 -17.29
C PRO A 48 -31.09 -19.95 -16.45
N HIS A 49 -29.81 -20.27 -16.56
CA HIS A 49 -28.80 -19.47 -15.92
C HIS A 49 -28.67 -18.17 -16.72
N ILE A 50 -28.73 -17.02 -16.04
CA ILE A 50 -28.71 -15.73 -16.73
C ILE A 50 -27.72 -14.75 -16.08
N ILE A 51 -27.13 -13.90 -16.92
CA ILE A 51 -26.36 -12.74 -16.47
C ILE A 51 -26.97 -11.45 -17.01
N LEU A 52 -27.27 -10.53 -16.11
CA LEU A 52 -27.73 -9.20 -16.51
C LEU A 52 -26.60 -8.20 -16.21
N HIS A 53 -26.18 -7.40 -17.20
CA HIS A 53 -25.13 -6.40 -16.97
C HIS A 53 -25.34 -5.08 -17.76
N SER A 54 -24.97 -3.97 -17.10
CA SER A 54 -25.29 -2.58 -17.53
C SER A 54 -24.38 -1.77 -18.51
N PRO A 55 -23.07 -1.59 -18.28
CA PRO A 55 -22.34 -1.20 -17.05
C PRO A 55 -22.84 0.09 -16.41
N SER A 56 -23.69 0.83 -17.13
CA SER A 56 -24.37 2.01 -16.56
C SER A 56 -25.34 1.68 -15.42
N PRO A 57 -25.07 2.18 -14.20
CA PRO A 57 -25.91 1.83 -13.04
C PRO A 57 -27.39 2.18 -13.21
N GLY A 58 -28.23 1.53 -12.42
CA GLY A 58 -29.65 1.82 -12.43
C GLY A 58 -30.37 1.67 -13.78
N THR A 59 -30.06 0.63 -14.52
CA THR A 59 -30.82 0.35 -15.73
C THR A 59 -31.90 -0.66 -15.45
N GLY A 60 -31.90 -1.21 -14.23
CA GLY A 60 -32.88 -2.20 -13.80
C GLY A 60 -32.46 -3.66 -13.67
N LYS A 61 -31.17 -3.95 -13.80
CA LYS A 61 -30.66 -5.32 -13.68
C LYS A 61 -31.18 -6.05 -12.43
N THR A 62 -30.86 -5.54 -11.26
CA THR A 62 -31.19 -6.24 -10.04
C THR A 62 -32.69 -6.17 -9.74
N THR A 63 -33.39 -5.23 -10.38
CA THR A 63 -34.85 -5.19 -10.29
C THR A 63 -35.51 -6.28 -11.12
N VAL A 64 -35.14 -6.36 -12.39
CA VAL A 64 -35.59 -7.45 -13.26
C VAL A 64 -35.22 -8.85 -12.73
N ALA A 65 -34.11 -8.96 -12.00
CA ALA A 65 -33.77 -10.22 -11.37
C ALA A 65 -34.88 -10.69 -10.44
N LYS A 66 -35.29 -9.82 -9.51
CA LYS A 66 -36.35 -10.18 -8.54
C LYS A 66 -37.70 -10.39 -9.23
N ALA A 67 -38.00 -9.55 -10.23
CA ALA A 67 -39.20 -9.71 -11.05
C ALA A 67 -39.27 -11.05 -11.77
N LEU A 68 -38.23 -11.43 -12.50
CA LEU A 68 -38.23 -12.75 -13.15
C LEU A 68 -38.64 -13.84 -12.18
N CYS A 69 -38.05 -13.83 -10.98
CA CYS A 69 -38.39 -14.80 -9.94
C CYS A 69 -39.87 -14.74 -9.58
N HIS A 70 -40.34 -13.52 -9.30
CA HIS A 70 -41.74 -13.23 -8.99
C HIS A 70 -42.72 -13.80 -10.02
N ASP A 71 -42.43 -13.66 -11.31
CA ASP A 71 -43.32 -14.09 -12.39
C ASP A 71 -43.46 -15.61 -12.54
N VAL A 72 -42.36 -16.31 -12.31
CA VAL A 72 -42.30 -17.77 -12.44
C VAL A 72 -42.58 -18.40 -11.08
N ASN A 73 -42.75 -17.54 -10.09
CA ASN A 73 -42.96 -17.97 -8.70
C ASN A 73 -41.90 -18.92 -8.20
N ALA A 74 -40.65 -18.49 -8.29
CA ALA A 74 -39.51 -19.27 -7.84
C ALA A 74 -39.33 -19.23 -6.34
N ASP A 75 -38.63 -20.22 -5.82
CA ASP A 75 -38.14 -20.15 -4.45
C ASP A 75 -36.75 -19.52 -4.61
N MET A 76 -36.62 -18.27 -4.17
CA MET A 76 -35.41 -17.54 -4.49
C MET A 76 -34.60 -17.08 -3.28
N MET A 77 -33.32 -17.44 -3.26
CA MET A 77 -32.38 -16.88 -2.32
C MET A 77 -31.66 -15.68 -2.95
N PHE A 78 -31.74 -14.52 -2.30
CA PHE A 78 -31.09 -13.33 -2.83
C PHE A 78 -29.82 -13.05 -2.05
N VAL A 79 -28.74 -12.79 -2.76
CA VAL A 79 -27.45 -12.75 -2.14
C VAL A 79 -26.58 -11.60 -2.64
N ASN A 80 -26.01 -10.87 -1.70
CA ASN A 80 -25.00 -9.89 -2.04
C ASN A 80 -23.78 -10.59 -2.66
N GLY A 81 -23.40 -10.17 -3.86
CA GLY A 81 -22.24 -10.73 -4.54
C GLY A 81 -21.01 -10.77 -3.66
N SER A 82 -20.66 -9.64 -3.06
CA SER A 82 -19.45 -9.53 -2.28
C SER A 82 -19.48 -10.39 -1.03
N ASP A 83 -20.65 -10.92 -0.70
CA ASP A 83 -20.77 -11.81 0.45
C ASP A 83 -20.61 -13.26 0.04
N CYS A 84 -20.53 -13.48 -1.27
CA CYS A 84 -20.60 -14.85 -1.75
C CYS A 84 -19.19 -15.35 -2.05
N LYS A 85 -18.53 -15.80 -1.00
CA LYS A 85 -17.17 -16.28 -1.10
C LYS A 85 -17.27 -17.80 -1.20
N ILE A 86 -16.13 -18.45 -1.41
CA ILE A 86 -16.19 -19.88 -1.70
C ILE A 86 -16.91 -20.73 -0.62
N ASP A 87 -16.76 -20.34 0.65
CA ASP A 87 -17.31 -21.10 1.76
C ASP A 87 -18.81 -20.93 1.86
N PHE A 88 -19.29 -19.87 1.21
CA PHE A 88 -20.71 -19.60 1.15
C PHE A 88 -21.31 -20.59 0.15
N VAL A 89 -20.67 -20.67 -1.01
CA VAL A 89 -21.12 -21.59 -2.06
C VAL A 89 -21.09 -23.06 -1.63
N ARG A 90 -20.02 -23.44 -0.94
CA ARG A 90 -19.93 -24.75 -0.35
C ARG A 90 -20.99 -25.00 0.72
N GLY A 91 -21.21 -23.98 1.53
CA GLY A 91 -22.13 -23.99 2.66
C GLY A 91 -23.65 -23.90 2.56
N PRO A 92 -24.06 -22.64 2.48
CA PRO A 92 -25.47 -22.22 2.36
C PRO A 92 -26.13 -22.48 1.02
N LEU A 93 -25.40 -22.17 -0.05
CA LEU A 93 -25.91 -22.39 -1.40
C LEU A 93 -26.00 -23.85 -1.82
N THR A 94 -25.00 -24.64 -1.47
CA THR A 94 -25.07 -26.05 -1.77
C THR A 94 -26.27 -26.64 -1.07
N ASN A 95 -26.53 -26.22 0.16
CA ASN A 95 -27.70 -26.70 0.89
C ASN A 95 -28.96 -26.40 0.12
N PHE A 96 -29.18 -25.13 -0.15
CA PHE A 96 -30.37 -24.69 -0.86
C PHE A 96 -30.50 -25.36 -2.22
N ALA A 97 -29.41 -25.43 -2.97
CA ALA A 97 -29.47 -25.99 -4.32
C ALA A 97 -29.78 -27.49 -4.33
N SER A 98 -29.34 -28.19 -3.29
CA SER A 98 -29.62 -29.62 -3.17
C SER A 98 -31.00 -29.91 -2.55
N ALA A 99 -31.44 -29.08 -1.61
CA ALA A 99 -32.79 -29.24 -1.05
C ALA A 99 -33.89 -29.10 -2.11
N ALA A 100 -34.98 -29.85 -1.91
CA ALA A 100 -36.12 -29.84 -2.82
C ALA A 100 -37.23 -28.94 -2.30
N SER A 101 -37.57 -27.92 -3.09
CA SER A 101 -38.71 -27.08 -2.79
C SER A 101 -39.92 -28.03 -2.88
N PHE A 102 -40.76 -27.91 -1.87
CA PHE A 102 -41.86 -28.84 -1.62
C PHE A 102 -43.23 -28.41 -2.17
N ASP A 103 -43.25 -27.35 -2.95
CA ASP A 103 -44.35 -26.94 -3.81
C ASP A 103 -44.04 -27.08 -5.29
N GLY A 104 -42.86 -27.62 -5.60
CA GLY A 104 -42.41 -27.75 -6.98
C GLY A 104 -42.15 -26.41 -7.64
N ARG A 105 -41.36 -25.58 -6.98
CA ARG A 105 -41.01 -24.29 -7.52
C ARG A 105 -39.60 -24.33 -8.04
N GLN A 106 -39.38 -23.69 -9.18
CA GLN A 106 -38.04 -23.46 -9.68
C GLN A 106 -37.28 -22.85 -8.50
N LYS A 107 -36.12 -23.40 -8.17
CA LYS A 107 -35.27 -22.74 -7.19
C LYS A 107 -34.33 -21.81 -7.95
N VAL A 108 -34.11 -20.61 -7.44
CA VAL A 108 -33.26 -19.64 -8.12
C VAL A 108 -32.36 -18.88 -7.14
N ILE A 109 -31.08 -18.80 -7.46
CA ILE A 109 -30.15 -18.04 -6.62
C ILE A 109 -29.76 -16.75 -7.31
N VAL A 110 -30.17 -15.62 -6.74
CA VAL A 110 -29.83 -14.32 -7.31
C VAL A 110 -28.56 -13.78 -6.66
N ILE A 111 -27.48 -13.68 -7.43
CA ILE A 111 -26.27 -13.12 -6.87
C ILE A 111 -26.12 -11.73 -7.44
N ASP A 112 -26.32 -10.73 -6.60
CA ASP A 112 -26.36 -9.35 -7.05
C ASP A 112 -24.96 -8.76 -7.01
N GLU A 113 -24.62 -7.99 -8.04
CA GLU A 113 -23.33 -7.30 -8.06
C GLU A 113 -22.18 -8.26 -7.72
N PHE A 114 -22.03 -9.27 -8.59
CA PHE A 114 -21.05 -10.35 -8.51
C PHE A 114 -19.73 -10.06 -9.28
N ASP A 115 -19.54 -8.84 -9.74
CA ASP A 115 -18.40 -8.54 -10.58
C ASP A 115 -17.11 -8.16 -9.83
N ARG A 116 -17.08 -8.31 -8.52
CA ARG A 116 -15.85 -8.07 -7.75
C ARG A 116 -14.69 -9.01 -8.11
N SER A 117 -13.45 -8.50 -8.03
CA SER A 117 -12.27 -9.20 -8.57
C SER A 117 -11.82 -10.38 -7.71
N GLY A 118 -11.77 -10.15 -6.40
CA GLY A 118 -11.42 -11.16 -5.41
C GLY A 118 -12.39 -12.31 -5.24
N LEU A 119 -13.45 -12.35 -6.04
CA LEU A 119 -14.34 -13.50 -6.00
C LEU A 119 -14.11 -14.51 -7.13
N ALA A 120 -13.16 -14.23 -8.00
CA ALA A 120 -12.85 -15.15 -9.10
C ALA A 120 -12.70 -16.58 -8.59
N GLU A 121 -12.08 -16.76 -7.42
CA GLU A 121 -11.96 -18.11 -6.86
C GLU A 121 -13.33 -18.73 -6.62
N SER A 122 -14.25 -17.98 -6.01
CA SER A 122 -15.62 -18.44 -5.84
C SER A 122 -16.32 -18.74 -7.18
N GLN A 123 -16.15 -17.87 -8.16
CA GLN A 123 -16.77 -18.06 -9.47
C GLN A 123 -16.34 -19.35 -10.17
N ARG A 124 -15.05 -19.67 -10.09
CA ARG A 124 -14.59 -20.91 -10.68
C ARG A 124 -15.28 -22.04 -9.93
N HIS A 125 -15.23 -22.00 -8.61
CA HIS A 125 -15.84 -23.06 -7.83
C HIS A 125 -17.30 -23.25 -8.26
N LEU A 126 -17.95 -22.14 -8.59
CA LEU A 126 -19.32 -22.17 -9.09
C LEU A 126 -19.49 -22.84 -10.47
N ARG A 127 -18.45 -22.85 -11.32
CA ARG A 127 -18.65 -23.37 -12.68
C ARG A 127 -18.98 -24.84 -12.65
N SER A 128 -18.42 -25.58 -11.69
CA SER A 128 -18.68 -27.01 -11.59
C SER A 128 -20.05 -27.28 -10.95
N PHE A 129 -20.35 -26.42 -9.99
CA PHE A 129 -21.62 -26.45 -9.27
C PHE A 129 -22.80 -26.30 -10.25
N MET A 130 -22.69 -25.37 -11.18
CA MET A 130 -23.84 -25.04 -12.02
C MET A 130 -24.33 -26.24 -12.84
N GLU A 131 -23.39 -27.11 -13.19
CA GLU A 131 -23.70 -28.30 -13.96
C GLU A 131 -24.24 -29.43 -13.09
N ALA A 132 -23.69 -29.53 -11.88
CA ALA A 132 -24.16 -30.53 -10.92
C ALA A 132 -25.65 -30.31 -10.51
N TYR A 133 -25.96 -29.09 -10.12
CA TYR A 133 -27.30 -28.74 -9.70
C TYR A 133 -28.22 -28.09 -10.73
N SER A 134 -27.86 -28.17 -12.01
CA SER A 134 -28.69 -27.54 -13.06
C SER A 134 -30.16 -28.04 -13.10
N SER A 135 -30.40 -29.24 -12.60
CA SER A 135 -31.73 -29.84 -12.63
C SER A 135 -32.71 -29.17 -11.66
N ASN A 136 -32.23 -28.88 -10.44
CA ASN A 136 -33.02 -28.18 -9.42
C ASN A 136 -33.29 -26.71 -9.69
N CYS A 137 -32.19 -25.99 -9.85
CA CYS A 137 -32.18 -24.58 -9.63
C CYS A 137 -31.21 -23.90 -10.57
N SER A 138 -31.50 -22.65 -10.89
CA SER A 138 -30.69 -21.87 -11.78
C SER A 138 -30.17 -20.64 -11.06
N ILE A 139 -29.14 -20.01 -11.65
CA ILE A 139 -28.49 -18.84 -11.09
C ILE A 139 -28.69 -17.60 -11.96
N ILE A 140 -29.05 -16.48 -11.34
CA ILE A 140 -29.11 -15.19 -12.04
C ILE A 140 -28.07 -14.24 -11.45
N ILE A 141 -27.06 -13.95 -12.24
CA ILE A 141 -26.00 -13.05 -11.81
C ILE A 141 -26.27 -11.65 -12.29
N THR A 142 -25.94 -10.69 -11.46
CA THR A 142 -26.12 -9.29 -11.84
C THR A 142 -24.76 -8.64 -11.78
N ALA A 143 -24.38 -7.90 -12.81
CA ALA A 143 -23.05 -7.31 -12.79
C ALA A 143 -23.06 -5.96 -13.46
N ASN A 144 -22.20 -5.05 -12.97
CA ASN A 144 -21.95 -3.79 -13.66
C ASN A 144 -20.90 -3.92 -14.75
N ASN A 145 -19.84 -4.65 -14.45
CA ASN A 145 -18.77 -4.84 -15.43
C ASN A 145 -18.57 -6.32 -15.75
N ILE A 146 -18.80 -6.74 -16.99
CA ILE A 146 -18.71 -8.18 -17.30
C ILE A 146 -17.36 -8.80 -17.03
N ASP A 147 -16.31 -8.09 -17.34
CA ASP A 147 -14.98 -8.71 -17.32
C ASP A 147 -14.67 -9.21 -15.93
N GLY A 148 -15.52 -8.84 -14.98
CA GLY A 148 -15.40 -9.34 -13.62
C GLY A 148 -16.12 -10.67 -13.42
N ILE A 149 -16.74 -11.17 -14.48
CA ILE A 149 -17.37 -12.48 -14.50
C ILE A 149 -16.47 -13.37 -15.37
N ILE A 150 -15.92 -14.43 -14.79
CA ILE A 150 -15.00 -15.31 -15.53
C ILE A 150 -15.66 -15.86 -16.81
N LYS A 151 -14.85 -16.07 -17.85
CA LYS A 151 -15.41 -16.53 -19.12
C LYS A 151 -16.28 -17.82 -19.05
N PRO A 152 -15.84 -18.83 -18.28
CA PRO A 152 -16.64 -20.07 -18.29
C PRO A 152 -18.03 -19.86 -17.67
N LEU A 153 -18.22 -18.81 -16.87
CA LEU A 153 -19.57 -18.50 -16.37
C LEU A 153 -20.43 -17.82 -17.42
N GLN A 154 -19.81 -17.04 -18.32
CA GLN A 154 -20.55 -16.45 -19.43
C GLN A 154 -20.91 -17.51 -20.49
N SER A 155 -20.06 -18.54 -20.62
CA SER A 155 -20.36 -19.66 -21.47
C SER A 155 -21.64 -20.33 -20.99
N ARG A 156 -21.79 -20.47 -19.68
CA ARG A 156 -22.90 -21.25 -19.11
C ARG A 156 -24.18 -20.48 -19.06
N CYS A 157 -24.13 -19.21 -19.44
CA CYS A 157 -25.29 -18.35 -19.30
C CYS A 157 -25.76 -17.71 -20.59
N ARG A 158 -26.97 -17.18 -20.50
CA ARG A 158 -27.51 -16.24 -21.46
C ARG A 158 -27.12 -14.91 -20.90
N VAL A 159 -26.25 -14.21 -21.61
CA VAL A 159 -25.79 -12.93 -21.17
C VAL A 159 -26.71 -11.88 -21.79
N ILE A 160 -27.50 -11.20 -20.98
CA ILE A 160 -28.36 -10.13 -21.48
C ILE A 160 -27.80 -8.75 -21.13
N THR A 161 -27.67 -7.88 -22.12
CA THR A 161 -26.94 -6.65 -21.90
C THR A 161 -27.78 -5.38 -21.98
N PHE A 162 -27.72 -4.60 -20.89
CA PHE A 162 -28.69 -3.54 -20.62
C PHE A 162 -28.33 -2.14 -21.11
N GLY A 163 -29.32 -1.24 -20.99
CA GLY A 163 -29.12 0.20 -21.12
C GLY A 163 -28.30 0.57 -22.33
N GLN A 164 -28.45 -0.19 -23.35
CA GLN A 164 -27.78 0.12 -24.56
C GLN A 164 -28.86 -0.16 -25.57
N PRO A 165 -29.87 0.71 -25.60
CA PRO A 165 -31.03 0.50 -26.46
C PRO A 165 -30.72 0.96 -27.86
N THR A 166 -31.61 0.65 -28.78
CA THR A 166 -31.59 1.17 -30.14
C THR A 166 -32.07 2.61 -30.09
N ASP A 167 -31.83 3.37 -31.16
CA ASP A 167 -32.39 4.72 -31.28
C ASP A 167 -33.90 4.78 -31.08
N GLU A 168 -34.65 3.75 -31.51
CA GLU A 168 -36.11 3.71 -31.33
C GLU A 168 -36.50 3.37 -29.90
N ASP A 169 -35.86 2.35 -29.35
CA ASP A 169 -36.06 1.98 -27.96
C ASP A 169 -35.89 3.22 -27.08
N LYS A 170 -34.80 3.95 -27.29
CA LYS A 170 -34.53 5.13 -26.49
C LYS A 170 -35.74 6.06 -26.57
N ILE A 171 -36.31 6.21 -27.75
CA ILE A 171 -37.43 7.14 -27.91
C ILE A 171 -38.70 6.62 -27.24
N GLU A 172 -38.92 5.32 -27.30
CA GLU A 172 -40.06 4.71 -26.63
C GLU A 172 -39.81 4.67 -25.13
N MET A 173 -38.66 4.14 -24.72
CA MET A 173 -38.34 4.04 -23.31
C MET A 173 -38.52 5.36 -22.61
N MET A 174 -38.11 6.43 -23.27
CA MET A 174 -38.26 7.75 -22.68
C MET A 174 -39.74 8.11 -22.51
N LYS A 175 -40.57 7.83 -23.51
CA LYS A 175 -42.00 8.10 -23.39
C LYS A 175 -42.55 7.32 -22.21
N GLN A 176 -42.21 6.04 -22.14
CA GLN A 176 -42.66 5.16 -21.06
C GLN A 176 -42.23 5.70 -19.70
N MET A 177 -41.01 6.21 -19.61
CA MET A 177 -40.50 6.73 -18.35
C MET A 177 -41.21 8.03 -17.97
N ILE A 178 -41.57 8.83 -18.97
CA ILE A 178 -42.30 10.05 -18.70
C ILE A 178 -43.69 9.70 -18.17
N ARG A 179 -44.38 8.79 -18.85
CA ARG A 179 -45.68 8.34 -18.37
C ARG A 179 -45.56 7.89 -16.90
N ARG A 180 -44.53 7.10 -16.61
CA ARG A 180 -44.34 6.58 -15.26
C ARG A 180 -44.10 7.66 -14.23
N LEU A 181 -43.24 8.60 -14.54
CA LEU A 181 -42.98 9.68 -13.62
C LEU A 181 -44.25 10.46 -13.34
N THR A 182 -45.01 10.71 -14.39
CA THR A 182 -46.29 11.39 -14.25
C THR A 182 -47.13 10.66 -13.22
N GLU A 183 -47.22 9.34 -13.36
CA GLU A 183 -48.06 8.50 -12.48
C GLU A 183 -47.54 8.55 -11.05
N ILE A 184 -46.22 8.53 -10.89
CA ILE A 184 -45.60 8.66 -9.57
C ILE A 184 -45.96 10.00 -8.94
N CYS A 185 -46.10 11.02 -9.77
CA CYS A 185 -46.47 12.33 -9.24
C CYS A 185 -47.90 12.39 -8.75
N LYS A 186 -48.82 11.78 -9.48
CA LYS A 186 -50.19 11.76 -9.04
C LYS A 186 -50.21 11.17 -7.63
N HIS A 187 -49.64 9.98 -7.48
CA HIS A 187 -49.61 9.25 -6.20
C HIS A 187 -48.98 10.03 -5.06
N GLU A 188 -47.93 10.78 -5.37
CA GLU A 188 -47.09 11.41 -4.33
C GLU A 188 -47.58 12.77 -3.90
N GLY A 189 -48.52 13.35 -4.64
CA GLY A 189 -49.01 14.67 -4.35
C GLY A 189 -48.14 15.78 -4.94
N ILE A 190 -47.39 15.43 -5.98
CA ILE A 190 -46.52 16.39 -6.66
C ILE A 190 -47.26 17.00 -7.86
N ALA A 191 -47.42 18.32 -7.83
CA ALA A 191 -48.11 19.04 -8.88
C ALA A 191 -47.25 19.30 -10.12
N ILE A 192 -47.73 18.93 -11.28
CA ILE A 192 -46.95 19.20 -12.48
C ILE A 192 -47.50 20.41 -13.21
N ALA A 193 -46.78 21.52 -13.13
CA ALA A 193 -47.17 22.76 -13.81
C ALA A 193 -46.74 22.79 -15.27
N ASP A 194 -45.51 22.31 -15.53
CA ASP A 194 -44.96 22.26 -16.88
C ASP A 194 -44.47 20.86 -17.21
N MET A 195 -45.11 20.22 -18.17
CA MET A 195 -44.72 18.85 -18.51
C MET A 195 -43.29 18.84 -19.06
N LYS A 196 -42.85 19.97 -19.61
CA LYS A 196 -41.53 20.07 -20.20
C LYS A 196 -40.43 19.69 -19.21
N VAL A 197 -40.64 20.00 -17.92
CA VAL A 197 -39.64 19.66 -16.90
C VAL A 197 -39.53 18.16 -16.63
N VAL A 198 -40.63 17.44 -16.78
CA VAL A 198 -40.58 15.98 -16.64
C VAL A 198 -39.82 15.31 -17.81
N ALA A 199 -40.05 15.80 -19.02
CA ALA A 199 -39.35 15.30 -20.19
C ALA A 199 -37.89 15.65 -20.07
N ALA A 200 -37.60 16.72 -19.32
CA ALA A 200 -36.21 17.15 -19.16
C ALA A 200 -35.45 16.27 -18.18
N LEU A 201 -36.08 15.95 -17.04
CA LEU A 201 -35.45 15.04 -16.08
C LEU A 201 -35.10 13.70 -16.69
N VAL A 202 -36.02 13.12 -17.45
CA VAL A 202 -35.78 11.86 -18.14
C VAL A 202 -34.56 11.93 -19.08
N LYS A 203 -34.60 12.89 -20.01
CA LYS A 203 -33.55 13.09 -21.00
C LYS A 203 -32.22 13.32 -20.32
N LYS A 204 -32.18 14.19 -19.31
CA LYS A 204 -30.94 14.54 -18.65
C LYS A 204 -30.15 13.31 -18.25
N ASN A 205 -30.67 12.52 -17.33
CA ASN A 205 -30.04 11.26 -16.89
C ASN A 205 -30.38 9.97 -17.58
N PHE A 206 -30.45 9.90 -18.91
CA PHE A 206 -31.15 8.79 -19.56
C PHE A 206 -30.91 7.34 -19.18
N PRO A 207 -29.69 6.84 -19.31
CA PRO A 207 -29.63 5.40 -19.07
C PRO A 207 -30.11 5.05 -17.65
N ASP A 208 -29.83 5.93 -16.69
CA ASP A 208 -29.97 5.60 -15.28
C ASP A 208 -31.36 5.98 -14.78
N PHE A 209 -32.21 5.00 -14.57
CA PHE A 209 -33.56 5.31 -14.17
C PHE A 209 -33.61 5.57 -12.67
N ARG A 210 -32.65 5.06 -11.92
CA ARG A 210 -32.62 5.35 -10.48
C ARG A 210 -32.38 6.82 -10.22
N LYS A 211 -31.33 7.39 -10.80
CA LYS A 211 -31.05 8.80 -10.55
C LYS A 211 -32.20 9.65 -11.08
N THR A 212 -32.81 9.23 -12.19
CA THR A 212 -33.90 10.01 -12.75
C THR A 212 -35.09 10.16 -11.79
N ILE A 213 -35.38 9.11 -11.02
CA ILE A 213 -36.38 9.24 -9.96
C ILE A 213 -35.81 9.95 -8.73
N GLY A 214 -34.60 9.62 -8.33
CA GLY A 214 -33.96 10.31 -7.22
C GLY A 214 -33.95 11.81 -7.40
N GLU A 215 -33.83 12.28 -8.64
CA GLU A 215 -33.87 13.70 -8.96
C GLU A 215 -35.21 14.30 -8.59
N LEU A 216 -36.27 13.63 -9.03
CA LEU A 216 -37.63 14.07 -8.78
C LEU A 216 -37.92 14.40 -7.31
N ASP A 217 -37.35 13.61 -6.41
CA ASP A 217 -37.43 13.86 -4.97
C ASP A 217 -36.82 15.24 -4.61
N SER A 218 -35.66 15.55 -5.17
CA SER A 218 -34.93 16.75 -4.76
C SER A 218 -35.43 18.06 -5.37
N TYR A 219 -36.11 17.95 -6.52
CA TYR A 219 -36.74 19.10 -7.17
C TYR A 219 -38.21 19.27 -6.76
N SER A 220 -38.69 18.37 -5.90
CA SER A 220 -40.05 18.43 -5.37
C SER A 220 -40.13 19.14 -4.01
N SER A 221 -39.03 19.75 -3.56
CA SER A 221 -39.00 20.37 -2.24
C SER A 221 -40.28 21.16 -2.04
N LYS A 222 -40.65 21.88 -3.10
CA LYS A 222 -41.84 22.74 -3.11
C LYS A 222 -43.11 22.11 -3.67
N GLY A 223 -43.19 20.81 -3.77
CA GLY A 223 -44.42 20.13 -4.13
C GLY A 223 -44.96 20.44 -5.52
N VAL A 224 -44.29 21.32 -6.26
CA VAL A 224 -44.69 21.66 -7.62
C VAL A 224 -43.52 21.68 -8.56
N LEU A 225 -43.76 21.30 -9.81
CA LEU A 225 -42.77 21.45 -10.87
C LEU A 225 -43.25 22.48 -11.88
N ASP A 226 -42.68 23.67 -11.84
CA ASP A 226 -43.13 24.77 -12.69
C ASP A 226 -42.00 25.23 -13.59
N ALA A 227 -42.27 26.26 -14.37
CA ALA A 227 -41.25 26.77 -15.28
C ALA A 227 -39.96 27.18 -14.55
N GLY A 228 -40.09 27.51 -13.27
CA GLY A 228 -38.96 27.91 -12.46
C GLY A 228 -38.03 26.77 -12.08
N ILE A 229 -38.60 25.59 -11.94
CA ILE A 229 -37.80 24.39 -11.69
C ILE A 229 -37.11 23.98 -12.99
N LEU A 230 -37.77 24.22 -14.12
CA LEU A 230 -37.23 23.91 -15.42
C LEU A 230 -35.91 24.61 -15.68
N SER A 231 -35.76 25.80 -15.13
CA SER A 231 -34.51 26.56 -15.26
C SER A 231 -33.36 25.87 -14.56
N LEU A 232 -33.66 25.25 -13.41
CA LEU A 232 -32.66 24.54 -12.63
C LEU A 232 -32.36 23.14 -13.16
N VAL A 233 -33.30 22.58 -13.92
CA VAL A 233 -33.12 21.25 -14.48
C VAL A 233 -32.32 21.28 -15.77
N THR A 234 -32.61 22.26 -16.63
CA THR A 234 -31.86 22.47 -17.88
C THR A 234 -30.61 23.32 -17.61
N ASN A 235 -30.53 23.97 -16.45
CA ASN A 235 -29.48 25.00 -16.18
C ASN A 235 -28.13 24.41 -15.74
N ASP A 236 -27.00 25.14 -15.82
CA ASP A 236 -25.79 24.44 -15.26
C ASP A 236 -25.15 25.05 -14.02
N ARG A 237 -25.18 24.34 -12.89
CA ARG A 237 -25.02 25.04 -11.61
C ARG A 237 -23.61 25.60 -11.42
N GLY A 238 -22.55 24.82 -11.63
CA GLY A 238 -21.29 25.49 -11.74
C GLY A 238 -20.93 26.08 -13.10
N ALA A 239 -20.69 25.14 -14.02
CA ALA A 239 -20.42 25.47 -15.40
C ALA A 239 -18.99 25.93 -15.61
N ILE A 240 -18.73 26.27 -16.86
CA ILE A 240 -17.53 26.96 -17.33
C ILE A 240 -17.83 28.20 -18.14
N ASP A 241 -19.11 28.44 -18.42
CA ASP A 241 -19.54 29.37 -19.49
C ASP A 241 -18.77 30.71 -19.62
N ASP A 242 -18.54 31.40 -18.52
CA ASP A 242 -17.84 32.69 -18.61
C ASP A 242 -16.44 32.63 -19.27
N VAL A 243 -15.73 31.52 -19.06
CA VAL A 243 -14.43 31.30 -19.69
C VAL A 243 -14.60 30.90 -21.15
N LEU A 244 -15.45 29.91 -21.40
CA LEU A 244 -15.66 29.44 -22.77
C LEU A 244 -16.04 30.60 -23.69
N GLU A 245 -16.83 31.52 -23.15
CA GLU A 245 -17.31 32.64 -23.94
C GLU A 245 -16.19 33.65 -24.15
N SER A 246 -15.51 34.00 -23.08
CA SER A 246 -14.38 34.92 -23.16
C SER A 246 -13.27 34.38 -24.08
N LEU A 247 -13.12 33.07 -24.11
CA LEU A 247 -12.19 32.48 -25.07
C LEU A 247 -12.64 32.74 -26.51
N LYS A 248 -13.88 32.39 -26.87
CA LYS A 248 -14.37 32.59 -28.23
C LYS A 248 -14.14 34.02 -28.66
N ASN A 249 -14.53 34.96 -27.80
CA ASN A 249 -14.44 36.38 -28.10
C ASN A 249 -13.00 36.86 -28.19
N LYS A 250 -12.06 35.99 -27.82
CA LYS A 250 -10.62 36.31 -27.85
C LYS A 250 -10.30 37.57 -27.08
N ASP A 251 -11.10 37.90 -26.06
CA ASP A 251 -10.73 39.05 -25.28
C ASP A 251 -9.88 38.62 -24.08
N VAL A 252 -9.28 39.58 -23.41
CA VAL A 252 -8.13 39.29 -22.56
C VAL A 252 -8.35 39.81 -21.17
N LYS A 253 -8.62 41.11 -21.06
CA LYS A 253 -8.91 41.68 -19.75
C LYS A 253 -9.83 40.75 -19.01
N GLN A 254 -10.85 40.24 -19.71
CA GLN A 254 -11.76 39.27 -19.12
C GLN A 254 -11.08 37.94 -18.75
N LEU A 255 -10.42 37.29 -19.69
CA LEU A 255 -9.56 36.16 -19.36
C LEU A 255 -8.57 36.45 -18.22
N ARG A 256 -7.90 37.60 -18.28
CA ARG A 256 -6.96 38.02 -17.22
C ARG A 256 -7.63 38.03 -15.86
N ALA A 257 -8.92 38.37 -15.85
CA ALA A 257 -9.69 38.47 -14.62
C ALA A 257 -10.23 37.16 -14.08
N LEU A 258 -10.59 36.26 -14.98
CA LEU A 258 -11.13 34.95 -14.59
C LEU A 258 -10.04 34.02 -14.04
N ALA A 259 -8.79 34.27 -14.39
CA ALA A 259 -7.70 33.41 -13.99
C ALA A 259 -7.73 33.08 -12.49
N PRO A 260 -7.68 34.11 -11.63
CA PRO A 260 -7.65 33.91 -10.18
C PRO A 260 -8.88 33.14 -9.65
N LYS A 261 -9.99 33.29 -10.35
CA LYS A 261 -11.19 32.59 -9.95
C LYS A 261 -10.96 31.09 -9.91
N TYR A 262 -10.54 30.52 -11.02
CA TYR A 262 -10.42 29.06 -11.09
C TYR A 262 -9.03 28.52 -10.70
N ALA A 263 -8.11 29.39 -10.33
CA ALA A 263 -6.79 28.92 -9.94
C ALA A 263 -7.01 28.13 -8.68
N ALA A 264 -8.12 28.44 -7.99
CA ALA A 264 -8.48 27.85 -6.69
C ALA A 264 -8.27 26.33 -6.69
N ASP A 265 -9.08 25.59 -7.42
CA ASP A 265 -8.72 24.21 -7.63
C ASP A 265 -8.48 23.94 -9.11
N TYR A 266 -7.20 23.76 -9.44
CA TYR A 266 -6.77 23.73 -10.82
C TYR A 266 -7.07 22.39 -11.47
N SER A 267 -6.70 21.30 -10.80
CA SER A 267 -6.79 20.00 -11.45
C SER A 267 -8.21 19.72 -11.92
N TRP A 268 -9.20 20.22 -11.19
CA TRP A 268 -10.57 20.00 -11.61
C TRP A 268 -10.88 20.88 -12.80
N PHE A 269 -10.52 22.15 -12.71
CA PHE A 269 -10.89 23.11 -13.74
C PHE A 269 -10.33 22.70 -15.08
N VAL A 270 -9.02 22.50 -15.13
CA VAL A 270 -8.35 22.02 -16.33
C VAL A 270 -9.10 20.82 -16.95
N GLY A 271 -9.57 19.91 -16.11
CA GLY A 271 -10.37 18.79 -16.57
C GLY A 271 -11.63 19.20 -17.28
N LYS A 272 -12.39 20.09 -16.67
CA LYS A 272 -13.64 20.51 -17.29
C LYS A 272 -13.37 21.17 -18.62
N LEU A 273 -12.34 21.98 -18.64
CA LEU A 273 -12.03 22.76 -19.82
C LEU A 273 -11.75 21.83 -21.02
N ALA A 274 -10.97 20.78 -20.79
CA ALA A 274 -10.76 19.79 -21.82
C ALA A 274 -12.12 19.24 -22.27
N GLU A 275 -12.87 18.66 -21.33
CA GLU A 275 -14.17 18.06 -21.61
C GLU A 275 -15.07 19.03 -22.37
N GLU A 276 -15.16 20.27 -21.90
CA GLU A 276 -16.11 21.21 -22.50
C GLU A 276 -15.68 21.81 -23.85
N ILE A 277 -14.39 22.08 -24.02
CA ILE A 277 -13.91 22.65 -25.30
C ILE A 277 -13.94 21.64 -26.45
N TYR A 278 -13.70 20.38 -26.11
CA TYR A 278 -13.68 19.31 -27.08
C TYR A 278 -14.88 19.45 -28.02
N SER A 279 -16.08 19.60 -27.45
CA SER A 279 -17.32 19.71 -28.23
C SER A 279 -17.44 21.00 -29.03
N ARG A 280 -16.85 22.09 -28.52
CA ARG A 280 -17.12 23.42 -29.05
C ARG A 280 -16.14 23.91 -30.11
N VAL A 281 -15.15 23.09 -30.46
CA VAL A 281 -14.09 23.56 -31.37
C VAL A 281 -13.83 22.58 -32.52
N THR A 282 -13.26 23.08 -33.61
CA THR A 282 -13.00 22.25 -34.79
C THR A 282 -11.98 21.14 -34.56
N PRO A 283 -12.08 20.06 -35.38
CA PRO A 283 -11.31 18.81 -35.33
C PRO A 283 -9.79 18.91 -35.13
N GLN A 284 -9.10 19.80 -35.82
CA GLN A 284 -7.66 19.87 -35.60
C GLN A 284 -7.35 20.93 -34.56
N SER A 285 -8.40 21.60 -34.10
CA SER A 285 -8.27 22.42 -32.91
C SER A 285 -8.31 21.50 -31.70
N ILE A 286 -8.92 20.33 -31.83
CA ILE A 286 -8.96 19.40 -30.72
C ILE A 286 -7.54 18.94 -30.45
N ILE A 287 -6.88 18.46 -31.47
CA ILE A 287 -5.52 17.97 -31.32
C ILE A 287 -4.57 19.03 -30.75
N ARG A 288 -4.79 20.29 -31.13
CA ARG A 288 -4.01 21.40 -30.58
C ARG A 288 -4.36 21.70 -29.13
N MET A 289 -5.62 21.53 -28.78
CA MET A 289 -6.08 21.90 -27.44
C MET A 289 -5.58 20.94 -26.38
N TYR A 290 -5.32 19.70 -26.79
CA TYR A 290 -4.80 18.73 -25.85
C TYR A 290 -3.31 18.98 -25.67
N GLU A 291 -2.62 19.25 -26.76
CA GLU A 291 -1.23 19.61 -26.63
C GLU A 291 -1.09 20.85 -25.74
N ILE A 292 -1.96 21.86 -25.89
CA ILE A 292 -1.83 23.08 -25.09
C ILE A 292 -2.20 22.85 -23.63
N VAL A 293 -3.35 22.20 -23.39
CA VAL A 293 -3.84 21.97 -22.02
C VAL A 293 -2.98 20.93 -21.35
N GLY A 294 -2.63 19.90 -22.09
CA GLY A 294 -1.83 18.83 -21.53
C GLY A 294 -0.49 19.34 -21.03
N GLU A 295 0.17 20.16 -21.85
CA GLU A 295 1.46 20.71 -21.46
C GLU A 295 1.31 21.61 -20.23
N ASN A 296 0.25 22.41 -20.21
CA ASN A 296 0.08 23.34 -19.11
C ASN A 296 -0.15 22.62 -17.79
N ASN A 297 -0.98 21.58 -17.86
CA ASN A 297 -1.29 20.74 -16.70
C ASN A 297 -0.03 20.07 -16.18
N GLN A 298 0.81 19.67 -17.12
CA GLN A 298 2.01 18.91 -16.83
C GLN A 298 3.01 19.69 -15.99
N TYR A 299 3.15 20.98 -16.25
CA TYR A 299 4.15 21.73 -15.53
C TYR A 299 3.57 22.39 -14.31
N HIS A 300 2.25 22.35 -14.19
CA HIS A 300 1.66 22.93 -12.99
C HIS A 300 2.23 22.25 -11.76
N GLY A 301 2.78 23.03 -10.84
CA GLY A 301 3.35 22.43 -9.66
C GLY A 301 4.85 22.51 -9.71
N ILE A 302 5.37 22.74 -10.91
CA ILE A 302 6.63 23.46 -11.05
C ILE A 302 6.39 24.97 -11.08
N ALA A 303 5.41 25.37 -11.87
CA ALA A 303 5.14 26.79 -12.03
C ALA A 303 4.80 27.45 -10.69
N ALA A 304 5.48 28.55 -10.41
CA ALA A 304 5.44 29.12 -9.07
C ALA A 304 4.18 29.94 -8.74
N ASN A 305 3.79 30.81 -9.68
CA ASN A 305 2.55 31.54 -9.54
C ASN A 305 1.44 30.82 -10.34
N THR A 306 0.47 30.21 -9.65
CA THR A 306 -0.47 29.32 -10.31
C THR A 306 -1.54 30.10 -11.02
N GLU A 307 -1.85 31.29 -10.50
CA GLU A 307 -2.81 32.17 -11.14
C GLU A 307 -2.28 32.67 -12.49
N LEU A 308 -1.00 32.98 -12.52
CA LEU A 308 -0.38 33.37 -13.77
C LEU A 308 -0.37 32.24 -14.80
N HIS A 309 -0.06 31.04 -14.32
CA HIS A 309 -0.01 29.84 -15.14
C HIS A 309 -1.35 29.56 -15.79
N LEU A 310 -2.42 29.98 -15.14
CA LEU A 310 -3.76 29.82 -15.68
C LEU A 310 -4.00 30.90 -16.72
N ALA A 311 -3.57 32.12 -16.44
CA ALA A 311 -3.65 33.16 -17.46
C ALA A 311 -2.89 32.73 -18.73
N TYR A 312 -1.72 32.12 -18.54
CA TYR A 312 -0.92 31.74 -19.67
C TYR A 312 -1.67 30.73 -20.52
N LEU A 313 -2.41 29.84 -19.88
CA LEU A 313 -3.18 28.85 -20.59
C LEU A 313 -4.26 29.50 -21.42
N PHE A 314 -4.92 30.49 -20.86
CA PHE A 314 -5.99 31.19 -21.56
C PHE A 314 -5.48 31.91 -22.82
N ILE A 315 -4.42 32.71 -22.67
CA ILE A 315 -3.89 33.43 -23.79
C ILE A 315 -3.58 32.42 -24.90
N GLN A 316 -3.00 31.28 -24.52
CA GLN A 316 -2.63 30.26 -25.49
C GLN A 316 -3.81 29.73 -26.30
N LEU A 317 -4.87 29.33 -25.59
CA LEU A 317 -6.08 28.83 -26.24
C LEU A 317 -6.85 29.89 -27.04
N ALA A 318 -6.90 31.11 -26.54
CA ALA A 318 -7.59 32.19 -27.24
C ALA A 318 -7.17 32.28 -28.69
N CYS A 319 -5.84 32.31 -28.89
CA CYS A 319 -5.22 32.51 -30.21
C CYS A 319 -5.34 31.31 -31.11
N GLU A 320 -5.08 30.13 -30.56
CA GLU A 320 -4.96 28.94 -31.38
C GLU A 320 -6.26 28.17 -31.61
N MET A 321 -7.30 28.51 -30.86
CA MET A 321 -8.56 27.82 -31.01
C MET A 321 -9.36 28.43 -32.14
N GLN A 322 -9.58 27.61 -33.16
CA GLN A 322 -10.45 27.93 -34.29
C GLN A 322 -11.79 27.32 -33.88
N TRP A 323 -12.80 28.14 -33.60
CA TRP A 323 -14.06 27.59 -33.07
C TRP A 323 -15.06 27.15 -34.15
N LYS A 324 -15.53 25.91 -34.09
CA LYS A 324 -16.67 25.57 -34.93
C LYS A 324 -17.82 26.43 -34.46
N SER B 5 -25.32 33.87 21.93
CA SER B 5 -24.85 34.19 20.58
C SER B 5 -25.51 33.35 19.45
N MET B 6 -25.08 33.62 18.22
CA MET B 6 -25.51 32.88 17.04
C MET B 6 -24.55 31.73 16.68
N ILE B 7 -23.58 31.45 17.55
CA ILE B 7 -22.43 30.64 17.18
C ILE B 7 -22.09 29.51 18.15
N THR B 8 -21.95 28.29 17.63
CA THR B 8 -21.55 27.16 18.47
C THR B 8 -20.06 27.22 18.74
N VAL B 9 -19.66 27.06 19.99
CA VAL B 9 -18.23 26.89 20.30
C VAL B 9 -17.98 25.60 21.08
N ASN B 10 -17.01 24.80 20.63
CA ASN B 10 -16.81 23.48 21.22
C ASN B 10 -16.01 23.42 22.52
N GLU B 11 -15.11 24.37 22.70
CA GLU B 11 -14.50 24.58 24.02
C GLU B 11 -13.65 23.43 24.55
N LYS B 12 -13.66 22.31 23.84
CA LYS B 12 -12.78 21.22 24.21
C LYS B 12 -11.56 21.33 23.29
N GLU B 13 -11.64 22.26 22.34
CA GLU B 13 -10.56 22.46 21.38
C GLU B 13 -9.96 23.86 21.42
N HIS B 14 -8.62 23.91 21.37
CA HIS B 14 -7.89 25.17 21.23
C HIS B 14 -7.65 25.53 19.78
N ILE B 15 -7.81 24.56 18.90
CA ILE B 15 -7.27 24.68 17.55
C ILE B 15 -8.08 25.63 16.64
N LEU B 16 -9.25 26.01 17.10
CA LEU B 16 -9.89 27.24 16.67
C LEU B 16 -10.47 27.36 15.28
N GLU B 17 -10.25 26.38 14.40
CA GLU B 17 -11.05 26.31 13.18
C GLU B 17 -11.99 25.16 13.47
N GLN B 18 -11.63 24.44 14.53
CA GLN B 18 -12.47 23.40 15.06
C GLN B 18 -13.23 23.80 16.33
N LYS B 19 -12.93 24.97 16.86
CA LYS B 19 -13.65 25.47 18.00
C LYS B 19 -15.01 25.96 17.48
N TYR B 20 -14.96 26.63 16.34
CA TYR B 20 -16.11 27.29 15.75
C TYR B 20 -16.93 26.50 14.71
N ARG B 21 -16.66 25.22 14.61
CA ARG B 21 -17.46 24.31 13.79
C ARG B 21 -18.96 24.37 14.08
N PRO B 22 -19.73 24.78 13.07
CA PRO B 22 -21.19 24.96 13.08
C PRO B 22 -21.93 23.70 13.48
N SER B 23 -22.86 23.89 14.41
CA SER B 23 -23.64 22.83 15.04
C SER B 23 -24.83 22.39 14.20
N THR B 24 -25.48 23.38 13.58
CA THR B 24 -26.70 23.16 12.82
C THR B 24 -26.63 23.69 11.38
N ILE B 25 -27.52 23.19 10.53
CA ILE B 25 -27.56 23.57 9.12
C ILE B 25 -27.66 25.09 8.84
N ASP B 26 -28.20 25.85 9.79
CA ASP B 26 -28.34 27.30 9.59
C ASP B 26 -27.05 28.04 9.89
N GLU B 27 -26.33 27.59 10.92
CA GLU B 27 -25.09 28.23 11.31
C GLU B 27 -24.07 28.13 10.16
N CYS B 28 -24.29 27.16 9.27
CA CYS B 28 -23.44 26.90 8.11
C CYS B 28 -23.54 27.97 7.03
N ILE B 29 -22.40 28.45 6.54
CA ILE B 29 -22.41 29.39 5.44
C ILE B 29 -22.35 28.65 4.09
N LEU B 30 -23.43 28.75 3.32
CA LEU B 30 -23.58 27.96 2.09
C LEU B 30 -24.23 28.77 0.97
N PRO B 31 -24.09 28.29 -0.29
CA PRO B 31 -24.87 28.81 -1.42
C PRO B 31 -26.34 28.77 -1.12
N ALA B 32 -27.10 29.73 -1.61
CA ALA B 32 -28.52 29.80 -1.34
C ALA B 32 -29.23 28.49 -1.64
N PHE B 33 -29.22 28.07 -2.90
CA PHE B 33 -29.95 26.87 -3.29
C PHE B 33 -29.53 25.67 -2.45
N ASP B 34 -28.26 25.59 -2.09
CA ASP B 34 -27.76 24.48 -1.29
C ASP B 34 -28.35 24.49 0.13
N LYS B 35 -28.35 25.64 0.80
CA LYS B 35 -28.90 25.71 2.15
C LYS B 35 -30.36 25.32 2.08
N GLU B 36 -31.06 25.87 1.10
CA GLU B 36 -32.48 25.61 0.92
C GLU B 36 -32.79 24.12 0.68
N THR B 37 -31.98 23.46 -0.14
CA THR B 37 -32.14 22.03 -0.35
C THR B 37 -31.85 21.23 0.93
N PHE B 38 -30.97 21.72 1.80
CA PHE B 38 -30.75 21.07 3.10
C PHE B 38 -31.88 21.31 4.12
N LYS B 39 -32.44 22.52 4.15
CA LYS B 39 -33.62 22.80 4.96
C LYS B 39 -34.71 21.88 4.50
N SER B 40 -34.97 21.87 3.19
CA SER B 40 -35.99 20.98 2.62
C SER B 40 -35.85 19.57 3.17
N ILE B 41 -34.62 19.06 3.15
CA ILE B 41 -34.35 17.71 3.64
C ILE B 41 -34.66 17.54 5.13
N THR B 42 -34.13 18.42 5.98
CA THR B 42 -34.37 18.30 7.42
C THR B 42 -35.85 18.40 7.74
N SER B 43 -36.59 19.14 6.91
CA SER B 43 -38.05 19.25 7.00
C SER B 43 -38.80 17.91 6.88
N LYS B 44 -38.57 17.19 5.79
CA LYS B 44 -39.25 15.92 5.55
C LYS B 44 -38.94 14.90 6.63
N GLY B 45 -37.95 15.21 7.47
CA GLY B 45 -37.70 14.46 8.68
C GLY B 45 -36.92 13.17 8.47
N LYS B 46 -36.88 12.70 7.23
CA LYS B 46 -36.09 11.53 6.90
C LYS B 46 -34.95 11.94 5.95
N ILE B 47 -33.82 11.26 6.06
CA ILE B 47 -32.62 11.57 5.28
C ILE B 47 -32.29 10.50 4.23
N PRO B 48 -32.26 10.86 2.93
CA PRO B 48 -31.90 9.92 1.86
C PRO B 48 -30.39 9.60 1.83
N HIS B 49 -29.95 8.75 0.91
CA HIS B 49 -28.53 8.52 0.76
C HIS B 49 -27.90 9.77 0.11
N ILE B 50 -26.86 10.33 0.70
CA ILE B 50 -26.29 11.55 0.14
C ILE B 50 -24.79 11.48 -0.05
N ILE B 51 -24.28 12.13 -1.09
CA ILE B 51 -22.85 12.41 -1.23
C ILE B 51 -22.60 13.92 -1.23
N LEU B 52 -21.73 14.38 -0.34
CA LEU B 52 -21.23 15.76 -0.37
C LEU B 52 -19.75 15.79 -0.85
N HIS B 53 -19.44 16.53 -1.91
CA HIS B 53 -18.05 16.62 -2.40
C HIS B 53 -17.67 18.02 -2.87
N SER B 54 -16.46 18.47 -2.51
CA SER B 54 -15.95 19.81 -2.89
C SER B 54 -15.45 20.14 -4.33
N PRO B 55 -14.28 19.60 -4.80
CA PRO B 55 -13.02 19.02 -4.34
C PRO B 55 -12.14 19.97 -3.53
N SER B 56 -12.53 21.24 -3.45
CA SER B 56 -11.79 22.16 -2.62
C SER B 56 -12.00 21.72 -1.19
N PRO B 57 -10.94 21.68 -0.40
CA PRO B 57 -11.09 21.34 1.01
C PRO B 57 -11.74 22.45 1.79
N GLY B 58 -12.26 22.15 2.97
CA GLY B 58 -12.86 23.15 3.84
C GLY B 58 -14.04 23.97 3.30
N THR B 59 -14.90 23.34 2.51
CA THR B 59 -16.11 24.00 2.08
C THR B 59 -17.28 23.72 3.04
N GLY B 60 -17.06 22.79 3.97
CA GLY B 60 -18.07 22.43 4.94
C GLY B 60 -18.76 21.10 4.75
N LYS B 61 -18.28 20.28 3.82
CA LYS B 61 -18.85 18.95 3.60
C LYS B 61 -19.04 18.13 4.87
N THR B 62 -17.96 17.84 5.58
CA THR B 62 -18.08 16.98 6.74
C THR B 62 -18.72 17.68 7.93
N THR B 63 -18.80 19.00 7.91
CA THR B 63 -19.55 19.75 8.92
C THR B 63 -21.06 19.64 8.70
N VAL B 64 -21.48 19.90 7.47
CA VAL B 64 -22.89 19.76 7.10
C VAL B 64 -23.40 18.31 7.30
N ALA B 65 -22.51 17.34 7.13
CA ALA B 65 -22.91 15.96 7.37
C ALA B 65 -23.39 15.80 8.83
N LYS B 66 -22.58 16.26 9.79
CA LYS B 66 -22.94 16.15 11.21
C LYS B 66 -24.16 17.01 11.55
N ALA B 67 -24.26 18.20 10.96
CA ALA B 67 -25.43 19.06 11.16
C ALA B 67 -26.72 18.41 10.66
N LEU B 68 -26.73 17.90 9.43
CA LEU B 68 -27.91 17.24 8.90
C LEU B 68 -28.46 16.25 9.93
N CYS B 69 -27.59 15.41 10.46
CA CYS B 69 -27.95 14.43 11.47
C CYS B 69 -28.54 15.11 12.69
N HIS B 70 -27.84 16.13 13.17
CA HIS B 70 -28.27 16.89 14.34
C HIS B 70 -29.68 17.46 14.21
N ASP B 71 -30.01 17.99 13.03
CA ASP B 71 -31.33 18.58 12.76
C ASP B 71 -32.49 17.57 12.70
N VAL B 72 -32.24 16.39 12.17
CA VAL B 72 -33.25 15.37 12.05
C VAL B 72 -33.24 14.48 13.28
N ASN B 73 -32.30 14.77 14.18
CA ASN B 73 -32.08 13.96 15.37
C ASN B 73 -31.91 12.47 15.05
N ALA B 74 -30.95 12.18 14.18
CA ALA B 74 -30.62 10.81 13.83
C ALA B 74 -29.76 10.11 14.88
N ASP B 75 -29.78 8.78 14.84
CA ASP B 75 -28.79 8.00 15.56
C ASP B 75 -27.66 7.77 14.56
N MET B 76 -26.53 8.40 14.80
CA MET B 76 -25.52 8.48 13.78
C MET B 76 -24.18 7.90 14.18
N MET B 77 -23.68 6.98 13.36
CA MET B 77 -22.34 6.48 13.52
C MET B 77 -21.44 7.24 12.58
N PHE B 78 -20.40 7.87 13.13
CA PHE B 78 -19.45 8.62 12.32
C PHE B 78 -18.14 7.85 12.12
N VAL B 79 -17.68 7.79 10.88
CA VAL B 79 -16.68 6.82 10.49
C VAL B 79 -15.66 7.42 9.56
N ASN B 80 -14.38 7.25 9.90
CA ASN B 80 -13.31 7.60 8.98
C ASN B 80 -13.39 6.72 7.75
N GLY B 81 -13.48 7.33 6.58
CA GLY B 81 -13.54 6.59 5.35
C GLY B 81 -12.44 5.55 5.20
N SER B 82 -11.20 5.90 5.55
CA SER B 82 -10.07 5.01 5.30
C SER B 82 -10.07 3.85 6.27
N ASP B 83 -10.91 3.94 7.29
CA ASP B 83 -11.04 2.84 8.24
C ASP B 83 -12.15 1.89 7.84
N CYS B 84 -12.89 2.22 6.79
CA CYS B 84 -14.10 1.47 6.48
C CYS B 84 -13.81 0.47 5.38
N LYS B 85 -13.27 -0.66 5.79
CA LYS B 85 -12.83 -1.67 4.84
C LYS B 85 -13.98 -2.65 4.78
N ILE B 86 -13.88 -3.69 3.96
CA ILE B 86 -15.06 -4.50 3.71
C ILE B 86 -15.46 -5.24 4.95
N ASP B 87 -14.52 -5.59 5.82
CA ASP B 87 -14.86 -6.33 7.05
C ASP B 87 -15.51 -5.47 8.12
N PHE B 88 -15.33 -4.15 7.99
CA PHE B 88 -16.02 -3.22 8.84
C PHE B 88 -17.48 -3.20 8.41
N VAL B 89 -17.73 -3.06 7.11
CA VAL B 89 -19.10 -3.03 6.59
C VAL B 89 -19.82 -4.32 6.91
N ARG B 90 -19.14 -5.43 6.75
CA ARG B 90 -19.75 -6.67 7.12
C ARG B 90 -19.99 -6.68 8.63
N GLY B 91 -18.98 -6.37 9.44
CA GLY B 91 -19.25 -6.42 10.87
C GLY B 91 -20.01 -5.36 11.66
N PRO B 92 -19.42 -4.17 11.86
CA PRO B 92 -20.08 -3.28 12.82
C PRO B 92 -21.21 -2.53 12.13
N LEU B 93 -21.02 -2.14 10.89
CA LEU B 93 -22.05 -1.38 10.17
C LEU B 93 -23.28 -2.21 9.84
N THR B 94 -23.09 -3.45 9.46
CA THR B 94 -24.23 -4.32 9.29
C THR B 94 -25.00 -4.43 10.61
N ASN B 95 -24.30 -4.59 11.73
CA ASN B 95 -24.94 -4.63 13.03
C ASN B 95 -25.78 -3.39 13.25
N PHE B 96 -25.15 -2.23 13.13
CA PHE B 96 -25.83 -0.95 13.36
C PHE B 96 -27.02 -0.76 12.41
N ALA B 97 -26.83 -1.09 11.14
CA ALA B 97 -27.88 -0.88 10.16
C ALA B 97 -29.07 -1.82 10.31
N SER B 98 -28.83 -3.02 10.83
CA SER B 98 -29.93 -3.96 11.09
C SER B 98 -30.62 -3.68 12.45
N ALA B 99 -29.85 -3.28 13.47
CA ALA B 99 -30.40 -2.94 14.79
C ALA B 99 -31.41 -1.79 14.69
N ALA B 100 -32.43 -1.82 15.54
CA ALA B 100 -33.47 -0.80 15.54
C ALA B 100 -33.21 0.22 16.65
N SER B 101 -33.10 1.47 16.26
CA SER B 101 -32.96 2.51 17.27
C SER B 101 -34.28 2.49 18.01
N PHE B 102 -34.26 2.72 19.32
CA PHE B 102 -35.42 2.45 20.19
C PHE B 102 -36.33 3.66 20.53
N ASP B 103 -36.21 4.70 19.72
CA ASP B 103 -36.52 6.07 20.04
C ASP B 103 -36.77 6.50 18.60
N GLY B 104 -36.99 5.50 17.75
CA GLY B 104 -37.52 5.71 16.42
C GLY B 104 -36.80 6.84 15.75
N ARG B 105 -35.48 6.76 15.77
CA ARG B 105 -34.67 7.76 15.12
C ARG B 105 -34.18 7.22 13.78
N GLN B 106 -34.14 8.08 12.77
CA GLN B 106 -33.46 7.76 11.53
C GLN B 106 -32.05 7.30 11.95
N LYS B 107 -31.61 6.15 11.46
CA LYS B 107 -30.23 5.77 11.68
C LYS B 107 -29.45 6.27 10.47
N VAL B 108 -28.25 6.80 10.70
CA VAL B 108 -27.47 7.35 9.60
C VAL B 108 -26.01 6.97 9.78
N ILE B 109 -25.37 6.53 8.70
CA ILE B 109 -23.93 6.27 8.78
C ILE B 109 -23.10 7.29 8.00
N VAL B 110 -22.27 8.06 8.70
CA VAL B 110 -21.52 9.09 8.03
C VAL B 110 -20.14 8.55 7.75
N ILE B 111 -19.80 8.36 6.47
CA ILE B 111 -18.48 7.92 6.12
C ILE B 111 -17.75 9.12 5.57
N ASP B 112 -16.79 9.62 6.36
CA ASP B 112 -16.07 10.84 6.02
C ASP B 112 -14.85 10.53 5.14
N GLU B 113 -14.64 11.33 4.11
CA GLU B 113 -13.44 11.19 3.31
C GLU B 113 -13.29 9.76 2.74
N PHE B 114 -14.31 9.33 2.01
CA PHE B 114 -14.46 7.98 1.47
C PHE B 114 -13.89 7.83 0.06
N ASP B 115 -13.17 8.82 -0.44
CA ASP B 115 -12.73 8.77 -1.82
C ASP B 115 -11.37 8.07 -2.08
N ARG B 116 -10.79 7.40 -1.09
CA ARG B 116 -9.60 6.60 -1.31
C ARG B 116 -9.77 5.46 -2.33
N SER B 117 -8.69 5.12 -3.01
CA SER B 117 -8.74 4.22 -4.15
C SER B 117 -8.86 2.75 -3.76
N GLY B 118 -8.09 2.34 -2.76
CA GLY B 118 -8.12 1.01 -2.20
C GLY B 118 -9.38 0.59 -1.47
N LEU B 119 -10.39 1.46 -1.42
CA LEU B 119 -11.67 1.07 -0.83
C LEU B 119 -12.75 0.68 -1.84
N ALA B 120 -12.42 0.69 -3.12
CA ALA B 120 -13.39 0.36 -4.15
C ALA B 120 -14.05 -0.97 -3.81
N GLU B 121 -13.27 -1.88 -3.26
CA GLU B 121 -13.84 -3.18 -2.96
C GLU B 121 -14.94 -3.04 -1.91
N SER B 122 -14.65 -2.32 -0.84
CA SER B 122 -15.66 -1.99 0.17
C SER B 122 -16.87 -1.30 -0.46
N GLN B 123 -16.63 -0.34 -1.37
CA GLN B 123 -17.72 0.43 -1.96
C GLN B 123 -18.67 -0.43 -2.76
N ARG B 124 -18.12 -1.39 -3.47
CA ARG B 124 -18.97 -2.28 -4.23
C ARG B 124 -19.80 -3.09 -3.25
N HIS B 125 -19.14 -3.63 -2.23
CA HIS B 125 -19.86 -4.40 -1.23
C HIS B 125 -21.03 -3.60 -0.68
N LEU B 126 -20.82 -2.30 -0.54
CA LEU B 126 -21.84 -1.38 -0.04
C LEU B 126 -23.03 -1.20 -0.98
N ARG B 127 -22.87 -1.47 -2.26
CA ARG B 127 -23.95 -1.16 -3.20
C ARG B 127 -25.15 -2.03 -3.01
N SER B 128 -24.91 -3.28 -2.61
CA SER B 128 -26.00 -4.19 -2.34
C SER B 128 -26.59 -3.98 -0.97
N PHE B 129 -25.74 -3.53 -0.04
CA PHE B 129 -26.08 -3.18 1.35
C PHE B 129 -27.08 -2.02 1.41
N MET B 130 -26.82 -0.98 0.62
CA MET B 130 -27.67 0.19 0.66
C MET B 130 -29.12 -0.05 0.30
N GLU B 131 -29.37 -0.99 -0.59
CA GLU B 131 -30.74 -1.39 -0.91
C GLU B 131 -31.37 -2.35 0.12
N ALA B 132 -30.57 -3.19 0.75
CA ALA B 132 -31.07 -4.11 1.73
C ALA B 132 -31.54 -3.36 2.97
N TYR B 133 -30.71 -2.47 3.47
CA TYR B 133 -31.01 -1.72 4.66
C TYR B 133 -31.63 -0.32 4.49
N SER B 134 -32.14 -0.01 3.31
CA SER B 134 -32.61 1.34 3.01
C SER B 134 -33.78 1.77 3.88
N SER B 135 -34.48 0.80 4.47
CA SER B 135 -35.66 1.09 5.29
C SER B 135 -35.32 1.69 6.66
N ASN B 136 -34.30 1.14 7.32
CA ASN B 136 -33.79 1.64 8.62
C ASN B 136 -33.07 2.94 8.50
N CYS B 137 -32.03 2.91 7.66
CA CYS B 137 -30.92 3.84 7.77
C CYS B 137 -30.33 4.21 6.44
N SER B 138 -29.76 5.40 6.38
CA SER B 138 -29.21 5.96 5.17
C SER B 138 -27.77 6.27 5.41
N ILE B 139 -27.05 6.46 4.31
CA ILE B 139 -25.63 6.74 4.32
C ILE B 139 -25.30 8.13 3.78
N ILE B 140 -24.48 8.87 4.52
CA ILE B 140 -23.98 10.14 4.00
C ILE B 140 -22.50 10.02 3.77
N ILE B 141 -22.09 10.06 2.51
CA ILE B 141 -20.68 10.01 2.10
C ILE B 141 -20.11 11.42 1.90
N THR B 142 -18.87 11.60 2.36
CA THR B 142 -18.15 12.84 2.17
C THR B 142 -16.92 12.56 1.32
N ALA B 143 -16.71 13.32 0.26
CA ALA B 143 -15.55 13.07 -0.59
C ALA B 143 -14.95 14.36 -1.12
N ASN B 144 -13.63 14.37 -1.25
CA ASN B 144 -12.95 15.47 -1.92
C ASN B 144 -13.01 15.30 -3.43
N ASN B 145 -12.78 14.06 -3.89
CA ASN B 145 -12.77 13.78 -5.32
C ASN B 145 -13.80 12.74 -5.65
N ILE B 146 -14.81 13.09 -6.44
CA ILE B 146 -15.85 12.13 -6.78
C ILE B 146 -15.35 10.84 -7.44
N ASP B 147 -14.44 10.95 -8.38
CA ASP B 147 -14.13 9.78 -9.20
C ASP B 147 -13.65 8.61 -8.32
N GLY B 148 -13.45 8.89 -7.03
CA GLY B 148 -13.05 7.87 -6.08
C GLY B 148 -14.24 7.21 -5.42
N ILE B 149 -15.43 7.62 -5.83
CA ILE B 149 -16.69 6.98 -5.45
C ILE B 149 -17.20 6.23 -6.69
N ILE B 150 -17.35 4.92 -6.60
CA ILE B 150 -17.76 4.15 -7.77
C ILE B 150 -19.10 4.64 -8.32
N LYS B 151 -19.33 4.49 -9.62
CA LYS B 151 -20.54 5.02 -10.23
C LYS B 151 -21.85 4.51 -9.65
N PRO B 152 -21.92 3.20 -9.33
CA PRO B 152 -23.19 2.72 -8.79
C PRO B 152 -23.55 3.32 -7.44
N LEU B 153 -22.59 3.85 -6.68
CA LEU B 153 -22.92 4.56 -5.45
C LEU B 153 -23.40 5.99 -5.71
N GLN B 154 -22.97 6.59 -6.81
CA GLN B 154 -23.49 7.90 -7.18
C GLN B 154 -24.91 7.76 -7.69
N SER B 155 -25.18 6.65 -8.38
CA SER B 155 -26.53 6.34 -8.83
C SER B 155 -27.47 6.32 -7.63
N ARG B 156 -27.00 5.75 -6.53
CA ARG B 156 -27.84 5.48 -5.37
C ARG B 156 -28.04 6.71 -4.51
N CYS B 157 -27.34 7.77 -4.83
CA CYS B 157 -27.37 8.96 -4.00
C CYS B 157 -27.78 10.23 -4.71
N ARG B 158 -28.07 11.20 -3.87
CA ARG B 158 -28.19 12.56 -4.27
C ARG B 158 -26.81 13.16 -4.10
N VAL B 159 -26.21 13.51 -5.22
CA VAL B 159 -24.87 14.04 -5.21
C VAL B 159 -24.98 15.55 -5.12
N ILE B 160 -24.58 16.11 -3.98
CA ILE B 160 -24.55 17.56 -3.81
C ILE B 160 -23.13 18.10 -3.91
N THR B 161 -22.92 19.07 -4.78
CA THR B 161 -21.57 19.52 -5.10
C THR B 161 -21.23 20.94 -4.57
N PHE B 162 -20.16 21.01 -3.78
CA PHE B 162 -19.84 22.18 -2.97
C PHE B 162 -18.91 23.21 -3.60
N GLY B 163 -18.76 24.31 -2.88
CA GLY B 163 -17.80 25.37 -3.19
C GLY B 163 -17.89 25.78 -4.63
N GLN B 164 -19.13 25.83 -5.10
CA GLN B 164 -19.45 26.21 -6.46
C GLN B 164 -20.72 27.05 -6.47
N PRO B 165 -20.66 28.22 -5.85
CA PRO B 165 -21.79 29.14 -5.71
C PRO B 165 -22.02 29.91 -6.98
N THR B 166 -23.20 30.53 -7.08
CA THR B 166 -23.48 31.52 -8.12
C THR B 166 -22.67 32.80 -7.83
N ASP B 167 -22.57 33.69 -8.82
CA ASP B 167 -21.94 34.99 -8.59
C ASP B 167 -22.53 35.79 -7.41
N GLU B 168 -23.84 35.69 -7.18
CA GLU B 168 -24.50 36.39 -6.07
C GLU B 168 -24.23 35.69 -4.75
N ASP B 169 -24.35 34.37 -4.75
CA ASP B 169 -24.01 33.59 -3.57
C ASP B 169 -22.62 33.97 -3.09
N LYS B 170 -21.66 33.99 -4.01
CA LYS B 170 -20.31 34.33 -3.63
C LYS B 170 -20.26 35.68 -2.92
N ILE B 171 -21.01 36.64 -3.43
CA ILE B 171 -20.97 37.96 -2.83
C ILE B 171 -21.64 37.97 -1.47
N GLU B 172 -22.73 37.22 -1.32
CA GLU B 172 -23.39 37.13 -0.02
C GLU B 172 -22.56 36.29 0.95
N MET B 173 -22.16 35.11 0.50
CA MET B 173 -21.37 34.20 1.33
C MET B 173 -20.16 34.89 1.88
N MET B 174 -19.55 35.74 1.07
CA MET B 174 -18.39 36.48 1.55
C MET B 174 -18.77 37.47 2.66
N LYS B 175 -19.88 38.18 2.48
CA LYS B 175 -20.35 39.09 3.54
C LYS B 175 -20.60 38.32 4.82
N GLN B 176 -21.28 37.19 4.70
CA GLN B 176 -21.60 36.35 5.85
C GLN B 176 -20.34 35.89 6.55
N MET B 177 -19.34 35.48 5.79
CA MET B 177 -18.10 35.01 6.38
C MET B 177 -17.32 36.13 7.05
N ILE B 178 -17.39 37.35 6.50
CA ILE B 178 -16.77 38.52 7.12
C ILE B 178 -17.44 38.83 8.46
N ARG B 179 -18.77 38.86 8.49
CA ARG B 179 -19.47 39.06 9.75
C ARG B 179 -19.07 38.00 10.76
N ARG B 180 -18.97 36.76 10.31
CA ARG B 180 -18.58 35.65 11.19
C ARG B 180 -17.17 35.81 11.77
N LEU B 181 -16.20 36.12 10.90
CA LEU B 181 -14.84 36.34 11.34
C LEU B 181 -14.77 37.46 12.37
N THR B 182 -15.51 38.54 12.10
CA THR B 182 -15.61 39.65 13.03
C THR B 182 -16.06 39.17 14.39
N GLU B 183 -17.10 38.35 14.41
CA GLU B 183 -17.64 37.81 15.66
C GLU B 183 -16.65 36.89 16.38
N ILE B 184 -15.94 36.07 15.63
CA ILE B 184 -14.89 35.23 16.21
C ILE B 184 -13.80 36.08 16.85
N CYS B 185 -13.53 37.25 16.27
CA CYS B 185 -12.52 38.10 16.84
C CYS B 185 -12.96 38.71 18.15
N LYS B 186 -14.20 39.15 18.22
CA LYS B 186 -14.65 39.71 19.48
C LYS B 186 -14.36 38.66 20.54
N HIS B 187 -14.86 37.45 20.33
CA HIS B 187 -14.75 36.36 21.30
C HIS B 187 -13.33 36.06 21.67
N GLU B 188 -12.43 36.15 20.70
CA GLU B 188 -11.05 35.66 20.86
C GLU B 188 -10.08 36.66 21.45
N GLY B 189 -10.50 37.92 21.50
CA GLY B 189 -9.63 38.97 21.98
C GLY B 189 -8.70 39.49 20.89
N ILE B 190 -9.12 39.34 19.63
CA ILE B 190 -8.35 39.84 18.50
C ILE B 190 -8.87 41.20 18.05
N ALA B 191 -8.02 42.20 18.13
CA ALA B 191 -8.37 43.59 17.80
C ALA B 191 -8.37 43.83 16.30
N ILE B 192 -9.47 44.36 15.78
CA ILE B 192 -9.48 44.67 14.35
C ILE B 192 -9.27 46.18 14.09
N ALA B 193 -8.07 46.51 13.62
CA ALA B 193 -7.69 47.89 13.31
C ALA B 193 -8.17 48.34 11.92
N ASP B 194 -8.04 47.43 10.95
CA ASP B 194 -8.49 47.71 9.59
C ASP B 194 -9.42 46.61 9.10
N MET B 195 -10.66 46.96 8.84
CA MET B 195 -11.61 45.96 8.39
C MET B 195 -11.20 45.42 7.03
N LYS B 196 -10.45 46.21 6.28
CA LYS B 196 -10.03 45.80 4.95
C LYS B 196 -9.24 44.49 4.96
N VAL B 197 -8.49 44.22 6.05
CA VAL B 197 -7.73 42.96 6.15
C VAL B 197 -8.61 41.71 6.35
N VAL B 198 -9.73 41.87 7.04
CA VAL B 198 -10.69 40.76 7.19
C VAL B 198 -11.38 40.40 5.87
N ALA B 199 -11.78 41.40 5.09
CA ALA B 199 -12.33 41.18 3.75
C ALA B 199 -11.27 40.57 2.82
N ALA B 200 -10.01 40.82 3.13
CA ALA B 200 -8.92 40.33 2.30
C ALA B 200 -8.69 38.85 2.55
N LEU B 201 -8.65 38.46 3.81
CA LEU B 201 -8.49 37.06 4.15
C LEU B 201 -9.58 36.19 3.52
N VAL B 202 -10.82 36.65 3.59
CA VAL B 202 -11.95 35.92 3.04
C VAL B 202 -11.78 35.74 1.54
N LYS B 203 -11.59 36.87 0.84
CA LYS B 203 -11.42 36.87 -0.62
C LYS B 203 -10.25 35.97 -1.03
N LYS B 204 -9.12 36.13 -0.35
CA LYS B 204 -7.92 35.35 -0.65
C LYS B 204 -8.20 33.87 -0.80
N ASN B 205 -8.55 33.14 0.26
CA ASN B 205 -8.90 31.74 0.01
C ASN B 205 -10.39 31.54 0.04
N PHE B 206 -11.09 31.75 -1.08
CA PHE B 206 -12.54 31.83 -0.97
C PHE B 206 -13.27 30.54 -0.75
N PRO B 207 -13.06 29.56 -1.61
CA PRO B 207 -13.99 28.43 -1.42
C PRO B 207 -13.75 27.81 -0.04
N ASP B 208 -12.51 27.87 0.44
CA ASP B 208 -12.10 27.11 1.61
C ASP B 208 -12.27 27.93 2.87
N PHE B 209 -13.29 27.59 3.65
CA PHE B 209 -13.54 28.33 4.88
C PHE B 209 -12.63 27.87 6.02
N ARG B 210 -12.10 26.66 5.91
CA ARG B 210 -11.19 26.20 6.95
C ARG B 210 -9.91 26.98 6.90
N LYS B 211 -9.28 27.05 5.73
CA LYS B 211 -8.00 27.75 5.68
C LYS B 211 -8.24 29.20 6.04
N THR B 212 -9.40 29.74 5.66
CA THR B 212 -9.65 31.16 5.90
C THR B 212 -9.67 31.51 7.38
N ILE B 213 -10.15 30.59 8.21
CA ILE B 213 -10.06 30.76 9.67
C ILE B 213 -8.66 30.40 10.15
N GLY B 214 -8.06 29.34 9.59
CA GLY B 214 -6.71 28.93 9.95
C GLY B 214 -5.74 30.10 9.79
N GLU B 215 -5.96 30.90 8.76
CA GLU B 215 -5.12 32.04 8.48
C GLU B 215 -5.19 33.02 9.62
N LEU B 216 -6.40 33.33 10.04
CA LEU B 216 -6.63 34.31 11.10
C LEU B 216 -5.79 34.02 12.35
N ASP B 217 -5.62 32.73 12.68
CA ASP B 217 -4.80 32.33 13.82
C ASP B 217 -3.36 32.80 13.60
N SER B 218 -2.83 32.61 12.39
CA SER B 218 -1.43 32.86 12.14
C SER B 218 -1.09 34.32 11.96
N TYR B 219 -2.06 35.13 11.53
CA TYR B 219 -1.86 36.58 11.44
C TYR B 219 -2.26 37.34 12.71
N SER B 220 -2.68 36.58 13.74
CA SER B 220 -3.07 37.14 15.03
C SER B 220 -1.93 37.11 16.06
N SER B 221 -0.72 36.72 15.63
CA SER B 221 0.39 36.52 16.55
C SER B 221 0.41 37.69 17.53
N LYS B 222 0.22 38.87 16.97
CA LYS B 222 0.25 40.13 17.71
C LYS B 222 -1.11 40.66 18.19
N GLY B 223 -2.12 39.81 18.22
CA GLY B 223 -3.40 40.17 18.81
C GLY B 223 -4.13 41.31 18.12
N VAL B 224 -3.53 41.90 17.09
CA VAL B 224 -4.16 42.97 16.31
C VAL B 224 -4.05 42.73 14.81
N LEU B 225 -5.06 43.16 14.06
CA LEU B 225 -4.97 43.19 12.61
C LEU B 225 -4.99 44.65 12.13
N ASP B 226 -3.82 45.16 11.75
CA ASP B 226 -3.68 46.56 11.37
C ASP B 226 -3.23 46.67 9.93
N ALA B 227 -3.04 47.88 9.45
CA ALA B 227 -2.66 48.08 8.07
C ALA B 227 -1.37 47.33 7.73
N GLY B 228 -0.55 47.10 8.75
CA GLY B 228 0.71 46.39 8.55
C GLY B 228 0.53 44.91 8.25
N ILE B 229 -0.51 44.31 8.82
CA ILE B 229 -0.83 42.92 8.53
C ILE B 229 -1.44 42.84 7.14
N LEU B 230 -2.14 43.91 6.75
CA LEU B 230 -2.78 43.97 5.44
C LEU B 230 -1.76 43.84 4.32
N SER B 231 -0.55 44.38 4.53
CA SER B 231 0.54 44.23 3.57
C SER B 231 0.99 42.79 3.36
N LEU B 232 0.97 42.00 4.43
CA LEU B 232 1.36 40.61 4.35
C LEU B 232 0.24 39.73 3.81
N VAL B 233 -1.00 40.20 3.92
CA VAL B 233 -2.14 39.41 3.48
C VAL B 233 -2.37 39.54 1.99
N THR B 234 -2.26 40.78 1.49
CA THR B 234 -2.41 41.06 0.07
C THR B 234 -1.07 40.80 -0.57
N ASN B 235 -0.10 40.42 0.26
CA ASN B 235 1.17 41.09 0.37
C ASN B 235 1.86 41.23 -0.99
N ASP B 236 2.27 42.46 -1.27
CA ASP B 236 2.92 42.79 -2.54
C ASP B 236 4.37 43.22 -2.35
N ARG B 237 4.74 43.60 -1.14
CA ARG B 237 6.12 43.96 -0.90
C ARG B 237 6.78 44.40 -2.19
N GLY B 238 6.00 45.02 -3.07
CA GLY B 238 6.50 45.33 -4.39
C GLY B 238 6.33 46.72 -4.93
N ALA B 239 7.44 47.30 -5.37
CA ALA B 239 7.44 48.41 -6.29
C ALA B 239 8.36 47.96 -7.40
N ILE B 240 7.89 47.98 -8.65
CA ILE B 240 8.76 47.57 -9.74
C ILE B 240 9.53 48.62 -10.59
N ASP B 241 9.41 49.90 -10.26
CA ASP B 241 9.80 50.94 -11.20
C ASP B 241 11.16 50.77 -11.90
N ASP B 242 12.20 50.41 -11.16
CA ASP B 242 13.52 50.33 -11.79
C ASP B 242 13.59 49.34 -12.96
N VAL B 243 12.84 48.26 -12.88
CA VAL B 243 12.77 47.28 -13.96
C VAL B 243 11.91 47.79 -15.11
N LEU B 244 10.71 48.27 -14.80
CA LEU B 244 9.83 48.78 -15.82
C LEU B 244 10.50 49.85 -16.67
N GLU B 245 11.31 50.68 -16.03
CA GLU B 245 12.00 51.77 -16.72
C GLU B 245 13.13 51.22 -17.56
N SER B 246 13.95 50.35 -16.97
CA SER B 246 15.04 49.70 -17.70
C SER B 246 14.55 48.88 -18.89
N LEU B 247 13.37 48.30 -18.76
CA LEU B 247 12.71 47.66 -19.89
C LEU B 247 12.38 48.62 -21.05
N LYS B 248 11.62 49.70 -20.78
CA LYS B 248 11.32 50.68 -21.82
C LYS B 248 12.59 51.14 -22.53
N ASN B 249 13.60 51.52 -21.74
CA ASN B 249 14.83 52.05 -22.30
C ASN B 249 15.58 51.00 -23.13
N LYS B 250 15.14 49.75 -23.03
CA LYS B 250 15.78 48.63 -23.72
C LYS B 250 17.26 48.56 -23.39
N ASP B 251 17.66 48.95 -22.18
CA ASP B 251 19.07 48.75 -21.89
C ASP B 251 19.25 47.44 -21.13
N VAL B 252 20.48 47.01 -20.96
CA VAL B 252 20.72 45.61 -20.66
C VAL B 252 21.61 45.53 -19.46
N LYS B 253 22.77 46.15 -19.51
CA LYS B 253 23.63 46.10 -18.35
C LYS B 253 22.75 46.32 -17.13
N GLN B 254 21.81 47.28 -17.20
CA GLN B 254 20.91 47.54 -16.07
C GLN B 254 20.03 46.33 -15.79
N LEU B 255 19.32 45.85 -16.80
CA LEU B 255 18.53 44.61 -16.68
C LEU B 255 19.37 43.46 -16.15
N ARG B 256 20.56 43.27 -16.71
CA ARG B 256 21.48 42.23 -16.27
C ARG B 256 21.78 42.39 -14.77
N ALA B 257 21.79 43.63 -14.27
CA ALA B 257 22.12 43.89 -12.88
C ALA B 257 20.92 43.71 -11.94
N LEU B 258 19.74 43.94 -12.46
CA LEU B 258 18.54 43.86 -11.64
C LEU B 258 18.08 42.42 -11.44
N ALA B 259 18.56 41.52 -12.30
CA ALA B 259 18.15 40.10 -12.22
C ALA B 259 18.30 39.48 -10.83
N PRO B 260 19.51 39.50 -10.27
CA PRO B 260 19.77 38.94 -8.94
C PRO B 260 18.94 39.58 -7.84
N LYS B 261 18.59 40.85 -7.97
CA LYS B 261 17.75 41.52 -6.99
C LYS B 261 16.43 40.78 -6.76
N TYR B 262 15.66 40.62 -7.84
CA TYR B 262 14.33 40.02 -7.71
C TYR B 262 14.29 38.50 -7.85
N ALA B 263 15.44 37.86 -8.08
CA ALA B 263 15.48 36.40 -8.16
C ALA B 263 15.09 35.87 -6.80
N ALA B 264 15.33 36.71 -5.79
CA ALA B 264 15.07 36.39 -4.39
C ALA B 264 13.73 35.65 -4.18
N ASP B 265 12.60 36.35 -4.33
CA ASP B 265 11.36 35.62 -4.46
C ASP B 265 10.70 35.82 -5.84
N TYR B 266 10.76 34.76 -6.63
CA TYR B 266 10.40 34.86 -8.02
C TYR B 266 8.91 34.90 -8.22
N SER B 267 8.18 34.01 -7.55
CA SER B 267 6.75 33.84 -7.86
C SER B 267 5.99 35.10 -7.64
N TRP B 268 6.45 35.88 -6.66
CA TRP B 268 5.80 37.17 -6.42
C TRP B 268 6.16 38.17 -7.51
N PHE B 269 7.45 38.27 -7.82
CA PHE B 269 7.96 39.27 -8.78
C PHE B 269 7.29 39.12 -10.13
N VAL B 270 7.38 37.90 -10.68
CA VAL B 270 6.72 37.55 -11.94
C VAL B 270 5.26 37.99 -11.95
N GLY B 271 4.59 37.83 -10.82
CA GLY B 271 3.22 38.29 -10.67
C GLY B 271 3.04 39.80 -10.78
N LYS B 272 3.83 40.58 -10.06
CA LYS B 272 3.76 42.03 -10.19
C LYS B 272 4.04 42.45 -11.63
N LEU B 273 5.02 41.82 -12.25
CA LEU B 273 5.43 42.23 -13.57
C LEU B 273 4.28 42.08 -14.55
N ALA B 274 3.56 40.98 -14.45
CA ALA B 274 2.41 40.80 -15.34
C ALA B 274 1.42 41.92 -15.09
N GLU B 275 0.98 42.05 -13.83
CA GLU B 275 0.05 43.10 -13.39
C GLU B 275 0.45 44.54 -13.83
N GLU B 276 1.70 44.92 -13.56
CA GLU B 276 2.18 46.26 -13.91
C GLU B 276 2.44 46.54 -15.41
N ILE B 277 3.00 45.57 -16.14
CA ILE B 277 3.26 45.80 -17.54
C ILE B 277 1.96 45.91 -18.31
N TYR B 278 0.95 45.15 -17.87
CA TYR B 278 -0.32 45.08 -18.58
C TYR B 278 -0.80 46.47 -18.94
N SER B 279 -0.77 47.37 -17.96
CA SER B 279 -1.22 48.74 -18.16
C SER B 279 -0.28 49.58 -19.07
N ARG B 280 1.01 49.27 -19.06
CA ARG B 280 2.01 50.14 -19.67
C ARG B 280 2.38 49.81 -21.10
N VAL B 281 1.72 48.82 -21.70
CA VAL B 281 2.15 48.42 -23.03
C VAL B 281 0.98 48.26 -24.00
N THR B 282 1.24 48.32 -25.30
CA THR B 282 0.18 48.23 -26.29
C THR B 282 -0.53 46.87 -26.34
N PRO B 283 -1.80 46.85 -26.80
CA PRO B 283 -2.74 45.72 -26.87
C PRO B 283 -2.21 44.37 -27.39
N GLN B 284 -1.47 44.34 -28.49
CA GLN B 284 -0.97 43.04 -28.92
C GLN B 284 0.41 42.78 -28.32
N SER B 285 0.89 43.76 -27.57
CA SER B 285 2.03 43.54 -26.70
C SER B 285 1.57 42.81 -25.45
N ILE B 286 0.29 42.96 -25.10
CA ILE B 286 -0.25 42.26 -23.94
C ILE B 286 -0.24 40.75 -24.19
N ILE B 287 -0.86 40.34 -25.29
CA ILE B 287 -0.89 38.94 -25.65
C ILE B 287 0.53 38.34 -25.73
N ARG B 288 1.50 39.10 -26.23
CA ARG B 288 2.88 38.61 -26.30
C ARG B 288 3.51 38.53 -24.94
N MET B 289 3.14 39.43 -24.05
CA MET B 289 3.77 39.50 -22.74
C MET B 289 3.36 38.35 -21.84
N TYR B 290 2.14 37.83 -22.08
CA TYR B 290 1.64 36.68 -21.33
C TYR B 290 2.34 35.45 -21.87
N GLU B 291 2.44 35.35 -23.18
CA GLU B 291 3.20 34.25 -23.76
C GLU B 291 4.65 34.21 -23.26
N ILE B 292 5.29 35.37 -23.14
CA ILE B 292 6.68 35.39 -22.69
C ILE B 292 6.85 35.14 -21.20
N VAL B 293 6.06 35.83 -20.37
CA VAL B 293 6.11 35.65 -18.91
C VAL B 293 5.58 34.29 -18.49
N GLY B 294 4.49 33.89 -19.12
CA GLY B 294 3.87 32.64 -18.79
C GLY B 294 4.84 31.50 -18.99
N GLU B 295 5.52 31.54 -20.13
CA GLU B 295 6.42 30.47 -20.49
C GLU B 295 7.57 30.50 -19.51
N ASN B 296 8.05 31.67 -19.18
CA ASN B 296 9.19 31.77 -18.28
C ASN B 296 8.85 31.26 -16.87
N ASN B 297 7.67 31.64 -16.38
CA ASN B 297 7.19 31.19 -15.08
C ASN B 297 7.08 29.67 -15.07
N GLN B 298 6.61 29.13 -16.19
CA GLN B 298 6.32 27.72 -16.32
C GLN B 298 7.50 26.83 -16.08
N TYR B 299 8.65 27.23 -16.59
CA TYR B 299 9.80 26.37 -16.53
C TYR B 299 10.63 26.69 -15.31
N HIS B 300 10.28 27.75 -14.58
CA HIS B 300 11.08 28.06 -13.41
C HIS B 300 10.99 26.90 -12.49
N GLY B 301 12.12 26.37 -12.04
CA GLY B 301 12.04 25.27 -11.10
C GLY B 301 12.47 24.00 -11.77
N ILE B 302 12.45 23.99 -13.11
CA ILE B 302 13.37 23.19 -13.84
C ILE B 302 14.67 23.99 -13.99
N ALA B 303 14.56 25.28 -14.30
CA ALA B 303 15.74 26.10 -14.64
C ALA B 303 16.69 26.16 -13.48
N ALA B 304 17.96 25.83 -13.74
CA ALA B 304 18.89 25.58 -12.66
C ALA B 304 19.45 26.86 -12.03
N ASN B 305 19.82 27.82 -12.86
CA ASN B 305 20.25 29.09 -12.33
C ASN B 305 19.10 30.07 -12.46
N THR B 306 18.50 30.45 -11.32
CA THR B 306 17.24 31.22 -11.29
C THR B 306 17.47 32.69 -11.63
N GLU B 307 18.64 33.19 -11.25
CA GLU B 307 19.05 34.54 -11.55
C GLU B 307 19.23 34.73 -13.06
N LEU B 308 19.80 33.73 -13.72
CA LEU B 308 19.94 33.80 -15.16
C LEU B 308 18.61 33.71 -15.85
N HIS B 309 17.71 32.89 -15.29
CA HIS B 309 16.38 32.68 -15.85
C HIS B 309 15.60 33.97 -15.81
N LEU B 310 15.92 34.81 -14.84
CA LEU B 310 15.29 36.13 -14.72
C LEU B 310 15.85 37.07 -15.77
N ALA B 311 17.18 37.04 -15.92
CA ALA B 311 17.83 37.80 -16.99
C ALA B 311 17.24 37.42 -18.35
N TYR B 312 17.02 36.14 -18.57
CA TYR B 312 16.51 35.69 -19.85
C TYR B 312 15.15 36.30 -20.11
N LEU B 313 14.36 36.44 -19.04
CA LEU B 313 13.02 37.00 -19.17
C LEU B 313 13.07 38.47 -19.55
N PHE B 314 14.02 39.20 -18.97
CA PHE B 314 14.15 40.63 -19.24
C PHE B 314 14.54 40.87 -20.70
N ILE B 315 15.59 40.20 -21.16
CA ILE B 315 16.00 40.37 -22.55
C ILE B 315 14.81 40.13 -23.45
N GLN B 316 14.08 39.06 -23.21
CA GLN B 316 12.98 38.72 -24.08
C GLN B 316 11.97 39.87 -24.16
N LEU B 317 11.56 40.39 -22.99
CA LEU B 317 10.58 41.48 -22.93
C LEU B 317 11.09 42.78 -23.51
N ALA B 318 12.34 43.14 -23.22
CA ALA B 318 12.96 44.38 -23.74
C ALA B 318 12.75 44.56 -25.24
N CYS B 319 13.02 43.49 -26.00
CA CYS B 319 12.94 43.47 -27.46
C CYS B 319 11.53 43.43 -28.00
N GLU B 320 10.67 42.60 -27.42
CA GLU B 320 9.36 42.39 -28.00
C GLU B 320 8.25 43.33 -27.50
N MET B 321 8.54 44.06 -26.44
CA MET B 321 7.55 44.99 -25.90
C MET B 321 7.57 46.32 -26.60
N GLN B 322 6.44 46.74 -27.14
CA GLN B 322 6.38 48.09 -27.66
C GLN B 322 5.52 48.98 -26.75
N TRP B 323 6.18 49.89 -26.06
CA TRP B 323 5.56 50.63 -24.98
C TRP B 323 4.69 51.78 -25.41
N LYS B 324 3.43 51.74 -25.01
CA LYS B 324 2.55 52.88 -25.19
C LYS B 324 3.17 54.05 -24.42
N MET C 6 24.99 30.18 25.88
CA MET C 6 23.68 30.19 25.24
C MET C 6 23.49 29.07 24.19
N ILE C 7 24.46 28.97 23.26
CA ILE C 7 24.42 28.00 22.17
C ILE C 7 24.33 26.57 22.66
N THR C 8 23.37 25.81 22.15
CA THR C 8 23.22 24.40 22.50
C THR C 8 24.22 23.58 21.74
N VAL C 9 24.96 22.71 22.43
CA VAL C 9 25.83 21.75 21.75
C VAL C 9 25.49 20.34 22.17
N ASN C 10 25.31 19.45 21.20
CA ASN C 10 24.83 18.09 21.50
C ASN C 10 25.89 17.10 21.94
N GLU C 11 27.13 17.28 21.51
CA GLU C 11 28.27 16.57 22.10
C GLU C 11 28.26 15.04 21.95
N LYS C 12 27.20 14.49 21.38
CA LYS C 12 27.16 13.07 21.08
C LYS C 12 27.49 12.97 19.56
N GLU C 13 27.61 14.14 18.91
CA GLU C 13 27.87 14.18 17.48
C GLU C 13 29.14 14.92 17.13
N HIS C 14 29.94 14.32 16.24
CA HIS C 14 31.13 14.96 15.70
C HIS C 14 30.81 15.77 14.46
N ILE C 15 29.66 15.48 13.85
CA ILE C 15 29.43 15.89 12.47
C ILE C 15 29.14 17.37 12.32
N LEU C 16 28.94 18.05 13.44
CA LEU C 16 29.17 19.50 13.56
C LEU C 16 28.22 20.49 12.86
N GLU C 17 27.27 20.00 12.07
CA GLU C 17 26.20 20.89 11.63
C GLU C 17 25.05 20.35 12.46
N GLN C 18 25.26 19.17 13.01
CA GLN C 18 24.35 18.58 13.96
C GLN C 18 24.77 18.70 15.42
N LYS C 19 25.96 19.20 15.65
CA LYS C 19 26.44 19.42 17.00
C LYS C 19 25.76 20.67 17.47
N TYR C 20 25.68 21.67 16.60
CA TYR C 20 25.15 23.01 16.93
C TYR C 20 23.65 23.28 16.69
N ARG C 21 22.91 22.22 16.39
CA ARG C 21 21.47 22.29 16.22
C ARG C 21 20.80 22.97 17.40
N PRO C 22 20.11 24.07 17.13
CA PRO C 22 19.39 24.92 18.08
C PRO C 22 18.32 24.18 18.85
N SER C 23 18.35 24.37 20.16
CA SER C 23 17.50 23.70 21.13
C SER C 23 16.14 24.34 21.25
N THR C 24 16.13 25.66 21.17
CA THR C 24 14.91 26.45 21.42
C THR C 24 14.61 27.43 20.30
N ILE C 25 13.38 27.92 20.26
CA ILE C 25 12.90 28.79 19.21
C ILE C 25 13.72 30.07 19.08
N ASP C 26 14.34 30.53 20.17
CA ASP C 26 15.16 31.76 20.14
C ASP C 26 16.55 31.53 19.52
N GLU C 27 17.16 30.42 19.86
CA GLU C 27 18.46 30.08 19.34
C GLU C 27 18.42 30.00 17.81
N CYS C 28 17.22 29.79 17.25
CA CYS C 28 16.99 29.68 15.80
C CYS C 28 17.15 31.00 15.06
N ILE C 29 17.87 31.00 13.94
CA ILE C 29 17.97 32.20 13.12
C ILE C 29 16.86 32.18 12.07
N LEU C 30 15.93 33.13 12.19
CA LEU C 30 14.74 33.17 11.34
C LEU C 30 14.34 34.60 10.95
N PRO C 31 13.50 34.72 9.88
CA PRO C 31 12.90 36.00 9.53
C PRO C 31 12.21 36.57 10.76
N ALA C 32 12.17 37.89 10.89
CA ALA C 32 11.49 38.54 12.01
C ALA C 32 10.05 38.06 12.23
N PHE C 33 9.17 38.28 11.25
CA PHE C 33 7.77 37.90 11.40
C PHE C 33 7.59 36.41 11.71
N ASP C 34 8.45 35.58 11.14
CA ASP C 34 8.38 34.15 11.41
C ASP C 34 8.73 33.84 12.87
N LYS C 35 9.84 34.37 13.38
CA LYS C 35 10.21 34.13 14.78
C LYS C 35 9.07 34.57 15.69
N GLU C 36 8.59 35.78 15.45
CA GLU C 36 7.49 36.36 16.22
C GLU C 36 6.22 35.48 16.22
N THR C 37 5.85 34.96 15.05
CA THR C 37 4.71 34.05 14.95
C THR C 37 4.95 32.73 15.70
N PHE C 38 6.20 32.29 15.80
CA PHE C 38 6.50 31.12 16.62
C PHE C 38 6.47 31.45 18.12
N LYS C 39 6.98 32.62 18.52
CA LYS C 39 6.89 33.04 19.92
C LYS C 39 5.41 33.09 20.27
N SER C 40 4.62 33.78 19.46
CA SER C 40 3.18 33.86 19.69
C SER C 40 2.59 32.50 19.97
N ILE C 41 2.95 31.51 19.16
CA ILE C 41 2.44 30.15 19.31
C ILE C 41 2.87 29.50 20.63
N THR C 42 4.16 29.56 20.97
CA THR C 42 4.64 28.95 22.23
C THR C 42 4.02 29.62 23.44
N SER C 43 3.65 30.90 23.28
CA SER C 43 2.95 31.66 24.33
C SER C 43 1.60 31.10 24.70
N LYS C 44 0.72 30.94 23.72
CA LYS C 44 -0.62 30.44 23.96
C LYS C 44 -0.57 29.04 24.59
N GLY C 45 0.61 28.41 24.57
CA GLY C 45 0.82 27.16 25.29
C GLY C 45 0.34 25.90 24.59
N LYS C 46 -0.53 26.07 23.59
CA LYS C 46 -1.03 24.95 22.79
C LYS C 46 -0.57 25.14 21.34
N ILE C 47 -0.32 24.03 20.67
CA ILE C 47 0.23 24.02 19.30
C ILE C 47 -0.73 23.47 18.25
N PRO C 48 -1.07 24.27 17.22
CA PRO C 48 -2.01 23.88 16.16
C PRO C 48 -1.39 22.91 15.18
N HIS C 49 -2.12 22.50 14.16
CA HIS C 49 -1.54 21.62 13.16
C HIS C 49 -0.71 22.53 12.29
N ILE C 50 0.56 22.20 12.07
CA ILE C 50 1.42 23.09 11.30
C ILE C 50 2.16 22.37 10.18
N ILE C 51 2.39 23.05 9.06
CA ILE C 51 3.33 22.61 8.02
C ILE C 51 4.47 23.59 7.85
N LEU C 52 5.70 23.11 7.95
CA LEU C 52 6.86 23.96 7.69
C LEU C 52 7.53 23.47 6.41
N HIS C 53 7.72 24.36 5.42
CA HIS C 53 8.33 23.96 4.13
C HIS C 53 9.26 25.02 3.54
N SER C 54 10.33 24.54 2.90
CA SER C 54 11.49 25.35 2.45
C SER C 54 11.55 26.03 1.06
N PRO C 55 11.36 25.35 -0.08
CA PRO C 55 11.90 24.06 -0.56
C PRO C 55 13.43 24.00 -0.53
N SER C 56 14.08 25.13 -0.28
CA SER C 56 15.53 25.12 -0.05
C SER C 56 15.96 24.40 1.24
N PRO C 57 16.75 23.32 1.12
CA PRO C 57 17.10 22.52 2.30
C PRO C 57 17.80 23.34 3.35
N GLY C 58 17.80 22.85 4.59
CA GLY C 58 18.56 23.47 5.66
C GLY C 58 18.20 24.90 6.01
N THR C 59 16.92 25.23 5.95
CA THR C 59 16.47 26.53 6.41
C THR C 59 16.04 26.48 7.89
N GLY C 60 15.99 25.27 8.46
CA GLY C 60 15.62 25.11 9.85
C GLY C 60 14.26 24.49 10.14
N LYS C 61 13.54 24.06 9.10
CA LYS C 61 12.23 23.43 9.27
C LYS C 61 12.22 22.34 10.34
N THR C 62 13.01 21.31 10.17
CA THR C 62 12.92 20.20 11.10
C THR C 62 13.57 20.54 12.45
N THR C 63 14.39 21.58 12.49
CA THR C 63 14.92 22.06 13.77
C THR C 63 13.86 22.80 14.58
N VAL C 64 13.19 23.76 13.96
CA VAL C 64 12.11 24.50 14.59
C VAL C 64 10.95 23.59 14.98
N ALA C 65 10.80 22.47 14.30
CA ALA C 65 9.77 21.53 14.70
C ALA C 65 10.06 21.04 16.12
N LYS C 66 11.27 20.54 16.34
CA LYS C 66 11.66 20.03 17.65
C LYS C 66 11.66 21.13 18.73
N ALA C 67 12.14 22.30 18.35
CA ALA C 67 12.12 23.45 19.25
C ALA C 67 10.72 23.87 19.70
N LEU C 68 9.78 24.01 18.77
CA LEU C 68 8.40 24.32 19.14
C LEU C 68 7.93 23.39 20.26
N CYS C 69 8.18 22.09 20.09
CA CYS C 69 7.81 21.07 21.07
C CYS C 69 8.49 21.34 22.38
N HIS C 70 9.80 21.52 22.32
CA HIS C 70 10.60 21.86 23.50
C HIS C 70 10.05 23.04 24.34
N ASP C 71 9.66 24.13 23.69
CA ASP C 71 9.17 25.34 24.36
C ASP C 71 7.80 25.18 25.03
N VAL C 72 6.92 24.39 24.43
CA VAL C 72 5.59 24.15 24.96
C VAL C 72 5.61 22.91 25.88
N ASN C 73 6.78 22.29 25.96
CA ASN C 73 6.95 21.05 26.72
C ASN C 73 5.90 20.00 26.34
N ALA C 74 5.83 19.69 25.04
CA ALA C 74 4.96 18.66 24.53
C ALA C 74 5.50 17.25 24.76
N ASP C 75 4.61 16.27 24.69
CA ASP C 75 5.01 14.88 24.64
C ASP C 75 5.02 14.62 23.16
N MET C 76 6.22 14.44 22.61
CA MET C 76 6.38 14.42 21.16
C MET C 76 6.98 13.12 20.59
N MET C 77 6.25 12.51 19.66
CA MET C 77 6.77 11.40 18.89
C MET C 77 7.34 11.96 17.59
N PHE C 78 8.61 11.67 17.33
CA PHE C 78 9.25 12.15 16.10
C PHE C 78 9.36 11.01 15.08
N VAL C 79 9.01 11.29 13.84
CA VAL C 79 8.78 10.22 12.89
C VAL C 79 9.31 10.54 11.53
N ASN C 80 10.07 9.62 10.95
CA ASN C 80 10.52 9.78 9.57
C ASN C 80 9.31 9.67 8.65
N GLY C 81 9.11 10.70 7.84
CA GLY C 81 8.01 10.74 6.91
C GLY C 81 7.88 9.48 6.09
N SER C 82 8.98 9.02 5.51
CA SER C 82 8.92 7.88 4.60
C SER C 82 8.61 6.60 5.34
N ASP C 83 8.64 6.64 6.67
CA ASP C 83 8.34 5.44 7.46
C ASP C 83 6.88 5.40 7.84
N CYS C 84 6.19 6.49 7.49
CA CYS C 84 4.85 6.85 7.93
C CYS C 84 3.69 6.30 7.09
N LYS C 85 3.77 5.06 6.67
CA LYS C 85 2.75 4.45 5.85
C LYS C 85 1.43 4.30 6.61
N ILE C 86 0.36 3.99 5.88
CA ILE C 86 -0.99 3.95 6.49
C ILE C 86 -1.13 3.06 7.73
N ASP C 87 -0.48 1.89 7.75
CA ASP C 87 -0.57 0.97 8.88
C ASP C 87 0.17 1.50 10.12
N PHE C 88 1.07 2.45 9.90
CA PHE C 88 1.74 3.14 10.98
C PHE C 88 0.75 4.10 11.65
N VAL C 89 0.00 4.84 10.85
CA VAL C 89 -0.97 5.77 11.37
C VAL C 89 -2.06 5.01 12.08
N ARG C 90 -2.47 3.89 11.51
CA ARG C 90 -3.51 3.10 12.14
C ARG C 90 -2.95 2.56 13.43
N GLY C 91 -1.77 1.93 13.39
CA GLY C 91 -1.25 1.39 14.63
C GLY C 91 -0.60 2.25 15.72
N PRO C 92 0.64 2.75 15.50
CA PRO C 92 1.32 3.39 16.65
C PRO C 92 0.85 4.79 16.89
N LEU C 93 0.66 5.55 15.83
CA LEU C 93 0.15 6.92 15.98
C LEU C 93 -1.24 7.00 16.57
N THR C 94 -2.16 6.17 16.12
CA THR C 94 -3.49 6.14 16.71
C THR C 94 -3.37 5.83 18.19
N ASN C 95 -2.46 4.94 18.56
CA ASN C 95 -2.24 4.62 19.97
C ASN C 95 -1.84 5.84 20.73
N PHE C 96 -0.76 6.46 20.28
CA PHE C 96 -0.22 7.65 20.93
C PHE C 96 -1.23 8.80 20.97
N ALA C 97 -1.93 9.02 19.87
CA ALA C 97 -2.87 10.13 19.81
C ALA C 97 -4.10 9.92 20.71
N SER C 98 -4.49 8.66 20.91
CA SER C 98 -5.61 8.36 21.78
C SER C 98 -5.22 8.27 23.27
N ALA C 99 -4.02 7.77 23.55
CA ALA C 99 -3.53 7.76 24.94
C ALA C 99 -3.42 9.15 25.54
N ALA C 100 -3.63 9.27 26.84
CA ALA C 100 -3.57 10.57 27.49
C ALA C 100 -2.23 10.73 28.17
N SER C 101 -1.52 11.81 27.84
CA SER C 101 -0.32 12.12 28.57
C SER C 101 -0.76 12.50 29.99
N PHE C 102 -0.02 11.96 30.94
CA PHE C 102 -0.38 11.95 32.36
C PHE C 102 0.23 13.05 33.21
N ASP C 103 0.89 14.01 32.56
CA ASP C 103 1.31 15.29 33.10
C ASP C 103 0.53 16.45 32.50
N GLY C 104 -0.44 16.14 31.65
CA GLY C 104 -1.18 17.20 30.96
C GLY C 104 -0.33 17.99 29.95
N ARG C 105 0.37 17.25 29.10
CA ARG C 105 1.19 17.87 28.08
C ARG C 105 0.47 17.76 26.75
N GLN C 106 0.61 18.81 25.95
CA GLN C 106 0.18 18.79 24.56
C GLN C 106 0.88 17.60 23.94
N LYS C 107 0.13 16.74 23.26
CA LYS C 107 0.79 15.65 22.55
C LYS C 107 1.02 16.14 21.14
N VAL C 108 2.18 15.86 20.56
CA VAL C 108 2.49 16.35 19.22
C VAL C 108 3.22 15.29 18.39
N ILE C 109 2.78 15.08 17.15
CA ILE C 109 3.45 14.13 16.28
C ILE C 109 4.21 14.86 15.18
N VAL C 110 5.52 14.80 15.19
CA VAL C 110 6.33 15.45 14.17
C VAL C 110 6.64 14.49 13.04
N ILE C 111 6.12 14.74 11.86
CA ILE C 111 6.42 13.87 10.74
C ILE C 111 7.36 14.61 9.85
N ASP C 112 8.61 14.19 9.83
CA ASP C 112 9.67 14.91 9.14
C ASP C 112 9.76 14.50 7.68
N GLU C 113 9.91 15.45 6.78
CA GLU C 113 10.11 15.09 5.38
C GLU C 113 8.98 14.16 4.88
N PHE C 114 7.75 14.67 4.97
CA PHE C 114 6.53 13.96 4.60
C PHE C 114 6.09 14.14 3.15
N ASP C 115 6.93 14.72 2.32
CA ASP C 115 6.51 15.10 0.98
C ASP C 115 6.69 14.05 -0.09
N ARG C 116 7.01 12.83 0.30
CA ARG C 116 7.07 11.70 -0.66
C ARG C 116 5.74 11.37 -1.35
N SER C 117 5.82 10.89 -2.57
CA SER C 117 4.65 10.74 -3.45
C SER C 117 3.79 9.53 -3.07
N GLY C 118 4.44 8.41 -2.83
CA GLY C 118 3.79 7.18 -2.44
C GLY C 118 3.12 7.19 -1.08
N LEU C 119 3.16 8.30 -0.37
CA LEU C 119 2.48 8.36 0.91
C LEU C 119 1.13 9.04 0.85
N ALA C 120 0.71 9.46 -0.35
CA ALA C 120 -0.56 10.16 -0.49
C ALA C 120 -1.68 9.35 0.15
N GLU C 121 -1.61 8.03 0.05
CA GLU C 121 -2.65 7.23 0.62
C GLU C 121 -2.69 7.44 2.13
N SER C 122 -1.52 7.44 2.77
CA SER C 122 -1.42 7.66 4.21
C SER C 122 -1.91 9.04 4.57
N GLN C 123 -1.57 10.05 3.77
CA GLN C 123 -2.00 11.41 4.04
C GLN C 123 -3.50 11.57 4.00
N ARG C 124 -4.16 10.94 3.04
CA ARG C 124 -5.59 11.02 3.03
C ARG C 124 -6.12 10.40 4.31
N HIS C 125 -5.63 9.21 4.64
CA HIS C 125 -6.10 8.54 5.86
C HIS C 125 -5.97 9.46 7.06
N LEU C 126 -4.93 10.29 7.04
CA LEU C 126 -4.66 11.23 8.11
C LEU C 126 -5.69 12.38 8.17
N ARG C 127 -6.36 12.67 7.06
CA ARG C 127 -7.23 13.85 7.05
C ARG C 127 -8.41 13.71 7.98
N SER C 128 -8.92 12.48 8.10
CA SER C 128 -10.03 12.22 9.01
C SER C 128 -9.55 12.08 10.45
N PHE C 129 -8.36 11.54 10.62
CA PHE C 129 -7.68 11.37 11.91
C PHE C 129 -7.48 12.73 12.57
N MET C 130 -7.00 13.70 11.82
CA MET C 130 -6.66 14.96 12.43
C MET C 130 -7.81 15.67 13.12
N GLU C 131 -9.02 15.46 12.61
CA GLU C 131 -10.23 16.03 13.23
C GLU C 131 -10.76 15.21 14.40
N ALA C 132 -10.53 13.90 14.35
CA ALA C 132 -10.96 13.02 15.42
C ALA C 132 -10.13 13.27 16.67
N TYR C 133 -8.82 13.28 16.53
CA TYR C 133 -7.93 13.48 17.65
C TYR C 133 -7.43 14.90 17.90
N SER C 134 -8.07 15.89 17.28
CA SER C 134 -7.63 17.28 17.42
C SER C 134 -7.57 17.81 18.84
N SER C 135 -8.34 17.19 19.73
CA SER C 135 -8.46 17.64 21.12
C SER C 135 -7.18 17.33 21.91
N ASN C 136 -6.66 16.13 21.73
CA ASN C 136 -5.45 15.64 22.42
C ASN C 136 -4.20 16.30 21.93
N CYS C 137 -4.02 16.12 20.62
CA CYS C 137 -2.71 16.24 20.00
C CYS C 137 -2.77 16.83 18.60
N SER C 138 -1.68 17.49 18.24
CA SER C 138 -1.55 18.16 16.95
C SER C 138 -0.38 17.57 16.19
N ILE C 139 -0.39 17.84 14.89
CA ILE C 139 0.63 17.33 14.00
C ILE C 139 1.47 18.44 13.39
N ILE C 140 2.79 18.28 13.43
CA ILE C 140 3.68 19.20 12.72
C ILE C 140 4.38 18.49 11.55
N ILE C 141 4.03 18.89 10.33
CA ILE C 141 4.59 18.27 9.14
C ILE C 141 5.74 19.12 8.61
N THR C 142 6.79 18.45 8.13
CA THR C 142 7.96 19.15 7.58
C THR C 142 8.14 18.68 6.17
N ALA C 143 8.22 19.60 5.22
CA ALA C 143 8.29 19.22 3.81
C ALA C 143 9.22 20.12 3.06
N ASN C 144 9.94 19.55 2.10
CA ASN C 144 10.73 20.35 1.15
C ASN C 144 9.91 20.85 -0.03
N ASN C 145 9.01 20.01 -0.52
CA ASN C 145 8.12 20.40 -1.60
C ASN C 145 6.65 20.29 -1.19
N ILE C 146 5.92 21.40 -1.17
CA ILE C 146 4.53 21.36 -0.73
C ILE C 146 3.64 20.47 -1.57
N ASP C 147 3.78 20.50 -2.88
CA ASP C 147 2.84 19.80 -3.73
C ASP C 147 2.76 18.31 -3.37
N GLY C 148 3.69 17.87 -2.55
CA GLY C 148 3.68 16.51 -2.04
C GLY C 148 2.85 16.29 -0.78
N ILE C 149 2.25 17.36 -0.29
CA ILE C 149 1.30 17.32 0.79
C ILE C 149 -0.05 17.55 0.13
N ILE C 150 -0.98 16.59 0.23
CA ILE C 150 -2.31 16.76 -0.37
C ILE C 150 -3.07 18.04 0.07
N LYS C 151 -3.89 18.60 -0.81
CA LYS C 151 -4.55 19.83 -0.45
C LYS C 151 -5.33 19.84 0.87
N PRO C 152 -6.09 18.77 1.16
CA PRO C 152 -6.90 18.80 2.39
C PRO C 152 -6.06 18.82 3.66
N LEU C 153 -4.80 18.44 3.59
CA LEU C 153 -3.92 18.60 4.75
C LEU C 153 -3.39 20.03 4.88
N GLN C 154 -3.27 20.74 3.77
CA GLN C 154 -2.88 22.14 3.85
C GLN C 154 -4.04 22.96 4.36
N SER C 155 -5.26 22.53 4.03
CA SER C 155 -6.47 23.16 4.54
C SER C 155 -6.46 23.11 6.06
N ARG C 156 -6.06 21.95 6.59
CA ARG C 156 -6.12 21.67 8.02
C ARG C 156 -4.99 22.32 8.82
N CYS C 157 -4.05 22.93 8.10
CA CYS C 157 -2.87 23.47 8.74
C CYS C 157 -2.62 24.94 8.51
N ARG C 158 -1.74 25.43 9.36
CA ARG C 158 -1.13 26.72 9.20
C ARG C 158 0.12 26.40 8.42
N VAL C 159 0.18 26.86 7.19
CA VAL C 159 1.32 26.59 6.33
C VAL C 159 2.30 27.72 6.47
N ILE C 160 3.44 27.46 7.10
CA ILE C 160 4.49 28.45 7.25
C ILE C 160 5.64 28.21 6.30
N THR C 161 5.97 29.21 5.50
CA THR C 161 6.90 29.01 4.40
C THR C 161 8.31 29.67 4.58
N PHE C 162 9.34 28.84 4.48
CA PHE C 162 10.67 29.21 4.93
C PHE C 162 11.61 29.80 3.88
N GLY C 163 12.77 30.26 4.35
CA GLY C 163 13.88 30.69 3.51
C GLY C 163 13.42 31.65 2.43
N GLN C 164 12.47 32.49 2.81
CA GLN C 164 11.93 33.52 1.95
C GLN C 164 11.66 34.76 2.79
N PRO C 165 12.74 35.35 3.31
CA PRO C 165 12.74 36.52 4.17
C PRO C 165 12.52 37.78 3.38
N THR C 166 12.19 38.86 4.07
CA THR C 166 12.17 40.17 3.46
C THR C 166 13.62 40.61 3.24
N ASP C 167 13.81 41.72 2.56
CA ASP C 167 15.14 42.26 2.36
C ASP C 167 15.83 42.62 3.67
N GLU C 168 15.05 43.09 4.65
CA GLU C 168 15.61 43.46 5.96
C GLU C 168 15.93 42.21 6.78
N ASP C 169 15.03 41.25 6.76
CA ASP C 169 15.26 40.00 7.47
C ASP C 169 16.56 39.41 6.99
N LYS C 170 16.73 39.33 5.68
CA LYS C 170 17.95 38.80 5.11
C LYS C 170 19.17 39.49 5.71
N ILE C 171 19.12 40.81 5.80
CA ILE C 171 20.27 41.54 6.32
C ILE C 171 20.50 41.27 7.81
N GLU C 172 19.41 41.13 8.58
CA GLU C 172 19.51 40.81 10.00
C GLU C 172 19.91 39.36 10.21
N MET C 173 19.20 38.46 9.53
CA MET C 173 19.49 37.03 9.64
C MET C 173 20.95 36.73 9.33
N MET C 174 21.50 37.41 8.33
CA MET C 174 22.89 37.21 8.00
C MET C 174 23.81 37.67 9.13
N LYS C 175 23.52 38.82 9.74
CA LYS C 175 24.31 39.29 10.87
C LYS C 175 24.26 38.27 11.99
N GLN C 176 23.04 37.81 12.31
CA GLN C 176 22.83 36.83 13.38
C GLN C 176 23.60 35.56 13.09
N MET C 177 23.60 35.11 11.84
CA MET C 177 24.30 33.89 11.47
C MET C 177 25.82 34.08 11.54
N ILE C 178 26.30 35.27 11.24
CA ILE C 178 27.72 35.56 11.38
C ILE C 178 28.10 35.51 12.86
N ARG C 179 27.35 36.19 13.71
CA ARG C 179 27.62 36.11 15.14
C ARG C 179 27.68 34.65 15.59
N ARG C 180 26.73 33.84 15.12
CA ARG C 180 26.63 32.44 15.52
C ARG C 180 27.85 31.63 15.08
N LEU C 181 28.26 31.82 13.83
CA LEU C 181 29.40 31.09 13.31
C LEU C 181 30.63 31.45 14.13
N THR C 182 30.76 32.74 14.43
CA THR C 182 31.86 33.22 15.26
C THR C 182 31.92 32.47 16.58
N GLU C 183 30.76 32.35 17.23
CA GLU C 183 30.63 31.65 18.51
C GLU C 183 30.97 30.15 18.40
N ILE C 184 30.50 29.53 17.31
CA ILE C 184 30.85 28.14 17.04
C ILE C 184 32.37 27.97 16.90
N CYS C 185 33.02 28.98 16.32
CA CYS C 185 34.47 28.91 16.15
C CYS C 185 35.20 29.00 17.47
N LYS C 186 34.72 29.85 18.37
CA LYS C 186 35.37 29.97 19.66
C LYS C 186 35.37 28.57 20.27
N HIS C 187 34.17 27.97 20.33
CA HIS C 187 33.99 26.65 20.96
C HIS C 187 34.84 25.57 20.32
N GLU C 188 34.98 25.63 19.00
CA GLU C 188 35.61 24.53 18.26
C GLU C 188 37.14 24.60 18.16
N GLY C 189 37.71 25.75 18.51
CA GLY C 189 39.15 25.93 18.40
C GLY C 189 39.54 26.35 17.00
N ILE C 190 38.60 26.97 16.28
CA ILE C 190 38.88 27.47 14.95
C ILE C 190 39.26 28.94 15.01
N ALA C 191 40.46 29.27 14.52
CA ALA C 191 41.00 30.61 14.55
C ALA C 191 40.46 31.47 13.41
N ILE C 192 39.90 32.63 13.73
CA ILE C 192 39.45 33.52 12.67
C ILE C 192 40.44 34.64 12.40
N ALA C 193 41.15 34.53 11.28
CA ALA C 193 42.13 35.54 10.89
C ALA C 193 41.49 36.71 10.15
N ASP C 194 40.53 36.39 9.29
CA ASP C 194 39.85 37.42 8.51
C ASP C 194 38.35 37.27 8.69
N MET C 195 37.70 38.26 9.29
CA MET C 195 36.27 38.16 9.48
C MET C 195 35.55 38.15 8.14
N LYS C 196 36.19 38.69 7.11
CA LYS C 196 35.57 38.78 5.79
C LYS C 196 35.23 37.41 5.22
N VAL C 197 35.99 36.37 5.59
CA VAL C 197 35.68 35.02 5.12
C VAL C 197 34.42 34.44 5.77
N VAL C 198 34.16 34.80 7.02
CA VAL C 198 32.94 34.37 7.70
C VAL C 198 31.68 34.99 7.09
N ALA C 199 31.73 36.28 6.79
CA ALA C 199 30.63 36.93 6.11
C ALA C 199 30.46 36.36 4.71
N ALA C 200 31.52 35.80 4.16
CA ALA C 200 31.47 35.28 2.80
C ALA C 200 30.74 33.95 2.78
N LEU C 201 31.09 33.08 3.72
CA LEU C 201 30.45 31.78 3.82
C LEU C 201 28.94 31.92 3.98
N VAL C 202 28.52 32.82 4.88
CA VAL C 202 27.11 33.07 5.09
C VAL C 202 26.41 33.51 3.80
N LYS C 203 26.94 34.55 3.17
CA LYS C 203 26.37 35.12 1.95
C LYS C 203 26.32 34.08 0.84
N LYS C 204 27.41 33.34 0.69
CA LYS C 204 27.50 32.35 -0.38
C LYS C 204 26.26 31.44 -0.38
N ASN C 205 26.08 30.56 0.61
CA ASN C 205 24.85 29.78 0.57
C ASN C 205 23.84 30.34 1.53
N PHE C 206 23.02 31.30 1.13
CA PHE C 206 22.25 32.01 2.14
C PHE C 206 21.10 31.28 2.73
N PRO C 207 20.19 30.82 1.86
CA PRO C 207 18.98 30.31 2.53
C PRO C 207 19.35 29.15 3.45
N ASP C 208 20.35 28.37 3.04
CA ASP C 208 20.63 27.08 3.64
C ASP C 208 21.64 27.26 4.75
N PHE C 209 21.16 27.19 5.98
CA PHE C 209 22.06 27.30 7.11
C PHE C 209 22.82 25.99 7.37
N ARG C 210 22.27 24.85 6.94
CA ARG C 210 23.00 23.61 7.15
C ARG C 210 24.28 23.63 6.35
N LYS C 211 24.19 23.93 5.04
CA LYS C 211 25.39 23.85 4.21
C LYS C 211 26.34 24.92 4.66
N THR C 212 25.81 26.05 5.10
CA THR C 212 26.69 27.12 5.55
C THR C 212 27.56 26.69 6.75
N ILE C 213 27.04 25.87 7.65
CA ILE C 213 27.87 25.30 8.71
C ILE C 213 28.71 24.11 8.23
N GLY C 214 28.13 23.26 7.39
CA GLY C 214 28.90 22.17 6.79
C GLY C 214 30.16 22.64 6.06
N GLU C 215 30.09 23.83 5.44
CA GLU C 215 31.22 24.43 4.74
C GLU C 215 32.34 24.72 5.72
N LEU C 216 32.00 25.38 6.81
CA LEU C 216 32.96 25.73 7.85
C LEU C 216 33.83 24.54 8.28
N ASP C 217 33.24 23.35 8.39
CA ASP C 217 34.01 22.14 8.69
C ASP C 217 35.11 21.92 7.64
N SER C 218 34.76 22.08 6.37
CA SER C 218 35.67 21.69 5.29
C SER C 218 36.77 22.70 5.02
N TYR C 219 36.53 23.96 5.37
CA TYR C 219 37.55 24.98 5.20
C TYR C 219 38.34 25.19 6.48
N SER C 220 38.04 24.37 7.49
CA SER C 220 38.77 24.41 8.77
C SER C 220 39.90 23.36 8.83
N SER C 221 40.18 22.69 7.72
CA SER C 221 41.15 21.59 7.72
C SER C 221 42.34 22.05 8.56
N LYS C 222 42.74 23.28 8.30
CA LYS C 222 43.92 23.92 8.90
C LYS C 222 43.67 24.77 10.14
N GLY C 223 42.52 24.59 10.77
CA GLY C 223 42.22 25.21 12.05
C GLY C 223 42.22 26.73 12.06
N VAL C 224 42.44 27.34 10.89
CA VAL C 224 42.43 28.80 10.75
C VAL C 224 41.69 29.23 9.50
N LEU C 225 41.01 30.38 9.58
CA LEU C 225 40.45 31.02 8.40
C LEU C 225 41.15 32.34 8.10
N ASP C 226 42.01 32.33 7.10
CA ASP C 226 42.83 33.49 6.77
C ASP C 226 42.50 34.02 5.38
N ALA C 227 43.22 35.04 4.97
CA ALA C 227 42.94 35.64 3.68
C ALA C 227 43.05 34.59 2.57
N GLY C 228 43.86 33.55 2.81
CA GLY C 228 44.10 32.48 1.84
C GLY C 228 42.90 31.57 1.64
N ILE C 229 42.13 31.37 2.71
CA ILE C 229 40.90 30.60 2.62
C ILE C 229 39.86 31.45 1.89
N LEU C 230 39.92 32.75 2.11
CA LEU C 230 38.99 33.69 1.50
C LEU C 230 39.01 33.60 -0.01
N SER C 231 40.18 33.32 -0.58
CA SER C 231 40.32 33.16 -2.03
C SER C 231 39.53 31.96 -2.55
N LEU C 232 39.49 30.89 -1.74
CA LEU C 232 38.81 29.66 -2.11
C LEU C 232 37.31 29.73 -1.88
N VAL C 233 36.91 30.63 -0.97
CA VAL C 233 35.50 30.80 -0.63
C VAL C 233 34.75 31.67 -1.64
N THR C 234 35.38 32.80 -1.98
CA THR C 234 34.88 33.70 -3.03
C THR C 234 35.24 33.14 -4.38
N ASN C 235 36.23 32.25 -4.33
CA ASN C 235 37.14 31.95 -5.42
C ASN C 235 36.61 31.15 -6.60
N ASP C 236 37.03 31.62 -7.78
CA ASP C 236 37.08 30.82 -8.98
C ASP C 236 35.78 30.17 -9.44
N ARG C 237 35.91 28.88 -9.68
CA ARG C 237 35.14 28.15 -10.67
C ARG C 237 35.97 28.47 -11.90
N GLY C 238 36.97 29.33 -11.67
CA GLY C 238 37.94 29.73 -12.66
C GLY C 238 37.38 30.79 -13.60
N ALA C 239 38.24 31.27 -14.48
CA ALA C 239 37.79 31.84 -15.75
C ALA C 239 37.22 30.76 -16.67
N ILE C 240 36.66 31.22 -17.78
CA ILE C 240 36.05 30.40 -18.82
C ILE C 240 36.87 30.21 -20.12
N ASP C 241 38.08 30.76 -20.16
CA ASP C 241 38.81 30.90 -21.42
C ASP C 241 38.82 29.69 -22.36
N ASP C 242 39.09 28.48 -21.85
CA ASP C 242 39.21 27.31 -22.72
C ASP C 242 37.95 27.02 -23.52
N VAL C 243 36.79 27.34 -22.93
CA VAL C 243 35.52 27.17 -23.62
C VAL C 243 35.28 28.28 -24.63
N LEU C 244 35.40 29.53 -24.18
CA LEU C 244 35.22 30.69 -25.06
C LEU C 244 36.09 30.61 -26.32
N GLU C 245 37.31 30.11 -26.17
CA GLU C 245 38.21 29.94 -27.29
C GLU C 245 37.72 28.79 -28.18
N SER C 246 37.42 27.64 -27.59
CA SER C 246 36.98 26.48 -28.35
C SER C 246 35.68 26.76 -29.09
N LEU C 247 34.85 27.62 -28.51
CA LEU C 247 33.66 28.10 -29.19
C LEU C 247 33.96 28.95 -30.45
N LYS C 248 34.78 30.01 -30.32
CA LYS C 248 35.17 30.81 -31.48
C LYS C 248 35.69 29.91 -32.60
N ASN C 249 36.65 29.03 -32.26
CA ASN C 249 37.31 28.17 -33.25
C ASN C 249 36.35 27.18 -33.88
N LYS C 250 35.13 27.09 -33.34
CA LYS C 250 34.08 26.17 -33.80
C LYS C 250 34.58 24.74 -33.86
N ASP C 251 35.51 24.35 -33.00
CA ASP C 251 35.88 22.95 -33.01
C ASP C 251 35.08 22.18 -31.98
N VAL C 252 35.13 20.87 -32.04
CA VAL C 252 34.10 20.07 -31.40
C VAL C 252 34.73 19.12 -30.43
N LYS C 253 35.64 18.29 -30.93
CA LYS C 253 36.29 17.33 -30.07
C LYS C 253 36.65 18.03 -28.78
N GLN C 254 37.14 19.26 -28.89
CA GLN C 254 37.51 20.03 -27.70
C GLN C 254 36.27 20.40 -26.86
N LEU C 255 35.26 20.97 -27.51
CA LEU C 255 33.98 21.20 -26.83
C LEU C 255 33.42 19.94 -26.19
N ARG C 256 33.44 18.83 -26.93
CA ARG C 256 32.96 17.53 -26.45
C ARG C 256 33.70 17.13 -25.19
N ALA C 257 34.96 17.51 -25.10
CA ALA C 257 35.82 17.16 -23.97
C ALA C 257 35.66 18.04 -22.74
N LEU C 258 35.34 19.32 -22.99
CA LEU C 258 35.14 20.29 -21.90
C LEU C 258 33.78 20.14 -21.18
N ALA C 259 32.82 19.50 -21.85
CA ALA C 259 31.50 19.29 -21.28
C ALA C 259 31.54 18.73 -19.86
N PRO C 260 32.16 17.56 -19.68
CA PRO C 260 32.22 16.94 -18.37
C PRO C 260 32.88 17.81 -17.30
N LYS C 261 33.84 18.62 -17.72
CA LYS C 261 34.52 19.47 -16.78
C LYS C 261 33.56 20.38 -16.02
N TYR C 262 32.79 21.15 -16.78
CA TYR C 262 31.88 22.14 -16.18
C TYR C 262 30.50 21.60 -15.84
N ALA C 263 30.23 20.33 -16.14
CA ALA C 263 28.95 19.72 -15.79
C ALA C 263 28.85 19.71 -14.29
N ALA C 264 30.02 19.74 -13.66
CA ALA C 264 30.18 19.70 -12.20
C ALA C 264 29.22 20.63 -11.45
N ASP C 265 29.42 21.94 -11.53
CA ASP C 265 28.32 22.81 -11.13
C ASP C 265 27.76 23.64 -12.28
N TYR C 266 26.56 23.28 -12.71
CA TYR C 266 26.05 23.83 -13.94
C TYR C 266 25.54 25.25 -13.73
N SER C 267 24.74 25.47 -12.69
CA SER C 267 24.06 26.76 -12.56
C SER C 267 25.03 27.90 -12.51
N TRP C 268 26.22 27.65 -11.96
CA TRP C 268 27.24 28.68 -11.95
C TRP C 268 27.82 28.84 -13.33
N PHE C 269 28.17 27.72 -13.95
CA PHE C 269 28.82 27.82 -15.24
C PHE C 269 27.96 28.55 -16.25
N VAL C 270 26.74 28.07 -16.41
CA VAL C 270 25.80 28.71 -17.31
C VAL C 270 25.73 30.23 -17.11
N GLY C 271 25.80 30.67 -15.84
CA GLY C 271 25.83 32.08 -15.49
C GLY C 271 27.06 32.83 -16.00
N LYS C 272 28.26 32.28 -15.74
CA LYS C 272 29.48 32.88 -16.29
C LYS C 272 29.43 32.98 -17.82
N LEU C 273 28.91 31.93 -18.45
CA LEU C 273 28.89 31.88 -19.90
C LEU C 273 28.07 33.03 -20.47
N ALA C 274 26.92 33.30 -19.85
CA ALA C 274 26.09 34.43 -20.29
C ALA C 274 26.87 35.71 -20.13
N GLU C 275 27.31 35.97 -18.91
CA GLU C 275 28.12 37.15 -18.60
C GLU C 275 29.37 37.35 -19.51
N GLU C 276 30.15 36.30 -19.72
CA GLU C 276 31.34 36.45 -20.53
C GLU C 276 31.09 36.52 -22.05
N ILE C 277 30.11 35.78 -22.58
CA ILE C 277 29.90 35.80 -24.03
C ILE C 277 29.32 37.11 -24.47
N TYR C 278 28.53 37.70 -23.61
CA TYR C 278 27.85 38.94 -23.95
C TYR C 278 28.83 39.91 -24.57
N SER C 279 29.98 40.06 -23.92
CA SER C 279 30.99 41.00 -24.36
C SER C 279 31.68 40.59 -25.65
N ARG C 280 31.79 39.30 -25.89
CA ARG C 280 32.63 38.78 -26.95
C ARG C 280 31.95 38.52 -28.30
N VAL C 281 30.66 38.80 -28.40
CA VAL C 281 29.94 38.47 -29.61
C VAL C 281 29.13 39.66 -30.18
N THR C 282 28.78 39.63 -31.46
CA THR C 282 28.03 40.72 -32.09
C THR C 282 26.59 40.86 -31.54
N PRO C 283 26.03 42.07 -31.64
CA PRO C 283 24.72 42.49 -31.13
C PRO C 283 23.51 41.58 -31.37
N GLN C 284 23.32 41.02 -32.56
CA GLN C 284 22.15 40.14 -32.69
C GLN C 284 22.55 38.70 -32.40
N SER C 285 23.84 38.49 -32.17
CA SER C 285 24.27 37.25 -31.57
C SER C 285 23.94 37.25 -30.07
N ILE C 286 23.82 38.42 -29.45
CA ILE C 286 23.46 38.50 -28.05
C ILE C 286 22.04 38.00 -27.87
N ILE C 287 21.11 38.58 -28.60
CA ILE C 287 19.73 38.10 -28.53
C ILE C 287 19.58 36.58 -28.79
N ARG C 288 20.36 36.04 -29.72
CA ARG C 288 20.34 34.59 -29.97
C ARG C 288 20.96 33.80 -28.83
N MET C 289 21.97 34.37 -28.18
CA MET C 289 22.71 33.64 -27.16
C MET C 289 21.87 33.49 -25.90
N TYR C 290 20.96 34.43 -25.67
CA TYR C 290 20.09 34.34 -24.50
C TYR C 290 19.02 33.30 -24.79
N GLU C 291 18.46 33.34 -26.00
CA GLU C 291 17.52 32.30 -26.38
C GLU C 291 18.12 30.91 -26.30
N ILE C 292 19.38 30.76 -26.72
CA ILE C 292 20.04 29.44 -26.65
C ILE C 292 20.42 28.99 -25.24
N VAL C 293 21.05 29.88 -24.46
CA VAL C 293 21.44 29.59 -23.08
C VAL C 293 20.23 29.55 -22.14
N GLY C 294 19.31 30.48 -22.33
CA GLY C 294 18.11 30.51 -21.52
C GLY C 294 17.34 29.22 -21.65
N GLU C 295 17.12 28.76 -22.88
CA GLU C 295 16.36 27.57 -23.11
C GLU C 295 17.07 26.37 -22.49
N ASN C 296 18.40 26.33 -22.62
CA ASN C 296 19.19 25.19 -22.12
C ASN C 296 19.17 25.10 -20.60
N ASN C 297 19.21 26.26 -19.96
CA ASN C 297 19.21 26.37 -18.52
C ASN C 297 17.85 25.94 -18.02
N GLN C 298 16.85 26.27 -18.81
CA GLN C 298 15.46 26.07 -18.47
C GLN C 298 15.06 24.60 -18.36
N TYR C 299 15.60 23.76 -19.22
CA TYR C 299 15.25 22.38 -19.17
C TYR C 299 16.23 21.55 -18.35
N HIS C 300 17.29 22.20 -17.86
CA HIS C 300 18.25 21.40 -17.12
C HIS C 300 17.55 20.94 -15.88
N GLY C 301 17.60 19.62 -15.61
CA GLY C 301 16.92 19.14 -14.42
C GLY C 301 15.64 18.41 -14.76
N ILE C 302 15.16 18.61 -15.99
CA ILE C 302 14.52 17.53 -16.72
C ILE C 302 15.57 16.67 -17.44
N ALA C 303 16.57 17.31 -18.02
CA ALA C 303 17.53 16.57 -18.81
C ALA C 303 18.28 15.55 -17.97
N ALA C 304 18.29 14.31 -18.44
CA ALA C 304 18.76 13.21 -17.61
C ALA C 304 20.29 13.17 -17.50
N ASN C 305 20.97 13.27 -18.63
CA ASN C 305 22.43 13.26 -18.65
C ASN C 305 22.90 14.68 -18.76
N THR C 306 23.48 15.21 -17.68
CA THR C 306 23.75 16.65 -17.59
C THR C 306 25.00 17.02 -18.35
N GLU C 307 25.94 16.10 -18.44
CA GLU C 307 27.12 16.32 -19.25
C GLU C 307 26.78 16.43 -20.72
N LEU C 308 25.84 15.61 -21.19
CA LEU C 308 25.42 15.64 -22.58
C LEU C 308 24.69 16.97 -22.87
N HIS C 309 23.89 17.40 -21.90
CA HIS C 309 23.10 18.61 -22.01
C HIS C 309 24.02 19.82 -22.16
N LEU C 310 25.22 19.69 -21.61
CA LEU C 310 26.20 20.75 -21.71
C LEU C 310 26.83 20.70 -23.10
N ALA C 311 27.16 19.50 -23.55
CA ALA C 311 27.65 19.35 -24.92
C ALA C 311 26.63 19.96 -25.89
N TYR C 312 25.36 19.69 -25.66
CA TYR C 312 24.33 20.14 -26.59
C TYR C 312 24.35 21.67 -26.67
N LEU C 313 24.62 22.29 -25.54
CA LEU C 313 24.68 23.75 -25.48
C LEU C 313 25.84 24.28 -26.29
N PHE C 314 26.98 23.61 -26.18
CA PHE C 314 28.18 24.03 -26.90
C PHE C 314 27.99 23.93 -28.41
N ILE C 315 27.51 22.79 -28.89
CA ILE C 315 27.29 22.65 -30.32
C ILE C 315 26.38 23.78 -30.81
N GLN C 316 25.32 24.06 -30.07
CA GLN C 316 24.36 25.10 -30.49
C GLN C 316 25.01 26.47 -30.65
N LEU C 317 25.76 26.89 -29.64
CA LEU C 317 26.46 28.18 -29.65
C LEU C 317 27.55 28.26 -30.73
N ALA C 318 28.33 27.19 -30.88
CA ALA C 318 29.41 27.13 -31.85
C ALA C 318 28.95 27.60 -33.22
N CYS C 319 27.80 27.07 -33.64
CA CYS C 319 27.23 27.33 -34.97
C CYS C 319 26.60 28.68 -35.15
N GLU C 320 25.81 29.11 -34.16
CA GLU C 320 25.03 30.33 -34.32
C GLU C 320 25.69 31.62 -33.84
N MET C 321 26.80 31.48 -33.13
CA MET C 321 27.53 32.65 -32.68
C MET C 321 28.45 33.23 -33.78
N GLN C 322 28.21 34.49 -34.17
CA GLN C 322 29.15 35.32 -34.93
C GLN C 322 30.00 36.09 -33.93
N TRP C 323 31.31 35.95 -33.96
CA TRP C 323 32.19 36.48 -32.93
C TRP C 323 32.89 37.78 -33.34
N LYS C 324 32.99 38.73 -32.40
CA LYS C 324 33.82 39.92 -32.59
C LYS C 324 35.23 39.61 -32.11
N ILE D 7 52.36 -1.35 -3.91
CA ILE D 7 51.19 -1.69 -4.72
C ILE D 7 50.33 -2.74 -4.01
N THR D 8 49.06 -2.82 -4.41
CA THR D 8 48.07 -3.59 -3.65
C THR D 8 47.37 -4.67 -4.44
N VAL D 9 47.47 -5.93 -4.00
CA VAL D 9 46.83 -7.03 -4.75
C VAL D 9 45.86 -7.85 -3.93
N ASN D 10 44.68 -8.06 -4.51
CA ASN D 10 43.71 -8.95 -3.93
C ASN D 10 43.74 -10.18 -4.81
N GLU D 11 44.37 -11.23 -4.32
CA GLU D 11 44.86 -12.32 -5.21
C GLU D 11 43.75 -13.27 -5.63
N LYS D 12 42.67 -13.28 -4.88
CA LYS D 12 41.58 -14.18 -5.18
C LYS D 12 40.69 -13.62 -6.30
N GLU D 13 40.95 -12.39 -6.74
CA GLU D 13 40.11 -11.74 -7.77
C GLU D 13 40.55 -12.00 -9.22
N HIS D 14 39.62 -12.43 -10.05
CA HIS D 14 39.92 -12.95 -11.37
C HIS D 14 39.82 -11.90 -12.45
N ILE D 15 39.29 -10.73 -12.10
CA ILE D 15 39.21 -9.63 -13.05
C ILE D 15 40.25 -8.58 -12.69
N LEU D 16 40.84 -7.96 -13.71
CA LEU D 16 41.98 -7.10 -13.45
C LEU D 16 41.65 -5.89 -12.57
N GLU D 17 40.50 -5.24 -12.82
CA GLU D 17 40.14 -4.02 -12.11
C GLU D 17 39.77 -4.29 -10.65
N GLN D 18 39.24 -5.47 -10.36
CA GLN D 18 38.86 -5.81 -8.99
C GLN D 18 40.06 -6.22 -8.10
N LYS D 19 41.08 -6.83 -8.70
CA LYS D 19 42.22 -7.31 -7.92
C LYS D 19 43.44 -6.40 -7.84
N TYR D 20 43.42 -5.27 -8.55
CA TYR D 20 44.42 -4.19 -8.35
C TYR D 20 44.10 -2.82 -7.69
N ARG D 21 42.87 -2.59 -7.25
CA ARG D 21 42.41 -1.25 -6.87
C ARG D 21 43.25 -0.55 -5.76
N PRO D 22 43.78 0.71 -6.01
CA PRO D 22 44.61 1.28 -4.93
C PRO D 22 43.93 1.07 -3.59
N SER D 23 44.72 0.64 -2.60
CA SER D 23 44.27 0.25 -1.28
C SER D 23 44.05 1.44 -0.34
N THR D 24 44.91 2.44 -0.46
CA THR D 24 44.92 3.58 0.47
C THR D 24 44.87 4.90 -0.29
N ILE D 25 44.53 5.96 0.44
CA ILE D 25 44.39 7.29 -0.13
C ILE D 25 45.65 7.80 -0.82
N ASP D 26 46.83 7.34 -0.39
CA ASP D 26 48.10 7.80 -0.97
C ASP D 26 48.38 7.13 -2.30
N GLU D 27 48.09 5.83 -2.37
CA GLU D 27 48.27 5.07 -3.60
C GLU D 27 47.45 5.62 -4.77
N CYS D 28 46.40 6.35 -4.44
CA CYS D 28 45.55 6.99 -5.44
C CYS D 28 46.22 8.18 -6.16
N ILE D 29 46.07 8.22 -7.48
CA ILE D 29 46.46 9.41 -8.23
C ILE D 29 45.36 10.49 -8.36
N LEU D 30 45.61 11.66 -7.75
CA LEU D 30 44.59 12.69 -7.63
C LEU D 30 45.19 14.10 -7.84
N PRO D 31 44.32 15.08 -8.13
CA PRO D 31 44.68 16.49 -7.97
C PRO D 31 45.29 16.77 -6.57
N ALA D 32 46.27 17.66 -6.53
CA ALA D 32 46.83 18.07 -5.25
C ALA D 32 45.78 18.43 -4.14
N PHE D 33 44.99 19.49 -4.37
CA PHE D 33 44.07 19.96 -3.33
C PHE D 33 43.13 18.84 -2.90
N ASP D 34 42.81 17.96 -3.86
CA ASP D 34 41.90 16.84 -3.59
C ASP D 34 42.53 15.81 -2.64
N LYS D 35 43.75 15.38 -2.97
CA LYS D 35 44.49 14.47 -2.11
C LYS D 35 44.67 15.05 -0.69
N GLU D 36 45.14 16.29 -0.62
CA GLU D 36 45.27 17.00 0.64
C GLU D 36 43.98 17.09 1.47
N THR D 37 42.85 17.36 0.82
CA THR D 37 41.56 17.37 1.51
C THR D 37 41.18 15.96 2.04
N PHE D 38 41.56 14.92 1.30
CA PHE D 38 41.36 13.57 1.79
C PHE D 38 42.25 13.19 2.98
N LYS D 39 43.53 13.57 2.90
CA LYS D 39 44.44 13.42 4.04
C LYS D 39 43.87 14.13 5.27
N SER D 40 43.49 15.40 5.08
CA SER D 40 42.90 16.18 6.13
C SER D 40 41.80 15.38 6.80
N ILE D 41 40.94 14.78 5.96
CA ILE D 41 39.82 14.00 6.47
C ILE D 41 40.28 12.78 7.27
N THR D 42 41.15 11.96 6.71
CA THR D 42 41.58 10.77 7.39
C THR D 42 42.28 11.13 8.71
N SER D 43 42.87 12.32 8.76
CA SER D 43 43.53 12.82 9.97
C SER D 43 42.60 13.00 11.17
N LYS D 44 41.54 13.75 10.96
CA LYS D 44 40.57 14.02 12.02
C LYS D 44 39.95 12.73 12.57
N GLY D 45 40.14 11.61 11.86
CA GLY D 45 39.78 10.30 12.37
C GLY D 45 38.30 9.94 12.23
N LYS D 46 37.46 10.96 12.03
CA LYS D 46 36.04 10.76 11.77
C LYS D 46 35.69 11.24 10.36
N ILE D 47 34.75 10.55 9.72
CA ILE D 47 34.35 10.82 8.33
C ILE D 47 32.94 11.40 8.25
N PRO D 48 32.79 12.60 7.68
CA PRO D 48 31.49 13.26 7.47
C PRO D 48 30.70 12.61 6.32
N HIS D 49 29.52 13.12 6.02
CA HIS D 49 28.77 12.59 4.88
C HIS D 49 29.41 13.15 3.64
N ILE D 50 29.72 12.31 2.66
CA ILE D 50 30.41 12.79 1.48
C ILE D 50 29.78 12.29 0.17
N ILE D 51 29.82 13.15 -0.86
CA ILE D 51 29.55 12.74 -2.23
C ILE D 51 30.79 12.87 -3.13
N LEU D 52 31.15 11.80 -3.81
CA LEU D 52 32.20 11.86 -4.82
C LEU D 52 31.55 11.71 -6.20
N HIS D 53 31.81 12.66 -7.11
CA HIS D 53 31.27 12.53 -8.49
C HIS D 53 32.22 13.00 -9.59
N SER D 54 32.30 12.26 -10.70
CA SER D 54 33.13 12.64 -11.86
C SER D 54 32.76 13.78 -12.87
N PRO D 55 31.77 13.62 -13.75
CA PRO D 55 30.94 12.58 -14.39
C PRO D 55 31.72 11.64 -15.32
N SER D 56 32.97 12.00 -15.63
CA SER D 56 33.86 11.11 -16.40
C SER D 56 34.26 9.82 -15.65
N PRO D 57 33.89 8.65 -16.22
CA PRO D 57 34.10 7.38 -15.49
C PRO D 57 35.58 7.13 -15.18
N GLY D 58 35.84 6.19 -14.27
CA GLY D 58 37.21 5.83 -13.94
C GLY D 58 38.13 6.95 -13.47
N THR D 59 37.63 7.90 -12.70
CA THR D 59 38.53 8.89 -12.12
C THR D 59 39.02 8.44 -10.75
N GLY D 60 38.41 7.37 -10.24
CA GLY D 60 38.71 6.85 -8.91
C GLY D 60 37.70 7.07 -7.75
N LYS D 61 36.51 7.57 -8.08
CA LYS D 61 35.46 7.80 -7.07
C LYS D 61 35.21 6.62 -6.12
N THR D 62 34.81 5.50 -6.70
CA THR D 62 34.50 4.35 -5.86
C THR D 62 35.75 3.70 -5.28
N THR D 63 36.93 3.98 -5.84
CA THR D 63 38.16 3.52 -5.21
C THR D 63 38.48 4.32 -3.97
N VAL D 64 38.42 5.64 -4.10
CA VAL D 64 38.72 6.53 -2.99
C VAL D 64 37.72 6.34 -1.85
N ALA D 65 36.51 5.90 -2.20
CA ALA D 65 35.51 5.62 -1.18
C ALA D 65 36.02 4.49 -0.27
N LYS D 66 36.43 3.38 -0.85
CA LYS D 66 36.92 2.27 -0.05
C LYS D 66 38.18 2.67 0.70
N ALA D 67 39.05 3.43 0.05
CA ALA D 67 40.29 3.88 0.68
C ALA D 67 40.03 4.73 1.91
N LEU D 68 39.20 5.75 1.78
CA LEU D 68 38.87 6.57 2.94
C LEU D 68 38.51 5.72 4.16
N CYS D 69 37.69 4.70 3.93
CA CYS D 69 37.28 3.78 4.97
C CYS D 69 38.49 3.06 5.54
N HIS D 70 39.30 2.50 4.64
CA HIS D 70 40.51 1.78 5.01
C HIS D 70 41.45 2.59 5.93
N ASP D 71 41.60 3.88 5.63
CA ASP D 71 42.53 4.78 6.36
C ASP D 71 42.06 5.16 7.77
N VAL D 72 40.74 5.32 7.91
CA VAL D 72 40.11 5.64 9.21
C VAL D 72 39.74 4.36 9.98
N ASN D 73 39.92 3.23 9.32
CA ASN D 73 39.58 1.93 9.87
C ASN D 73 38.10 1.89 10.30
N ALA D 74 37.24 2.24 9.35
CA ALA D 74 35.81 2.17 9.56
C ALA D 74 35.23 0.75 9.47
N ASP D 75 34.07 0.57 10.05
CA ASP D 75 33.30 -0.63 9.82
C ASP D 75 32.39 -0.23 8.66
N MET D 76 32.60 -0.80 7.49
CA MET D 76 31.94 -0.28 6.29
C MET D 76 31.13 -1.29 5.54
N MET D 77 29.88 -0.94 5.28
CA MET D 77 29.03 -1.74 4.44
C MET D 77 29.08 -1.12 3.07
N PHE D 78 29.41 -1.92 2.07
CA PHE D 78 29.48 -1.41 0.70
C PHE D 78 28.29 -1.88 -0.10
N VAL D 79 27.66 -0.96 -0.80
CA VAL D 79 26.37 -1.26 -1.38
C VAL D 79 26.23 -0.74 -2.79
N ASN D 80 25.77 -1.60 -3.69
CA ASN D 80 25.42 -1.17 -5.03
C ASN D 80 24.24 -0.21 -4.96
N GLY D 81 24.41 0.96 -5.56
CA GLY D 81 23.37 1.96 -5.52
C GLY D 81 22.03 1.42 -5.98
N SER D 82 22.02 0.74 -7.12
CA SER D 82 20.78 0.30 -7.74
C SER D 82 20.09 -0.79 -6.95
N ASP D 83 20.80 -1.31 -5.95
CA ASP D 83 20.24 -2.28 -5.04
C ASP D 83 19.64 -1.65 -3.80
N CYS D 84 19.83 -0.34 -3.65
CA CYS D 84 19.48 0.28 -2.40
C CYS D 84 18.12 0.95 -2.53
N LYS D 85 17.08 0.16 -2.36
CA LYS D 85 15.74 0.67 -2.56
C LYS D 85 15.22 0.99 -1.17
N ILE D 86 14.02 1.55 -1.06
CA ILE D 86 13.60 2.07 0.23
C ILE D 86 13.54 0.97 1.30
N ASP D 87 13.22 -0.25 0.89
CA ASP D 87 13.07 -1.33 1.88
C ASP D 87 14.40 -1.88 2.37
N PHE D 88 15.44 -1.57 1.62
CA PHE D 88 16.79 -1.87 2.06
C PHE D 88 17.24 -0.87 3.12
N VAL D 89 16.98 0.42 2.91
CA VAL D 89 17.35 1.43 3.88
C VAL D 89 16.59 1.19 5.17
N ARG D 90 15.31 0.84 5.04
CA ARG D 90 14.50 0.56 6.22
C ARG D 90 15.08 -0.66 6.90
N GLY D 91 15.30 -1.73 6.14
CA GLY D 91 15.79 -2.91 6.81
C GLY D 91 17.25 -3.05 7.20
N PRO D 92 18.12 -3.50 6.28
CA PRO D 92 19.48 -3.79 6.72
C PRO D 92 20.30 -2.57 7.12
N LEU D 93 20.22 -1.47 6.36
CA LEU D 93 20.95 -0.26 6.69
C LEU D 93 20.54 0.37 8.02
N THR D 94 19.25 0.40 8.30
CA THR D 94 18.81 0.91 9.59
C THR D 94 19.40 0.05 10.68
N ASN D 95 19.42 -1.27 10.49
CA ASN D 95 20.05 -2.18 11.46
C ASN D 95 21.50 -1.82 11.71
N PHE D 96 22.27 -1.79 10.62
CA PHE D 96 23.69 -1.48 10.68
C PHE D 96 23.95 -0.12 11.31
N ALA D 97 23.17 0.89 10.91
CA ALA D 97 23.41 2.27 11.36
C ALA D 97 23.05 2.47 12.82
N SER D 98 22.08 1.69 13.30
CA SER D 98 21.73 1.74 14.70
C SER D 98 22.69 0.87 15.56
N ALA D 99 23.09 -0.30 15.06
CA ALA D 99 24.00 -1.17 15.82
C ALA D 99 25.32 -0.46 16.15
N ALA D 100 25.92 -0.76 17.29
CA ALA D 100 27.19 -0.15 17.66
C ALA D 100 28.34 -1.07 17.34
N SER D 101 29.30 -0.58 16.57
CA SER D 101 30.49 -1.36 16.33
C SER D 101 31.20 -1.47 17.67
N PHE D 102 31.71 -2.66 17.93
CA PHE D 102 32.22 -3.01 19.25
C PHE D 102 33.72 -2.88 19.47
N ASP D 103 34.40 -2.29 18.50
CA ASP D 103 35.76 -1.81 18.61
C ASP D 103 35.84 -0.30 18.58
N GLY D 104 34.68 0.35 18.52
CA GLY D 104 34.62 1.80 18.46
C GLY D 104 35.10 2.33 17.14
N ARG D 105 34.57 1.75 16.07
CA ARG D 105 34.94 2.16 14.74
C ARG D 105 33.85 3.04 14.18
N GLN D 106 34.25 4.08 13.46
CA GLN D 106 33.33 4.85 12.65
C GLN D 106 32.60 3.81 11.81
N LYS D 107 31.28 3.87 11.80
CA LYS D 107 30.54 3.05 10.86
C LYS D 107 30.31 3.89 9.60
N VAL D 108 30.42 3.29 8.43
CA VAL D 108 30.26 4.05 7.20
C VAL D 108 29.51 3.20 6.18
N ILE D 109 28.54 3.81 5.52
CA ILE D 109 27.83 3.12 4.44
C ILE D 109 28.22 3.68 3.08
N VAL D 110 28.88 2.89 2.25
CA VAL D 110 29.25 3.35 0.91
C VAL D 110 28.19 2.92 -0.11
N ILE D 111 27.50 3.90 -0.67
CA ILE D 111 26.52 3.58 -1.70
C ILE D 111 27.10 3.97 -3.04
N ASP D 112 27.43 2.97 -3.84
CA ASP D 112 28.17 3.19 -5.07
C ASP D 112 27.20 3.45 -6.21
N GLU D 113 27.49 4.44 -7.05
CA GLU D 113 26.72 4.67 -8.28
C GLU D 113 25.25 4.85 -7.96
N PHE D 114 24.99 5.84 -7.11
CA PHE D 114 23.66 6.12 -6.53
C PHE D 114 22.83 7.07 -7.34
N ASP D 115 23.30 7.37 -8.56
CA ASP D 115 22.76 8.43 -9.42
C ASP D 115 21.33 8.32 -9.95
N ARG D 116 20.92 7.13 -10.41
CA ARG D 116 19.66 7.01 -11.13
C ARG D 116 18.48 7.42 -10.26
N SER D 117 17.52 8.14 -10.84
CA SER D 117 16.39 8.62 -10.05
C SER D 117 15.30 7.57 -10.00
N GLY D 118 15.62 6.32 -10.29
CA GLY D 118 14.66 5.26 -10.01
C GLY D 118 14.49 5.26 -8.50
N LEU D 119 15.49 5.85 -7.84
CA LEU D 119 15.80 5.74 -6.44
C LEU D 119 15.46 6.98 -5.66
N ALA D 120 14.94 7.99 -6.34
CA ALA D 120 14.69 9.27 -5.72
C ALA D 120 13.87 8.99 -4.46
N GLU D 121 12.98 8.02 -4.54
CA GLU D 121 12.14 7.77 -3.40
C GLU D 121 13.00 7.31 -2.21
N SER D 122 13.93 6.42 -2.48
CA SER D 122 14.88 6.00 -1.47
C SER D 122 15.74 7.16 -0.91
N GLN D 123 16.22 8.02 -1.79
CA GLN D 123 17.05 9.13 -1.40
C GLN D 123 16.35 10.06 -0.45
N ARG D 124 15.07 10.33 -0.72
CA ARG D 124 14.32 11.18 0.19
C ARG D 124 14.23 10.49 1.54
N HIS D 125 13.87 9.23 1.52
CA HIS D 125 13.76 8.50 2.75
C HIS D 125 15.05 8.65 3.53
N LEU D 126 16.15 8.67 2.81
CA LEU D 126 17.48 8.82 3.41
C LEU D 126 17.73 10.18 4.08
N ARG D 127 17.02 11.21 3.66
CA ARG D 127 17.37 12.53 4.14
C ARG D 127 17.08 12.69 5.63
N SER D 128 16.06 11.99 6.09
CA SER D 128 15.70 12.04 7.50
C SER D 128 16.59 11.13 8.31
N PHE D 129 16.98 10.03 7.67
CA PHE D 129 17.84 9.01 8.25
C PHE D 129 19.20 9.58 8.60
N MET D 130 19.77 10.32 7.67
CA MET D 130 21.14 10.81 7.87
C MET D 130 21.29 11.65 9.12
N GLU D 131 20.23 12.36 9.52
CA GLU D 131 20.23 13.23 10.69
C GLU D 131 20.00 12.44 11.96
N ALA D 132 19.18 11.41 11.84
CA ALA D 132 18.89 10.53 12.96
C ALA D 132 20.11 9.75 13.38
N TYR D 133 20.78 9.05 12.45
CA TYR D 133 21.96 8.37 12.92
C TYR D 133 23.24 9.01 12.42
N SER D 134 23.45 10.27 12.78
CA SER D 134 24.62 10.98 12.28
C SER D 134 25.72 10.79 13.28
N SER D 135 25.32 10.34 14.47
CA SER D 135 26.23 10.17 15.60
C SER D 135 27.09 8.91 15.42
N ASN D 136 26.44 7.82 14.99
CA ASN D 136 27.13 6.55 14.75
C ASN D 136 27.97 6.57 13.53
N CYS D 137 27.32 6.87 12.42
CA CYS D 137 27.82 6.47 11.12
C CYS D 137 27.49 7.50 10.05
N SER D 138 28.35 7.56 9.03
CA SER D 138 28.21 8.52 7.96
C SER D 138 28.04 7.80 6.66
N ILE D 139 27.57 8.53 5.66
CA ILE D 139 27.35 7.96 4.35
C ILE D 139 28.31 8.54 3.28
N ILE D 140 28.90 7.68 2.46
CA ILE D 140 29.65 8.14 1.31
C ILE D 140 28.94 7.69 0.02
N ILE D 141 28.41 8.67 -0.69
CA ILE D 141 27.74 8.42 -1.97
C ILE D 141 28.68 8.63 -3.17
N THR D 142 28.56 7.75 -4.17
CA THR D 142 29.38 7.82 -5.35
C THR D 142 28.45 8.06 -6.50
N ALA D 143 28.68 9.11 -7.28
CA ALA D 143 27.82 9.38 -8.43
C ALA D 143 28.55 9.81 -9.70
N ASN D 144 28.06 9.35 -10.86
CA ASN D 144 28.61 9.81 -12.14
C ASN D 144 27.96 11.14 -12.50
N ASN D 145 26.66 11.24 -12.29
CA ASN D 145 25.92 12.47 -12.62
C ASN D 145 25.23 13.02 -11.38
N ILE D 146 25.58 14.24 -10.96
CA ILE D 146 25.03 14.76 -9.70
C ILE D 146 23.52 14.96 -9.68
N ASP D 147 22.98 15.44 -10.78
CA ASP D 147 21.58 15.83 -10.76
C ASP D 147 20.69 14.65 -10.41
N GLY D 148 21.29 13.45 -10.35
CA GLY D 148 20.64 12.23 -9.94
C GLY D 148 20.63 12.06 -8.43
N ILE D 149 21.30 12.97 -7.74
CA ILE D 149 21.30 13.04 -6.28
C ILE D 149 20.41 14.21 -5.89
N ILE D 150 19.33 13.95 -5.16
CA ILE D 150 18.39 15.01 -4.80
C ILE D 150 19.06 16.15 -4.06
N LYS D 151 18.53 17.36 -4.19
CA LYS D 151 19.19 18.51 -3.58
C LYS D 151 19.42 18.43 -2.05
N PRO D 152 18.45 17.94 -1.30
CA PRO D 152 18.65 17.90 0.15
C PRO D 152 19.72 16.92 0.60
N LEU D 153 20.10 15.96 -0.22
CA LEU D 153 21.26 15.15 0.12
C LEU D 153 22.58 15.88 -0.19
N GLN D 154 22.58 16.78 -1.16
CA GLN D 154 23.77 17.54 -1.46
C GLN D 154 23.98 18.55 -0.34
N SER D 155 22.88 19.03 0.20
CA SER D 155 22.95 19.93 1.34
C SER D 155 23.64 19.26 2.54
N ARG D 156 23.32 18.00 2.74
CA ARG D 156 23.81 17.28 3.90
C ARG D 156 25.25 16.78 3.75
N CYS D 157 25.82 16.96 2.56
CA CYS D 157 27.15 16.44 2.28
C CYS D 157 28.17 17.47 1.86
N ARG D 158 29.41 17.03 1.91
CA ARG D 158 30.52 17.69 1.26
C ARG D 158 30.60 17.06 -0.09
N VAL D 159 30.35 17.88 -1.10
CA VAL D 159 30.37 17.41 -2.45
C VAL D 159 31.77 17.63 -2.97
N ILE D 160 32.50 16.55 -3.21
CA ILE D 160 33.81 16.64 -3.85
C ILE D 160 33.74 16.23 -5.32
N THR D 161 34.24 17.12 -6.18
CA THR D 161 34.11 16.90 -7.61
C THR D 161 35.43 16.54 -8.37
N PHE D 162 35.40 15.46 -9.16
CA PHE D 162 36.57 15.06 -9.96
C PHE D 162 36.85 15.83 -11.27
N GLY D 163 38.04 15.64 -11.85
CA GLY D 163 38.36 16.03 -13.22
C GLY D 163 39.11 17.25 -13.79
N GLN D 164 39.72 18.09 -12.97
CA GLN D 164 40.44 19.26 -13.49
C GLN D 164 41.89 19.27 -13.04
N PRO D 165 42.64 18.29 -13.53
CA PRO D 165 44.09 18.15 -13.37
C PRO D 165 44.83 19.29 -14.05
N THR D 166 45.93 19.75 -13.45
CA THR D 166 46.75 20.76 -14.10
C THR D 166 47.60 20.12 -15.19
N ASP D 167 48.18 20.93 -16.06
CA ASP D 167 49.13 20.41 -17.05
C ASP D 167 50.27 19.56 -16.45
N GLU D 168 50.77 19.95 -15.27
CA GLU D 168 51.86 19.22 -14.59
C GLU D 168 51.36 17.93 -13.97
N ASP D 169 50.24 18.01 -13.26
CA ASP D 169 49.59 16.83 -12.72
C ASP D 169 49.40 15.78 -13.80
N LYS D 170 48.87 16.20 -14.95
CA LYS D 170 48.67 15.28 -16.04
C LYS D 170 49.98 14.56 -16.40
N ILE D 171 51.07 15.31 -16.41
CA ILE D 171 52.34 14.71 -16.79
C ILE D 171 52.89 13.77 -15.71
N GLU D 172 52.70 14.15 -14.45
CA GLU D 172 53.09 13.27 -13.35
C GLU D 172 52.17 12.06 -13.23
N MET D 173 50.86 12.31 -13.17
CA MET D 173 49.86 11.25 -13.06
C MET D 173 50.09 10.20 -14.13
N MET D 174 50.44 10.63 -15.34
CA MET D 174 50.65 9.67 -16.39
C MET D 174 51.87 8.82 -16.10
N LYS D 175 52.93 9.44 -15.57
CA LYS D 175 54.13 8.69 -15.20
C LYS D 175 53.77 7.66 -14.15
N GLN D 176 53.07 8.11 -13.11
CA GLN D 176 52.63 7.25 -12.02
C GLN D 176 51.79 6.07 -12.53
N MET D 177 50.92 6.34 -13.48
CA MET D 177 50.07 5.28 -14.01
C MET D 177 50.88 4.30 -14.84
N ILE D 178 51.90 4.80 -15.53
CA ILE D 178 52.76 3.92 -16.32
C ILE D 178 53.54 3.00 -15.38
N ARG D 179 54.13 3.57 -14.32
CA ARG D 179 54.81 2.74 -13.31
C ARG D 179 53.86 1.68 -12.79
N ARG D 180 52.63 2.08 -12.49
CA ARG D 180 51.64 1.17 -11.92
C ARG D 180 51.30 0.04 -12.90
N LEU D 181 51.02 0.38 -14.15
CA LEU D 181 50.73 -0.62 -15.15
C LEU D 181 51.87 -1.63 -15.29
N THR D 182 53.09 -1.12 -15.28
CA THR D 182 54.29 -1.96 -15.33
C THR D 182 54.26 -2.98 -14.20
N GLU D 183 53.99 -2.49 -12.99
CA GLU D 183 53.95 -3.34 -11.81
C GLU D 183 52.85 -4.42 -11.93
N ILE D 184 51.68 -4.01 -12.40
CA ILE D 184 50.58 -4.96 -12.64
C ILE D 184 51.01 -6.05 -13.62
N CYS D 185 51.86 -5.69 -14.58
CA CYS D 185 52.31 -6.65 -15.57
C CYS D 185 53.26 -7.66 -14.99
N LYS D 186 54.15 -7.22 -14.10
CA LYS D 186 55.04 -8.16 -13.45
C LYS D 186 54.16 -9.20 -12.77
N HIS D 187 53.28 -8.75 -11.88
CA HIS D 187 52.41 -9.65 -11.14
C HIS D 187 51.58 -10.61 -12.01
N GLU D 188 51.13 -10.12 -13.16
CA GLU D 188 50.15 -10.86 -13.96
C GLU D 188 50.77 -11.84 -14.95
N GLY D 189 52.09 -11.73 -15.12
CA GLY D 189 52.78 -12.57 -16.09
C GLY D 189 52.66 -12.04 -17.51
N ILE D 190 52.41 -10.74 -17.62
CA ILE D 190 52.32 -10.08 -18.92
C ILE D 190 53.65 -9.45 -19.35
N ALA D 191 54.12 -9.93 -20.51
CA ALA D 191 55.42 -9.56 -21.03
C ALA D 191 55.45 -8.20 -21.70
N ILE D 192 56.32 -7.30 -21.24
CA ILE D 192 56.40 -6.01 -21.95
C ILE D 192 57.60 -5.93 -22.89
N ALA D 193 57.30 -6.03 -24.19
CA ALA D 193 58.33 -5.99 -25.22
C ALA D 193 58.69 -4.54 -25.59
N ASP D 194 57.68 -3.70 -25.65
CA ASP D 194 57.90 -2.30 -26.01
C ASP D 194 57.26 -1.39 -24.98
N MET D 195 58.06 -0.59 -24.27
CA MET D 195 57.49 0.27 -23.24
C MET D 195 56.62 1.35 -23.85
N LYS D 196 56.87 1.64 -25.13
CA LYS D 196 56.07 2.64 -25.81
C LYS D 196 54.57 2.31 -25.83
N VAL D 197 54.21 1.03 -25.95
CA VAL D 197 52.79 0.67 -25.95
C VAL D 197 52.12 0.98 -24.60
N VAL D 198 52.86 0.84 -23.49
CA VAL D 198 52.30 1.15 -22.16
C VAL D 198 52.03 2.64 -22.01
N ALA D 199 52.97 3.45 -22.47
CA ALA D 199 52.75 4.89 -22.45
C ALA D 199 51.59 5.28 -23.37
N ALA D 200 51.33 4.45 -24.38
CA ALA D 200 50.29 4.75 -25.34
C ALA D 200 48.91 4.47 -24.75
N LEU D 201 48.77 3.32 -24.08
CA LEU D 201 47.50 2.98 -23.45
C LEU D 201 47.11 4.07 -22.45
N VAL D 202 48.08 4.54 -21.66
CA VAL D 202 47.77 5.55 -20.65
C VAL D 202 47.26 6.83 -21.29
N LYS D 203 48.06 7.35 -22.24
CA LYS D 203 47.72 8.56 -22.99
C LYS D 203 46.37 8.43 -23.71
N LYS D 204 46.18 7.33 -24.43
CA LYS D 204 44.94 7.12 -25.17
C LYS D 204 43.69 7.43 -24.33
N ASN D 205 43.37 6.64 -23.29
CA ASN D 205 42.24 7.08 -22.48
C ASN D 205 42.70 7.70 -21.17
N PHE D 206 42.99 8.99 -21.16
CA PHE D 206 43.67 9.52 -19.98
C PHE D 206 42.88 9.70 -18.73
N PRO D 207 41.77 10.43 -18.81
CA PRO D 207 41.15 10.69 -17.50
C PRO D 207 40.79 9.37 -16.85
N ASP D 208 40.41 8.40 -17.68
CA ASP D 208 39.74 7.18 -17.22
C ASP D 208 40.77 6.11 -16.93
N PHE D 209 41.06 5.89 -15.66
CA PHE D 209 42.01 4.86 -15.29
C PHE D 209 41.38 3.47 -15.34
N ARG D 210 40.06 3.38 -15.19
CA ARG D 210 39.44 2.06 -15.28
C ARG D 210 39.61 1.53 -16.68
N LYS D 211 39.20 2.29 -17.70
CA LYS D 211 39.24 1.71 -19.02
C LYS D 211 40.68 1.43 -19.38
N THR D 212 41.59 2.30 -18.92
CA THR D 212 43.02 2.10 -19.22
C THR D 212 43.56 0.76 -18.69
N ILE D 213 43.05 0.29 -17.55
CA ILE D 213 43.38 -1.07 -17.08
C ILE D 213 42.56 -2.15 -17.80
N GLY D 214 41.28 -1.87 -18.03
CA GLY D 214 40.46 -2.80 -18.78
C GLY D 214 41.00 -3.09 -20.18
N GLU D 215 41.60 -2.07 -20.80
CA GLU D 215 42.27 -2.22 -22.09
C GLU D 215 43.35 -3.30 -21.97
N LEU D 216 44.21 -3.16 -20.95
CA LEU D 216 45.36 -4.03 -20.76
C LEU D 216 44.98 -5.50 -20.76
N ASP D 217 43.82 -5.81 -20.21
CA ASP D 217 43.29 -7.17 -20.27
C ASP D 217 43.09 -7.65 -21.73
N SER D 218 42.61 -6.75 -22.59
CA SER D 218 42.33 -7.11 -23.97
C SER D 218 43.61 -7.60 -24.66
N TYR D 219 44.72 -6.99 -24.31
CA TYR D 219 46.04 -7.40 -24.82
C TYR D 219 46.44 -8.75 -24.25
N SER D 220 45.68 -9.18 -23.24
CA SER D 220 45.98 -10.36 -22.43
C SER D 220 46.08 -11.70 -23.16
N SER D 221 45.31 -11.89 -24.22
CA SER D 221 45.16 -13.23 -24.82
C SER D 221 46.50 -13.80 -25.28
N LYS D 222 47.35 -12.96 -25.87
CA LYS D 222 48.75 -13.30 -26.06
C LYS D 222 49.43 -12.46 -24.99
N GLY D 223 50.17 -13.09 -24.08
CA GLY D 223 50.47 -12.38 -22.85
C GLY D 223 51.57 -11.32 -22.98
N VAL D 224 52.11 -11.21 -24.19
CA VAL D 224 53.00 -10.10 -24.56
C VAL D 224 52.45 -8.79 -25.14
N LEU D 225 53.15 -7.67 -24.86
CA LEU D 225 52.93 -6.40 -25.56
C LEU D 225 54.15 -6.00 -26.38
N ALA D 239 29.41 -2.65 -24.77
CA ALA D 239 29.26 -1.99 -26.06
C ALA D 239 27.83 -1.72 -26.49
N ILE D 240 27.74 -0.91 -27.53
CA ILE D 240 26.50 -0.48 -28.15
C ILE D 240 26.17 -1.17 -29.48
N ASP D 241 27.02 -2.10 -29.93
CA ASP D 241 27.02 -2.51 -31.33
C ASP D 241 25.64 -2.81 -31.92
N ASP D 242 24.79 -3.52 -31.20
CA ASP D 242 23.52 -3.94 -31.78
C ASP D 242 22.63 -2.76 -32.18
N VAL D 243 22.73 -1.66 -31.45
CA VAL D 243 22.02 -0.44 -31.82
C VAL D 243 22.67 0.27 -33.00
N LEU D 244 23.99 0.51 -32.90
CA LEU D 244 24.72 1.19 -33.95
C LEU D 244 24.51 0.53 -35.29
N GLU D 245 24.40 -0.79 -35.30
CA GLU D 245 24.25 -1.53 -36.54
C GLU D 245 22.83 -1.38 -37.05
N SER D 246 21.87 -1.53 -36.15
CA SER D 246 20.46 -1.45 -36.54
C SER D 246 20.13 -0.05 -37.02
N LEU D 247 20.85 0.94 -36.49
CA LEU D 247 20.72 2.32 -36.97
C LEU D 247 21.18 2.46 -38.43
N LYS D 248 22.42 2.02 -38.73
CA LYS D 248 22.95 2.10 -40.10
C LYS D 248 21.97 1.44 -41.06
N ASN D 249 21.54 0.23 -40.72
CA ASN D 249 20.65 -0.54 -41.58
C ASN D 249 19.30 0.11 -41.75
N LYS D 250 19.04 1.15 -40.97
CA LYS D 250 17.74 1.85 -40.98
C LYS D 250 16.54 0.93 -40.78
N ASP D 251 16.72 -0.18 -40.06
CA ASP D 251 15.55 -1.01 -39.82
C ASP D 251 14.92 -0.61 -38.49
N VAL D 252 13.74 -1.13 -38.23
CA VAL D 252 12.91 -0.51 -37.20
C VAL D 252 12.46 -1.54 -36.21
N LYS D 253 11.81 -2.58 -36.70
CA LYS D 253 11.37 -3.62 -35.80
C LYS D 253 12.51 -3.89 -34.83
N GLN D 254 13.75 -3.97 -35.32
CA GLN D 254 14.90 -4.20 -34.44
C GLN D 254 15.15 -3.02 -33.45
N LEU D 255 15.18 -1.79 -33.97
CA LEU D 255 15.22 -0.61 -33.11
C LEU D 255 14.05 -0.57 -32.10
N ARG D 256 12.85 -0.85 -32.58
CA ARG D 256 11.70 -0.90 -31.69
C ARG D 256 11.89 -1.90 -30.57
N ALA D 257 12.63 -2.97 -30.85
CA ALA D 257 12.86 -4.02 -29.87
C ALA D 257 13.98 -3.68 -28.89
N LEU D 258 14.98 -2.95 -29.37
CA LEU D 258 16.13 -2.62 -28.53
C LEU D 258 15.77 -1.53 -27.52
N ALA D 259 14.72 -0.78 -27.80
CA ALA D 259 14.39 0.35 -26.94
C ALA D 259 14.33 -0.05 -25.46
N PRO D 260 13.49 -1.05 -25.13
CA PRO D 260 13.26 -1.44 -23.73
C PRO D 260 14.54 -1.95 -23.07
N LYS D 261 15.45 -2.52 -23.86
CA LYS D 261 16.72 -2.97 -23.31
C LYS D 261 17.49 -1.85 -22.61
N TYR D 262 17.73 -0.76 -23.32
CA TYR D 262 18.55 0.31 -22.79
C TYR D 262 17.76 1.37 -22.06
N ALA D 263 16.44 1.25 -22.04
CA ALA D 263 15.62 2.18 -21.25
C ALA D 263 16.01 2.09 -19.78
N ALA D 264 16.53 0.92 -19.43
CA ALA D 264 16.94 0.59 -18.07
C ALA D 264 17.72 1.72 -17.40
N ASP D 265 18.94 1.98 -17.84
CA ASP D 265 19.56 3.23 -17.41
C ASP D 265 19.84 4.14 -18.62
N TYR D 266 19.05 5.20 -18.71
CA TYR D 266 19.05 6.04 -19.88
C TYR D 266 20.24 6.98 -19.91
N SER D 267 20.50 7.67 -18.81
CA SER D 267 21.52 8.73 -18.81
C SER D 267 22.87 8.19 -19.24
N TRP D 268 23.17 6.94 -18.88
CA TRP D 268 24.42 6.34 -19.34
C TRP D 268 24.35 6.01 -20.83
N PHE D 269 23.27 5.36 -21.25
CA PHE D 269 23.14 4.93 -22.64
C PHE D 269 23.27 6.09 -23.60
N VAL D 270 22.44 7.10 -23.41
CA VAL D 270 22.48 8.32 -24.20
C VAL D 270 23.91 8.85 -24.32
N GLY D 271 24.67 8.76 -23.23
CA GLY D 271 26.06 9.19 -23.19
C GLY D 271 26.90 8.40 -24.14
N LYS D 272 26.81 7.07 -24.02
CA LYS D 272 27.58 6.21 -24.93
C LYS D 272 27.20 6.47 -26.38
N LEU D 273 25.95 6.67 -26.69
CA LEU D 273 25.48 6.83 -28.06
C LEU D 273 26.11 8.07 -28.69
N ALA D 274 26.17 9.16 -27.94
CA ALA D 274 26.85 10.36 -28.42
C ALA D 274 28.30 10.03 -28.74
N GLU D 275 29.01 9.54 -27.72
CA GLU D 275 30.43 9.17 -27.86
C GLU D 275 30.70 8.25 -29.04
N GLU D 276 29.91 7.19 -29.19
CA GLU D 276 30.16 6.20 -30.24
C GLU D 276 29.70 6.59 -31.63
N ILE D 277 28.62 7.34 -31.75
CA ILE D 277 28.16 7.74 -33.09
C ILE D 277 29.07 8.79 -33.68
N TYR D 278 29.61 9.63 -32.81
CA TYR D 278 30.44 10.74 -33.23
C TYR D 278 31.44 10.28 -34.27
N SER D 279 32.15 9.20 -33.95
CA SER D 279 33.17 8.62 -34.82
C SER D 279 32.63 7.99 -36.11
N ARG D 280 31.41 7.46 -36.07
CA ARG D 280 30.92 6.62 -37.15
C ARG D 280 30.09 7.35 -38.19
N VAL D 281 29.91 8.66 -38.03
CA VAL D 281 29.03 9.39 -38.94
C VAL D 281 29.68 10.66 -39.55
N THR D 282 29.15 11.12 -40.67
CA THR D 282 29.72 12.29 -41.38
C THR D 282 29.60 13.56 -40.57
N PRO D 283 30.50 14.52 -40.81
CA PRO D 283 30.67 15.83 -40.15
C PRO D 283 29.40 16.67 -39.89
N GLN D 284 28.48 16.82 -40.84
CA GLN D 284 27.31 17.63 -40.53
C GLN D 284 26.21 16.73 -40.02
N SER D 285 26.50 15.43 -39.99
CA SER D 285 25.66 14.49 -39.25
C SER D 285 25.98 14.56 -37.75
N ILE D 286 27.19 14.96 -37.40
CA ILE D 286 27.54 15.15 -36.00
C ILE D 286 26.72 16.29 -35.44
N ILE D 287 26.79 17.46 -36.04
CA ILE D 287 25.99 18.59 -35.58
C ILE D 287 24.50 18.21 -35.45
N ARG D 288 23.94 17.40 -36.41
CA ARG D 288 22.54 16.96 -36.34
C ARG D 288 22.32 16.01 -35.20
N MET D 289 23.33 15.21 -34.90
CA MET D 289 23.15 14.14 -33.92
C MET D 289 23.16 14.70 -32.51
N TYR D 290 23.81 15.83 -32.33
CA TYR D 290 23.80 16.46 -31.02
C TYR D 290 22.49 17.15 -30.83
N GLU D 291 22.03 17.86 -31.85
CA GLU D 291 20.70 18.44 -31.78
C GLU D 291 19.60 17.40 -31.52
N ILE D 292 19.70 16.22 -32.13
CA ILE D 292 18.70 15.18 -31.90
C ILE D 292 18.79 14.50 -30.51
N VAL D 293 20.00 14.07 -30.14
CA VAL D 293 20.22 13.41 -28.83
C VAL D 293 20.10 14.43 -27.71
N GLY D 294 20.62 15.62 -27.93
CA GLY D 294 20.57 16.63 -26.89
C GLY D 294 19.14 16.95 -26.51
N GLU D 295 18.28 17.07 -27.53
CA GLU D 295 16.89 17.44 -27.32
C GLU D 295 16.18 16.28 -26.65
N ASN D 296 16.50 15.08 -27.06
CA ASN D 296 15.84 13.92 -26.45
C ASN D 296 16.20 13.77 -24.99
N ASN D 297 17.48 13.91 -24.66
CA ASN D 297 17.99 13.85 -23.30
C ASN D 297 17.34 14.91 -22.43
N GLN D 298 17.17 16.07 -23.03
CA GLN D 298 16.64 17.24 -22.38
C GLN D 298 15.24 17.05 -21.84
N TYR D 299 14.38 16.42 -22.63
CA TYR D 299 13.01 16.24 -22.16
C TYR D 299 12.77 14.94 -21.39
N HIS D 300 13.83 14.04 -21.36
CA HIS D 300 13.66 12.82 -20.60
C HIS D 300 13.38 13.19 -19.16
N GLY D 301 12.23 12.72 -18.62
CA GLY D 301 11.96 13.00 -17.23
C GLY D 301 10.79 13.94 -17.13
N ILE D 302 10.46 14.60 -18.22
CA ILE D 302 9.08 14.99 -18.47
C ILE D 302 8.37 13.82 -19.14
N ALA D 303 9.06 13.18 -20.10
CA ALA D 303 8.47 12.12 -20.92
C ALA D 303 8.04 10.95 -20.05
N ALA D 304 6.77 10.55 -20.17
CA ALA D 304 6.18 9.63 -19.19
C ALA D 304 6.63 8.19 -19.39
N ASN D 305 6.55 7.72 -20.64
CA ASN D 305 6.99 6.36 -20.98
C ASN D 305 8.40 6.42 -21.54
N THR D 306 9.37 5.93 -20.78
CA THR D 306 10.79 6.19 -21.12
C THR D 306 11.29 5.25 -22.20
N GLU D 307 10.72 4.06 -22.26
CA GLU D 307 10.99 3.13 -23.34
C GLU D 307 10.54 3.68 -24.69
N LEU D 308 9.39 4.35 -24.70
CA LEU D 308 8.88 4.91 -25.92
C LEU D 308 9.76 6.09 -26.39
N HIS D 309 10.26 6.83 -25.41
CA HIS D 309 11.07 8.02 -25.63
C HIS D 309 12.40 7.64 -26.22
N LEU D 310 12.83 6.42 -25.89
CA LEU D 310 14.03 5.87 -26.49
C LEU D 310 13.73 5.43 -27.93
N ALA D 311 12.60 4.78 -28.15
CA ALA D 311 12.20 4.45 -29.50
C ALA D 311 12.20 5.69 -30.38
N TYR D 312 11.62 6.76 -29.88
CA TYR D 312 11.46 7.94 -30.68
C TYR D 312 12.83 8.47 -31.09
N LEU D 313 13.83 8.33 -30.20
CA LEU D 313 15.18 8.82 -30.49
C LEU D 313 15.76 7.99 -31.62
N PHE D 314 15.50 6.69 -31.59
CA PHE D 314 16.04 5.78 -32.60
C PHE D 314 15.49 6.14 -33.99
N ILE D 315 14.17 6.25 -34.08
CA ILE D 315 13.54 6.59 -35.36
C ILE D 315 14.18 7.84 -35.92
N GLN D 316 14.36 8.85 -35.05
CA GLN D 316 14.89 10.14 -35.48
C GLN D 316 16.27 10.05 -36.06
N LEU D 317 17.16 9.32 -35.38
CA LEU D 317 18.54 9.11 -35.84
C LEU D 317 18.64 8.25 -37.09
N ALA D 318 17.85 7.18 -37.17
CA ALA D 318 17.87 6.30 -38.35
C ALA D 318 17.77 7.09 -39.65
N CYS D 319 16.81 8.01 -39.70
CA CYS D 319 16.47 8.79 -40.89
C CYS D 319 17.48 9.85 -41.21
N GLU D 320 17.93 10.56 -40.19
CA GLU D 320 18.77 11.74 -40.43
C GLU D 320 20.28 11.49 -40.44
N MET D 321 20.70 10.31 -40.01
CA MET D 321 22.12 10.03 -39.95
C MET D 321 22.70 9.51 -41.25
N GLN D 322 23.82 10.12 -41.65
CA GLN D 322 24.63 9.66 -42.80
C GLN D 322 25.95 9.04 -42.37
N TRP D 323 26.06 7.73 -42.48
CA TRP D 323 27.21 7.03 -41.96
C TRP D 323 28.39 7.09 -42.92
N LYS D 324 29.58 7.29 -42.38
CA LYS D 324 30.76 7.14 -43.22
C LYS D 324 31.13 5.66 -43.38
N SER G 1 -16.66 -50.05 -7.80
CA SER G 1 -17.38 -50.04 -9.07
C SER G 1 -18.64 -50.93 -9.03
N LEU G 2 -19.13 -51.20 -7.83
CA LEU G 2 -20.29 -52.07 -7.68
C LEU G 2 -21.52 -51.41 -8.30
N PHE G 3 -22.68 -52.03 -8.09
CA PHE G 3 -24.00 -51.57 -8.57
C PHE G 3 -24.13 -51.80 -10.06
N LYS G 4 -23.16 -51.31 -10.83
CA LYS G 4 -22.99 -51.66 -12.20
C LYS G 4 -24.01 -51.03 -13.09
N ASP G 5 -24.82 -50.17 -12.48
CA ASP G 5 -25.75 -49.27 -13.24
C ASP G 5 -25.59 -47.98 -12.58
N ASP G 6 -24.80 -47.12 -13.20
CA ASP G 6 -24.82 -45.72 -12.83
C ASP G 6 -24.73 -44.97 -14.15
N ILE G 7 -25.77 -44.21 -14.51
CA ILE G 7 -25.60 -43.31 -15.63
C ILE G 7 -24.46 -42.47 -15.10
N GLN G 8 -23.32 -42.43 -15.79
CA GLN G 8 -22.15 -41.91 -15.11
C GLN G 8 -22.48 -40.51 -14.59
N LEU G 9 -22.30 -40.31 -13.29
CA LEU G 9 -22.40 -38.99 -12.70
C LEU G 9 -21.17 -38.18 -13.16
N ASN G 10 -21.40 -36.99 -13.70
CA ASN G 10 -20.29 -36.22 -14.30
C ASN G 10 -19.23 -35.88 -13.26
N GLU G 11 -18.02 -35.59 -13.73
CA GLU G 11 -16.87 -35.38 -12.86
C GLU G 11 -17.25 -34.47 -11.70
N HIS G 12 -18.09 -33.48 -12.00
CA HIS G 12 -18.58 -32.53 -11.03
C HIS G 12 -19.51 -33.19 -10.01
N GLN G 13 -20.60 -33.79 -10.49
CA GLN G 13 -21.59 -34.36 -9.59
C GLN G 13 -20.94 -35.21 -8.50
N VAL G 14 -19.92 -35.99 -8.86
CA VAL G 14 -19.20 -36.79 -7.88
C VAL G 14 -18.42 -35.94 -6.89
N ALA G 15 -17.80 -34.87 -7.40
CA ALA G 15 -16.98 -34.00 -6.57
C ALA G 15 -17.80 -33.53 -5.39
N TRP G 16 -18.97 -33.00 -5.74
CA TRP G 16 -19.87 -32.33 -4.82
C TRP G 16 -20.68 -33.25 -3.91
N TYR G 17 -21.37 -34.22 -4.48
CA TYR G 17 -22.33 -34.98 -3.70
C TYR G 17 -21.58 -35.71 -2.61
N SER G 18 -20.33 -36.08 -2.94
CA SER G 18 -19.48 -36.84 -2.03
C SER G 18 -18.79 -35.92 -1.04
N LYS G 19 -18.73 -34.65 -1.44
CA LYS G 19 -18.26 -33.54 -0.60
C LYS G 19 -16.84 -33.67 -0.07
N ASP G 20 -15.94 -34.18 -0.90
CA ASP G 20 -14.52 -33.95 -0.60
C ASP G 20 -14.10 -32.78 -1.47
N TRP G 21 -13.65 -31.74 -0.81
CA TRP G 21 -13.54 -30.44 -1.45
C TRP G 21 -12.29 -30.32 -2.28
N THR G 22 -11.33 -31.18 -1.98
CA THR G 22 -10.06 -31.19 -2.68
C THR G 22 -10.26 -31.67 -4.12
N ALA G 23 -11.24 -32.56 -4.31
CA ALA G 23 -11.62 -33.04 -5.64
C ALA G 23 -12.55 -32.06 -6.30
N VAL G 24 -13.41 -31.46 -5.49
CA VAL G 24 -14.22 -30.33 -5.95
C VAL G 24 -13.33 -29.19 -6.49
N GLN G 25 -12.29 -28.84 -5.73
CA GLN G 25 -11.26 -27.86 -6.14
C GLN G 25 -10.63 -28.17 -7.49
N SER G 26 -9.93 -29.29 -7.63
CA SER G 26 -9.35 -29.60 -8.94
C SER G 26 -10.41 -29.58 -10.07
N ALA G 27 -11.65 -29.95 -9.75
CA ALA G 27 -12.78 -29.73 -10.67
C ALA G 27 -12.99 -28.23 -10.90
N ALA G 28 -12.86 -27.45 -9.85
CA ALA G 28 -12.89 -26.01 -10.06
C ALA G 28 -11.73 -25.70 -10.99
N ASP G 29 -10.50 -25.99 -10.57
CA ASP G 29 -9.29 -25.56 -11.30
C ASP G 29 -9.41 -25.92 -12.77
N SER G 30 -10.27 -26.87 -13.08
CA SER G 30 -10.45 -27.35 -14.44
C SER G 30 -10.54 -26.24 -15.50
N PHE G 31 -11.38 -25.24 -15.28
CA PHE G 31 -11.60 -24.16 -16.28
C PHE G 31 -10.81 -22.84 -16.17
N LYS G 32 -9.78 -22.78 -15.32
CA LYS G 32 -9.08 -21.53 -15.00
C LYS G 32 -8.84 -20.69 -16.24
N GLU G 33 -8.41 -21.31 -17.34
CA GLU G 33 -8.55 -20.68 -18.66
C GLU G 33 -8.20 -19.17 -18.70
N LYS G 34 -7.03 -18.76 -18.22
CA LYS G 34 -6.84 -17.31 -18.04
C LYS G 34 -6.42 -16.58 -19.32
N ALA G 35 -7.34 -15.72 -19.79
CA ALA G 35 -7.15 -14.75 -20.87
C ALA G 35 -8.29 -13.71 -20.76
N GLU G 36 -8.02 -12.50 -21.25
CA GLU G 36 -8.92 -11.36 -21.18
C GLU G 36 -8.39 -10.17 -22.00
N ASN G 37 -9.14 -9.06 -22.04
CA ASN G 37 -8.62 -7.79 -22.56
C ASN G 37 -9.38 -6.93 -23.59
N GLU G 38 -9.59 -7.45 -24.80
CA GLU G 38 -10.26 -6.65 -25.84
C GLU G 38 -9.83 -5.18 -25.94
N PHE G 39 -8.52 -4.95 -25.91
CA PHE G 39 -7.94 -3.60 -25.85
C PHE G 39 -7.66 -3.32 -27.31
N PHE G 40 -7.75 -4.35 -28.14
CA PHE G 40 -7.46 -4.16 -29.56
C PHE G 40 -8.65 -3.68 -30.40
N GLU G 41 -9.80 -3.50 -29.76
CA GLU G 41 -10.93 -2.84 -30.42
C GLU G 41 -10.82 -1.35 -30.15
N ILE G 42 -10.03 -1.00 -29.14
CA ILE G 42 -9.74 0.40 -28.84
C ILE G 42 -8.63 0.91 -29.77
N ILE G 43 -7.52 0.17 -29.85
CA ILE G 43 -6.45 0.47 -30.80
C ILE G 43 -7.05 0.57 -32.19
N GLY G 44 -7.82 -0.45 -32.59
CA GLY G 44 -8.50 -0.49 -33.86
C GLY G 44 -9.32 0.74 -34.21
N ALA G 45 -10.04 1.30 -33.23
CA ALA G 45 -10.85 2.46 -33.50
C ALA G 45 -9.98 3.69 -33.71
N ILE G 46 -8.99 3.87 -32.85
CA ILE G 46 -8.02 4.94 -33.08
C ILE G 46 -7.43 4.85 -34.48
N ASN G 47 -7.06 3.64 -34.91
CA ASN G 47 -6.61 3.43 -36.29
C ASN G 47 -7.67 3.57 -37.41
N ASN G 48 -8.72 2.77 -37.35
CA ASN G 48 -9.61 2.72 -38.49
C ASN G 48 -10.55 3.90 -38.57
N LYS G 49 -10.64 4.68 -37.50
CA LYS G 49 -11.56 5.84 -37.34
C LYS G 49 -13.08 5.50 -37.32
N THR G 50 -13.36 4.29 -36.85
CA THR G 50 -14.68 3.87 -36.43
C THR G 50 -15.01 4.60 -35.12
N LYS G 51 -16.12 4.25 -34.49
CA LYS G 51 -16.48 4.90 -33.22
C LYS G 51 -16.64 3.94 -32.04
N CYS G 52 -15.92 4.21 -30.96
CA CYS G 52 -16.09 3.47 -29.71
C CYS G 52 -16.57 4.38 -28.58
N SER G 53 -15.86 5.48 -28.38
CA SER G 53 -16.20 6.51 -27.39
C SER G 53 -15.67 6.19 -25.98
N ILE G 54 -15.05 5.02 -25.83
CA ILE G 54 -14.42 4.63 -24.57
C ILE G 54 -15.40 4.67 -23.40
N ALA G 55 -14.94 5.22 -22.27
CA ALA G 55 -15.79 5.46 -21.10
C ALA G 55 -16.20 4.16 -20.41
N GLN G 56 -16.84 3.29 -21.19
CA GLN G 56 -17.42 2.04 -20.72
C GLN G 56 -16.34 0.99 -20.48
N LYS G 57 -15.34 0.94 -21.35
CA LYS G 57 -14.37 -0.14 -21.29
C LYS G 57 -13.10 0.35 -20.62
N ASP G 58 -12.38 -0.58 -19.99
CA ASP G 58 -11.12 -0.22 -19.37
C ASP G 58 -10.11 0.13 -20.46
N TYR G 59 -9.27 1.09 -20.10
CA TYR G 59 -8.36 1.74 -21.01
C TYR G 59 -6.99 1.70 -20.34
N SER G 60 -5.94 1.60 -21.14
CA SER G 60 -4.61 1.58 -20.59
C SER G 60 -3.77 2.56 -21.34
N LYS G 61 -3.40 3.68 -20.70
CA LYS G 61 -2.54 4.61 -21.41
C LYS G 61 -1.24 3.89 -21.80
N PHE G 62 -0.80 2.94 -20.98
CA PHE G 62 0.42 2.21 -21.31
C PHE G 62 0.20 1.31 -22.48
N MET G 63 -0.89 0.53 -22.43
CA MET G 63 -1.21 -0.41 -23.51
C MET G 63 -1.55 0.22 -24.87
N VAL G 64 -2.28 1.34 -24.87
CA VAL G 64 -2.60 1.99 -26.14
C VAL G 64 -1.37 2.66 -26.77
N GLU G 65 -0.53 3.26 -25.91
CA GLU G 65 0.66 3.99 -26.35
C GLU G 65 1.67 3.02 -26.95
N ASN G 66 1.83 1.88 -26.28
CA ASN G 66 2.81 0.87 -26.68
C ASN G 66 2.40 0.22 -27.99
N ALA G 67 1.10 -0.04 -28.12
CA ALA G 67 0.62 -0.75 -29.31
C ALA G 67 0.94 0.09 -30.53
N LEU G 68 0.45 1.32 -30.53
CA LEU G 68 0.76 2.28 -31.58
C LEU G 68 2.26 2.51 -31.73
N SER G 69 3.00 2.39 -30.63
CA SER G 69 4.45 2.61 -30.59
C SER G 69 5.12 1.83 -31.71
N GLN G 70 4.42 0.83 -32.24
CA GLN G 70 4.88 0.01 -33.37
C GLN G 70 5.20 0.73 -34.67
N PHE G 71 4.18 1.38 -35.23
CA PHE G 71 4.25 1.95 -36.56
C PHE G 71 4.66 3.40 -36.51
N PRO G 72 5.80 3.71 -37.15
CA PRO G 72 6.42 5.04 -37.16
C PRO G 72 5.47 6.13 -37.60
N GLU G 73 4.41 5.82 -38.35
CA GLU G 73 3.42 6.83 -38.71
C GLU G 73 2.79 7.47 -37.46
N CYS G 74 2.66 6.66 -36.41
CA CYS G 74 2.13 7.08 -35.12
C CYS G 74 3.09 7.77 -34.14
N MET G 75 4.36 7.36 -34.12
CA MET G 75 5.28 7.85 -33.11
C MET G 75 5.15 9.33 -32.78
N PRO G 76 5.02 10.21 -33.78
CA PRO G 76 4.79 11.62 -33.45
C PRO G 76 3.65 11.84 -32.44
N ALA G 77 2.53 11.13 -32.60
CA ALA G 77 1.35 11.32 -31.75
C ALA G 77 1.53 10.69 -30.38
N VAL G 78 2.17 9.53 -30.35
CA VAL G 78 2.47 8.84 -29.10
C VAL G 78 3.57 9.57 -28.33
N TYR G 79 4.59 9.96 -29.06
CA TYR G 79 5.64 10.76 -28.51
C TYR G 79 4.96 11.89 -27.73
N ALA G 80 3.87 12.43 -28.28
CA ALA G 80 3.25 13.64 -27.72
C ALA G 80 2.59 13.41 -26.38
N MET G 81 1.84 12.31 -26.32
CA MET G 81 1.00 12.00 -25.16
C MET G 81 1.88 11.38 -24.16
N ASN G 82 3.11 11.17 -24.56
CA ASN G 82 4.10 10.58 -23.70
C ASN G 82 4.76 11.68 -22.89
N LEU G 83 5.29 12.69 -23.55
CA LEU G 83 5.72 13.85 -22.79
C LEU G 83 4.53 14.49 -22.09
N ILE G 84 3.55 14.94 -22.87
CA ILE G 84 2.38 15.65 -22.36
C ILE G 84 1.25 14.85 -21.67
N GLY G 85 1.02 13.62 -22.14
CA GLY G 85 -0.15 12.86 -21.74
C GLY G 85 -0.20 12.40 -20.29
N SER G 86 0.98 12.24 -19.69
CA SER G 86 1.02 11.95 -18.27
C SER G 86 0.17 13.08 -17.73
N GLY G 87 -0.92 12.75 -17.04
CA GLY G 87 -1.78 13.79 -16.50
C GLY G 87 -2.96 14.29 -17.34
N LEU G 88 -3.36 13.49 -18.32
CA LEU G 88 -4.54 13.80 -19.10
C LEU G 88 -5.60 12.73 -18.75
N SER G 89 -6.87 13.09 -18.90
CA SER G 89 -7.96 12.15 -18.71
C SER G 89 -7.83 10.97 -19.67
N ASP G 90 -8.06 9.74 -19.24
CA ASP G 90 -8.10 8.62 -20.21
C ASP G 90 -9.11 8.95 -21.32
N GLU G 91 -10.20 9.60 -20.95
CA GLU G 91 -11.14 10.10 -21.93
C GLU G 91 -10.44 11.01 -22.94
N ALA G 92 -9.47 11.78 -22.45
CA ALA G 92 -8.76 12.77 -23.25
C ALA G 92 -7.68 12.14 -24.10
N HIS G 93 -6.82 11.40 -23.41
CA HIS G 93 -5.71 10.75 -24.03
C HIS G 93 -6.27 9.99 -25.22
N PHE G 94 -7.46 9.44 -25.05
CA PHE G 94 -8.15 8.77 -26.15
C PHE G 94 -8.63 9.75 -27.23
N ASN G 95 -9.36 10.79 -26.85
CA ASN G 95 -9.89 11.77 -27.81
C ASN G 95 -8.84 12.38 -28.70
N TYR G 96 -7.69 12.69 -28.08
CA TYR G 96 -6.49 13.16 -28.79
C TYR G 96 -6.03 12.22 -29.87
N LEU G 97 -5.65 11.01 -29.46
CA LEU G 97 -5.21 9.99 -30.37
C LEU G 97 -6.18 9.83 -31.53
N MET G 98 -7.48 9.98 -31.29
CA MET G 98 -8.44 9.89 -32.38
C MET G 98 -8.16 10.94 -33.45
N ALA G 99 -7.81 12.15 -33.00
CA ALA G 99 -7.64 13.29 -33.89
C ALA G 99 -6.20 13.58 -34.33
N ALA G 100 -5.27 12.69 -34.02
CA ALA G 100 -3.88 12.82 -34.47
C ALA G 100 -3.44 11.71 -35.42
N VAL G 101 -3.17 10.52 -34.88
CA VAL G 101 -2.71 9.43 -35.72
C VAL G 101 -3.67 9.06 -36.84
N PRO G 102 -3.33 9.43 -38.07
CA PRO G 102 -4.33 9.48 -39.16
C PRO G 102 -4.77 8.29 -40.06
N ARG G 103 -3.91 7.34 -40.40
CA ARG G 103 -4.22 6.46 -41.50
C ARG G 103 -5.02 5.42 -40.85
N GLY G 104 -5.24 4.29 -41.50
CA GLY G 104 -5.37 3.12 -40.66
C GLY G 104 -5.07 1.75 -41.19
N LYS G 105 -4.24 1.11 -40.40
CA LYS G 105 -3.98 -0.29 -40.43
C LYS G 105 -2.93 -0.54 -39.37
N ARG G 106 -2.80 -1.79 -38.98
CA ARG G 106 -1.57 -2.24 -38.40
C ARG G 106 -1.76 -3.72 -38.37
N TYR G 107 -0.68 -4.47 -38.49
CA TYR G 107 -0.85 -5.87 -38.33
C TYR G 107 -0.11 -6.19 -37.04
N GLY G 108 -0.21 -7.42 -36.58
CA GLY G 108 0.00 -7.68 -35.18
C GLY G 108 1.36 -7.54 -34.54
N LYS G 109 2.34 -8.29 -35.04
CA LYS G 109 3.49 -8.66 -34.22
C LYS G 109 4.21 -7.46 -33.64
N TRP G 110 4.30 -7.42 -32.30
CA TRP G 110 5.09 -6.40 -31.64
C TRP G 110 6.57 -6.75 -31.82
N ALA G 111 7.49 -5.90 -31.39
CA ALA G 111 8.85 -6.34 -31.39
C ALA G 111 9.24 -6.56 -29.96
N LYS G 112 9.68 -7.79 -29.70
CA LYS G 112 10.21 -8.15 -28.42
C LYS G 112 11.53 -8.72 -28.84
N LEU G 113 12.52 -8.55 -27.99
CA LEU G 113 13.84 -9.04 -28.28
C LEU G 113 13.92 -10.56 -28.08
N VAL G 114 15.06 -11.11 -28.47
CA VAL G 114 15.36 -12.51 -28.22
C VAL G 114 16.34 -12.55 -27.05
N GLU G 115 15.89 -13.16 -25.97
CA GLU G 115 16.73 -13.31 -24.80
C GLU G 115 17.47 -14.65 -24.92
N ASP G 116 18.80 -14.62 -24.86
CA ASP G 116 19.49 -15.87 -24.58
C ASP G 116 19.37 -15.98 -23.06
N SER G 117 18.61 -16.98 -22.60
CA SER G 117 18.19 -17.03 -21.22
C SER G 117 19.42 -17.23 -20.37
N THR G 118 20.34 -18.02 -20.94
CA THR G 118 21.63 -18.31 -20.34
C THR G 118 22.49 -17.06 -20.17
N GLU G 119 22.67 -16.32 -21.27
CA GLU G 119 23.44 -15.09 -21.23
C GLU G 119 22.92 -14.12 -20.17
N VAL G 120 21.60 -14.04 -19.99
CA VAL G 120 21.01 -13.15 -18.98
C VAL G 120 21.30 -13.58 -17.54
N LEU G 121 21.11 -14.88 -17.27
CA LEU G 121 21.50 -15.48 -16.00
C LEU G 121 22.95 -15.15 -15.69
N ILE G 122 23.80 -15.21 -16.71
CA ILE G 122 25.22 -14.98 -16.52
C ILE G 122 25.55 -13.52 -16.14
N ILE G 123 24.83 -12.59 -16.74
CA ILE G 123 25.07 -11.19 -16.46
C ILE G 123 24.44 -10.89 -15.15
N LYS G 124 23.23 -11.41 -14.94
CA LYS G 124 22.55 -11.18 -13.66
C LYS G 124 23.39 -11.72 -12.51
N LEU G 125 24.12 -12.80 -12.79
CA LEU G 125 25.03 -13.38 -11.83
C LEU G 125 26.19 -12.46 -11.56
N LEU G 126 26.92 -12.11 -12.60
CA LEU G 126 28.09 -11.24 -12.46
C LEU G 126 27.79 -9.92 -11.74
N ALA G 127 26.65 -9.31 -12.06
CA ALA G 127 26.29 -8.08 -11.39
C ALA G 127 25.97 -8.32 -9.92
N LYS G 128 25.71 -9.58 -9.56
CA LYS G 128 25.44 -9.88 -8.17
C LYS G 128 26.71 -10.03 -7.35
N ARG G 129 27.64 -10.83 -7.85
CA ARG G 129 28.85 -11.12 -7.11
C ARG G 129 29.68 -9.84 -7.02
N TYR G 130 29.59 -9.02 -8.07
CA TYR G 130 30.44 -7.83 -8.20
C TYR G 130 29.86 -6.45 -7.82
N GLN G 131 28.63 -6.44 -7.32
CA GLN G 131 27.95 -5.20 -6.92
C GLN G 131 28.13 -4.06 -7.96
N VAL G 132 27.93 -4.42 -9.22
CA VAL G 132 27.89 -3.45 -10.29
C VAL G 132 26.50 -3.55 -10.93
N ASN G 133 26.06 -2.47 -11.58
CA ASN G 133 24.83 -2.55 -12.36
C ASN G 133 25.11 -3.04 -13.78
N THR G 134 24.04 -3.31 -14.54
CA THR G 134 24.11 -4.34 -15.59
C THR G 134 25.09 -4.07 -16.72
N ASN G 135 25.46 -2.82 -16.92
CA ASN G 135 26.29 -2.54 -18.08
C ASN G 135 27.75 -2.92 -17.91
N ASP G 136 28.36 -2.57 -16.77
CA ASP G 136 29.68 -3.10 -16.41
C ASP G 136 29.62 -4.64 -16.38
N ALA G 137 28.57 -5.19 -15.76
CA ALA G 137 28.45 -6.64 -15.72
C ALA G 137 28.62 -7.25 -17.11
N ILE G 138 28.06 -6.61 -18.14
CA ILE G 138 28.23 -7.08 -19.52
C ILE G 138 29.68 -6.94 -20.00
N ASN G 139 30.32 -5.85 -19.57
CA ASN G 139 31.72 -5.64 -19.87
C ASN G 139 32.51 -6.77 -19.25
N TYR G 140 32.24 -7.05 -17.98
CA TYR G 140 32.94 -8.14 -17.30
C TYR G 140 32.86 -9.43 -18.13
N LYS G 141 31.66 -9.85 -18.53
CA LYS G 141 31.53 -11.08 -19.33
C LYS G 141 32.30 -11.05 -20.68
N SER G 142 32.27 -9.93 -21.38
CA SER G 142 33.03 -9.82 -22.60
C SER G 142 34.49 -10.09 -22.24
N ILE G 143 35.00 -9.33 -21.27
CA ILE G 143 36.36 -9.51 -20.77
C ILE G 143 36.63 -10.93 -20.31
N LEU G 144 35.67 -11.51 -19.62
CA LEU G 144 35.96 -12.76 -18.91
C LEU G 144 35.95 -14.03 -19.77
N THR G 145 35.48 -13.91 -21.02
CA THR G 145 35.73 -14.94 -22.01
C THR G 145 37.22 -14.89 -22.43
N LYS G 146 37.62 -13.71 -22.91
CA LYS G 146 38.87 -13.47 -23.67
C LYS G 146 40.17 -13.66 -22.88
N ASN G 147 40.03 -14.10 -21.63
CA ASN G 147 41.09 -14.48 -20.69
C ASN G 147 40.34 -15.06 -19.49
N GLY G 148 41.04 -15.55 -18.46
CA GLY G 148 40.48 -15.63 -17.10
C GLY G 148 39.21 -16.45 -17.25
N LYS G 149 39.03 -16.88 -18.50
CA LYS G 149 38.30 -18.08 -18.83
C LYS G 149 36.97 -18.29 -18.02
N LEU G 150 35.89 -17.71 -18.53
CA LEU G 150 34.59 -17.75 -17.88
C LEU G 150 34.27 -19.02 -17.08
N PRO G 151 34.71 -20.21 -17.55
CA PRO G 151 34.51 -21.38 -16.65
C PRO G 151 35.12 -21.25 -15.23
N LEU G 152 36.20 -20.47 -15.09
CA LEU G 152 36.89 -20.36 -13.81
C LEU G 152 35.97 -19.72 -12.80
N VAL G 153 35.32 -18.63 -13.23
CA VAL G 153 34.42 -17.79 -12.44
C VAL G 153 32.96 -18.30 -12.32
N LEU G 154 32.39 -18.81 -13.40
CA LEU G 154 31.08 -19.48 -13.32
C LEU G 154 31.12 -20.70 -12.40
N LYS G 155 32.31 -21.26 -12.21
CA LYS G 155 32.47 -22.40 -11.33
C LYS G 155 32.43 -21.95 -9.88
N GLU G 156 33.03 -20.80 -9.61
CA GLU G 156 33.00 -20.22 -8.27
C GLU G 156 31.59 -19.80 -7.89
N LEU G 157 30.91 -19.18 -8.83
CA LEU G 157 29.59 -18.63 -8.55
C LEU G 157 28.46 -19.63 -8.70
N LYS G 158 28.73 -20.81 -9.27
CA LYS G 158 27.63 -21.75 -9.45
C LYS G 158 27.04 -21.89 -8.06
N GLY G 159 27.82 -21.46 -7.07
CA GLY G 159 27.39 -21.45 -5.69
C GLY G 159 26.04 -20.80 -5.49
N LEU G 160 25.87 -19.57 -5.92
CA LEU G 160 24.54 -18.99 -5.75
C LEU G 160 23.81 -19.03 -7.08
N VAL G 161 23.03 -20.08 -7.26
CA VAL G 161 21.98 -20.10 -8.26
C VAL G 161 20.60 -20.10 -7.63
N THR G 162 20.52 -19.72 -6.36
CA THR G 162 19.38 -20.03 -5.50
C THR G 162 18.08 -19.86 -6.27
N ASP G 163 17.20 -20.85 -6.17
CA ASP G 163 16.03 -20.91 -7.05
C ASP G 163 15.03 -19.78 -6.85
N ASP G 164 15.30 -18.94 -5.85
CA ASP G 164 14.68 -17.61 -5.79
C ASP G 164 15.27 -16.73 -6.89
N PHE G 165 16.56 -16.90 -7.16
CA PHE G 165 17.29 -16.14 -8.16
C PHE G 165 16.88 -16.49 -9.59
N LEU G 166 16.53 -17.76 -9.84
CA LEU G 166 16.09 -18.23 -11.16
C LEU G 166 14.75 -17.64 -11.53
N LYS G 167 13.86 -17.52 -10.54
CA LYS G 167 12.54 -16.91 -10.74
C LYS G 167 12.67 -15.48 -11.28
N GLU G 168 13.83 -14.88 -11.04
CA GLU G 168 14.16 -13.55 -11.54
C GLU G 168 14.61 -13.55 -13.00
N VAL G 169 14.99 -14.72 -13.49
CA VAL G 169 15.52 -14.85 -14.84
C VAL G 169 14.47 -15.25 -15.90
N THR G 170 13.96 -16.48 -15.82
CA THR G 170 12.84 -16.85 -16.70
C THR G 170 11.60 -17.23 -15.87
N LYS G 171 10.48 -17.46 -16.53
CA LYS G 171 9.23 -17.83 -15.84
C LYS G 171 8.67 -19.28 -15.89
N ASN G 172 9.39 -20.22 -16.50
CA ASN G 172 8.88 -21.59 -16.66
C ASN G 172 9.92 -22.68 -16.40
N VAL G 173 9.57 -23.94 -16.68
CA VAL G 173 10.53 -25.03 -16.52
C VAL G 173 11.74 -24.88 -17.43
N LYS G 174 11.69 -23.90 -18.32
CA LYS G 174 12.92 -23.44 -18.93
C LYS G 174 13.83 -23.09 -17.76
N GLU G 175 13.23 -22.63 -16.66
CA GLU G 175 13.98 -22.20 -15.47
C GLU G 175 14.63 -23.37 -14.76
N GLN G 176 14.15 -24.59 -14.98
CA GLN G 176 14.80 -25.71 -14.35
C GLN G 176 15.83 -26.39 -15.25
N LYS G 177 15.82 -26.05 -16.53
CA LYS G 177 16.84 -26.55 -17.46
C LYS G 177 18.14 -25.81 -17.17
N GLN G 178 18.00 -24.63 -16.57
CA GLN G 178 19.11 -23.76 -16.17
C GLN G 178 19.78 -24.08 -14.84
N LEU G 179 19.02 -24.52 -13.84
CA LEU G 179 19.65 -24.97 -12.61
C LEU G 179 20.79 -25.92 -12.97
N LYS G 180 20.47 -26.86 -13.85
CA LYS G 180 21.40 -27.90 -14.25
C LYS G 180 22.52 -27.39 -15.15
N LYS G 181 22.19 -26.44 -16.02
CA LYS G 181 23.08 -26.04 -17.13
C LYS G 181 24.41 -25.37 -16.75
N LEU G 182 24.45 -24.57 -15.68
CA LEU G 182 25.74 -24.07 -15.18
C LEU G 182 26.26 -24.86 -13.98
N ALA G 183 25.51 -25.90 -13.60
CA ALA G 183 26.01 -26.87 -12.63
C ALA G 183 26.90 -27.89 -13.35
N LEU G 184 27.11 -27.70 -14.66
CA LEU G 184 27.65 -28.76 -15.53
C LEU G 184 29.00 -28.56 -16.25
N GLU G 185 29.04 -27.75 -17.33
CA GLU G 185 30.14 -27.81 -18.32
C GLU G 185 31.40 -26.94 -18.06
N TRP G 186 31.42 -26.22 -16.94
CA TRP G 186 32.61 -25.49 -16.53
C TRP G 186 33.76 -26.45 -16.22
N MSE H 1 -4.97 -2.43 44.28
CA MSE H 1 -6.10 -3.29 43.97
C MSE H 1 -5.76 -4.49 43.09
O MSE H 1 -4.96 -4.39 42.16
CB MSE H 1 -7.17 -2.47 43.27
CG MSE H 1 -6.62 -1.68 42.09
SE MSE H 1 -7.99 -0.99 40.90
CE MSE H 1 -8.94 -2.68 40.58
N LYS H 2 -6.36 -5.64 43.37
CA LYS H 2 -6.13 -6.85 42.61
C LYS H 2 -7.41 -7.32 41.96
N LEU H 3 -7.29 -8.21 40.98
CA LEU H 3 -8.44 -8.80 40.29
C LEU H 3 -8.31 -10.31 40.24
N SER H 4 -9.43 -11.02 40.32
CA SER H 4 -9.42 -12.48 40.32
C SER H 4 -9.88 -13.06 38.99
N LYS H 5 -9.72 -14.37 38.83
CA LYS H 5 -10.15 -15.06 37.61
C LYS H 5 -11.57 -14.68 37.23
N ASP H 6 -12.49 -14.77 38.19
CA ASP H 6 -13.90 -14.51 37.89
C ASP H 6 -14.13 -13.11 37.29
N THR H 7 -13.61 -12.08 37.95
CA THR H 7 -13.70 -10.73 37.42
C THR H 7 -13.34 -10.70 35.92
N THR H 8 -12.08 -11.03 35.61
CA THR H 8 -11.54 -10.94 34.26
C THR H 8 -12.36 -11.70 33.21
N ALA H 9 -12.69 -12.97 33.47
CA ALA H 9 -13.55 -13.71 32.56
C ALA H 9 -14.72 -12.83 32.10
N LEU H 10 -15.16 -11.96 33.00
CA LEU H 10 -16.16 -10.97 32.66
C LEU H 10 -15.57 -10.02 31.63
N LEU H 11 -14.63 -9.17 32.04
CA LEU H 11 -14.02 -8.19 31.12
C LEU H 11 -13.55 -8.75 29.76
N LYS H 12 -13.12 -10.01 29.72
CA LYS H 12 -12.79 -10.66 28.44
C LYS H 12 -14.07 -10.77 27.63
N ASN H 13 -15.20 -10.81 28.35
CA ASN H 13 -16.52 -10.74 27.74
C ASN H 13 -16.87 -9.32 27.31
N PHE H 14 -16.86 -8.40 28.25
CA PHE H 14 -17.09 -6.99 27.96
C PHE H 14 -16.20 -6.47 26.85
N ALA H 15 -15.13 -7.20 26.56
CA ALA H 15 -14.26 -6.83 25.46
C ALA H 15 -15.00 -7.04 24.14
N THR H 16 -15.65 -8.19 23.99
CA THR H 16 -16.36 -8.55 22.76
C THR H 16 -17.52 -7.61 22.45
N ILE H 17 -17.81 -6.70 23.37
CA ILE H 17 -18.84 -5.69 23.16
C ILE H 17 -18.23 -4.33 22.79
N ASN H 18 -17.29 -3.87 23.62
CA ASN H 18 -16.49 -2.71 23.27
C ASN H 18 -15.03 -2.96 23.60
N SER H 19 -14.21 -2.95 22.54
CA SER H 19 -12.79 -3.28 22.60
C SER H 19 -12.03 -2.34 23.53
N GLY H 20 -12.69 -1.24 23.86
CA GLY H 20 -12.24 -0.37 24.92
C GLY H 20 -13.15 -0.42 26.14
N ILE H 21 -12.74 0.28 27.19
CA ILE H 21 -13.58 0.47 28.36
C ILE H 21 -13.06 1.55 29.30
N MSE H 22 -14.01 2.24 29.90
CA MSE H 22 -13.76 3.24 30.91
C MSE H 22 -14.39 2.69 32.16
O MSE H 22 -15.53 2.21 32.14
CB MSE H 22 -14.45 4.54 30.54
CG MSE H 22 -14.67 5.49 31.70
SE MSE H 22 -13.07 6.52 32.10
CE MSE H 22 -13.72 7.72 33.50
N LEU H 23 -13.63 2.74 33.26
CA LEU H 23 -14.13 2.24 34.54
C LEU H 23 -13.59 3.01 35.73
N LYS H 24 -14.46 3.25 36.70
CA LYS H 24 -14.09 3.99 37.90
C LYS H 24 -14.40 3.21 39.19
N SER H 25 -13.88 3.78 40.28
CA SER H 25 -13.92 3.24 41.64
C SER H 25 -15.28 2.72 42.08
N GLY H 26 -15.29 1.49 42.55
CA GLY H 26 -16.52 0.85 42.96
C GLY H 26 -16.45 -0.64 42.67
N GLN H 27 -17.57 -1.32 42.86
CA GLN H 27 -17.66 -2.71 42.45
C GLN H 27 -18.67 -2.79 41.30
N PHE H 28 -18.70 -1.71 40.53
CA PHE H 28 -19.50 -1.63 39.32
C PHE H 28 -18.58 -1.39 38.11
N ILE H 29 -18.87 -2.04 36.99
CA ILE H 29 -18.17 -1.80 35.71
C ILE H 29 -19.14 -1.89 34.53
N MSE H 30 -18.86 -1.14 33.47
CA MSE H 30 -19.73 -1.17 32.30
C MSE H 30 -19.11 -0.69 30.98
O MSE H 30 -18.10 0.04 30.94
CB MSE H 30 -21.03 -0.40 32.56
CG MSE H 30 -20.85 1.11 32.73
SE MSE H 30 -22.52 1.97 33.23
CE MSE H 30 -21.85 3.74 33.73
N THR H 31 -19.74 -1.13 29.90
CA THR H 31 -19.33 -0.85 28.54
C THR H 31 -20.59 -0.91 27.70
N ARG H 32 -20.65 -0.10 26.64
CA ARG H 32 -21.64 -0.29 25.58
C ARG H 32 -20.94 -0.19 24.23
N ALA H 33 -21.34 -1.03 23.28
CA ALA H 33 -20.68 -1.06 21.97
C ALA H 33 -20.68 0.31 21.32
N VAL H 34 -19.66 0.57 20.50
CA VAL H 34 -19.54 1.85 19.81
C VAL H 34 -20.82 2.20 19.08
N ASN H 35 -21.23 1.34 18.16
CA ASN H 35 -22.45 1.56 17.39
C ASN H 35 -23.88 1.66 17.88
N GLY H 36 -24.05 1.60 19.21
CA GLY H 36 -25.37 1.68 19.81
C GLY H 36 -26.32 0.52 19.63
N THR H 37 -25.84 -0.69 19.94
CA THR H 37 -26.65 -1.89 19.82
C THR H 37 -26.83 -2.77 21.06
N THR H 38 -25.80 -2.81 21.90
CA THR H 38 -25.83 -3.61 23.11
C THR H 38 -25.23 -2.83 24.28
N TYR H 39 -25.25 -3.45 25.47
CA TYR H 39 -24.72 -2.81 26.67
C TYR H 39 -24.82 -3.73 27.90
N ALA H 40 -23.77 -3.74 28.73
CA ALA H 40 -23.74 -4.57 29.93
C ALA H 40 -23.28 -3.81 31.18
N GLU H 41 -23.90 -4.11 32.31
CA GLU H 41 -23.54 -3.51 33.59
C GLU H 41 -23.15 -4.63 34.57
N ALA H 42 -22.16 -4.38 35.44
CA ALA H 42 -21.64 -5.46 36.30
C ALA H 42 -21.27 -5.09 37.76
N ASN H 43 -21.78 -5.89 38.69
CA ASN H 43 -21.33 -5.87 40.08
C ASN H 43 -20.28 -6.98 40.22
N ILE H 44 -19.11 -6.68 40.76
CA ILE H 44 -18.07 -7.71 40.85
C ILE H 44 -17.32 -7.94 42.17
N SER H 45 -16.70 -9.12 42.26
CA SER H 45 -15.90 -9.47 43.44
C SER H 45 -14.90 -8.36 43.76
N ASP H 46 -13.91 -8.18 42.89
CA ASP H 46 -12.79 -7.26 43.16
C ASP H 46 -13.16 -5.77 43.15
N VAL H 47 -12.30 -4.95 43.73
CA VAL H 47 -12.65 -3.55 44.03
C VAL H 47 -11.80 -2.49 43.33
N ILE H 48 -12.46 -1.59 42.60
CA ILE H 48 -11.76 -0.56 41.84
C ILE H 48 -11.50 0.68 42.69
N ASP H 49 -10.27 1.17 42.66
CA ASP H 49 -9.86 2.29 43.51
C ASP H 49 -9.40 3.54 42.74
N PHE H 50 -9.58 3.55 41.42
CA PHE H 50 -9.30 4.76 40.65
C PHE H 50 -9.86 4.70 39.24
N ASP H 51 -10.22 5.87 38.70
CA ASP H 51 -10.74 5.96 37.34
C ASP H 51 -9.64 5.69 36.31
N VAL H 52 -9.96 4.94 35.25
CA VAL H 52 -9.01 4.80 34.16
C VAL H 52 -9.60 4.29 32.84
N ALA H 53 -9.11 4.86 31.74
CA ALA H 53 -9.53 4.52 30.38
C ALA H 53 -8.55 3.58 29.67
N ILE H 54 -9.05 2.43 29.21
CA ILE H 54 -8.22 1.47 28.49
C ILE H 54 -8.60 1.40 27.03
N TYR H 55 -7.65 1.71 26.15
CA TYR H 55 -7.93 1.69 24.72
C TYR H 55 -8.03 0.26 24.22
N ASP H 56 -6.98 -0.54 24.42
CA ASP H 56 -6.97 -1.92 23.96
C ASP H 56 -7.35 -2.92 25.05
N LEU H 57 -8.64 -3.14 25.30
CA LEU H 57 -9.02 -4.03 26.41
C LEU H 57 -8.63 -5.48 26.14
N ASN H 58 -8.91 -5.93 24.92
CA ASN H 58 -8.86 -7.35 24.59
C ASN H 58 -7.46 -7.94 24.73
N GLY H 59 -6.49 -7.04 24.88
CA GLY H 59 -5.09 -7.40 24.94
C GLY H 59 -4.43 -7.03 26.25
N PHE H 60 -5.05 -6.10 26.99
CA PHE H 60 -4.64 -5.80 28.36
C PHE H 60 -4.94 -7.02 29.22
N LEU H 61 -6.21 -7.40 29.23
CA LEU H 61 -6.63 -8.69 29.77
C LEU H 61 -5.63 -9.79 29.39
N GLY H 62 -5.08 -9.71 28.18
CA GLY H 62 -4.05 -10.63 27.73
C GLY H 62 -2.75 -10.46 28.50
N ILE H 63 -2.19 -9.25 28.47
CA ILE H 63 -1.00 -8.97 29.23
C ILE H 63 -1.13 -9.55 30.63
N LEU H 64 -2.34 -9.47 31.19
CA LEU H 64 -2.55 -9.92 32.57
C LEU H 64 -2.32 -11.40 32.82
N SER H 65 -2.46 -12.23 31.80
CA SER H 65 -2.13 -13.64 31.97
C SER H 65 -0.61 -13.84 31.95
N LEU H 66 0.14 -12.79 31.62
CA LEU H 66 1.59 -12.90 31.48
C LEU H 66 2.37 -12.71 32.79
N VAL H 67 1.66 -12.54 33.89
CA VAL H 67 2.27 -12.61 35.21
C VAL H 67 1.44 -13.47 36.16
N ASN H 68 1.92 -13.68 37.38
CA ASN H 68 1.22 -14.53 38.35
C ASN H 68 -0.25 -14.13 38.50
N ASP H 69 -1.03 -14.95 39.20
CA ASP H 69 -2.46 -14.70 39.29
C ASP H 69 -2.75 -13.69 40.41
N ASP H 70 -1.70 -13.16 41.01
CA ASP H 70 -1.87 -12.31 42.19
C ASP H 70 -1.36 -10.86 42.11
N ALA H 71 -0.51 -10.57 41.14
CA ALA H 71 0.15 -9.26 41.06
C ALA H 71 -0.80 -8.09 41.37
N GLU H 72 -0.37 -7.19 42.24
CA GLU H 72 -1.17 -6.01 42.59
C GLU H 72 -1.13 -4.90 41.52
N ILE H 73 -2.19 -4.10 41.43
CA ILE H 73 -2.33 -3.08 40.39
C ILE H 73 -2.75 -1.72 40.96
N SER H 74 -2.36 -0.63 40.29
CA SER H 74 -2.73 0.70 40.75
C SER H 74 -2.45 1.80 39.73
N GLN H 75 -2.74 3.04 40.11
CA GLN H 75 -2.42 4.16 39.26
C GLN H 75 -0.98 4.56 39.54
N SER H 76 -0.14 4.42 38.54
CA SER H 76 1.29 4.77 38.66
C SER H 76 1.45 6.26 38.97
N GLU H 77 2.58 6.66 39.56
CA GLU H 77 2.93 8.08 39.62
C GLU H 77 2.71 8.55 38.20
N ASP H 78 3.34 7.81 37.31
CA ASP H 78 3.07 7.79 35.88
C ASP H 78 1.56 7.55 35.98
N GLY H 79 0.75 8.45 35.45
CA GLY H 79 -0.71 8.38 35.55
C GLY H 79 -1.18 7.29 34.60
N ASN H 80 -0.47 6.16 34.55
CA ASN H 80 -0.82 5.01 33.74
C ASN H 80 -1.05 3.80 34.64
N ILE H 81 -1.32 2.65 34.04
CA ILE H 81 -1.67 1.46 34.78
C ILE H 81 -0.46 0.59 35.09
N LYS H 82 -0.24 0.35 36.38
CA LYS H 82 0.94 -0.40 36.81
C LYS H 82 0.56 -1.80 37.23
N ILE H 83 0.86 -2.79 36.39
CA ILE H 83 0.73 -4.17 36.81
C ILE H 83 2.07 -4.67 37.34
N ALA H 84 2.19 -4.73 38.66
CA ALA H 84 3.44 -5.09 39.33
C ALA H 84 3.47 -6.56 39.83
N ASP H 85 4.51 -7.29 39.44
CA ASP H 85 4.62 -8.71 39.79
C ASP H 85 5.61 -8.94 40.94
N ALA H 86 5.82 -10.21 41.25
CA ALA H 86 6.75 -10.58 42.31
C ALA H 86 8.13 -10.14 41.88
N ARG H 87 8.53 -10.60 40.70
CA ARG H 87 9.86 -10.32 40.16
C ARG H 87 9.84 -9.18 39.13
N SER H 88 8.91 -9.27 38.17
CA SER H 88 8.83 -8.27 37.09
C SER H 88 7.82 -7.16 37.38
N THR H 89 7.47 -6.40 36.34
CA THR H 89 6.52 -5.28 36.45
C THR H 89 6.17 -4.70 35.09
N ILE H 90 4.88 -4.48 34.86
CA ILE H 90 4.40 -3.96 33.59
C ILE H 90 3.78 -2.57 33.76
N PHE H 91 3.69 -1.82 32.65
CA PHE H 91 3.26 -0.44 32.69
C PHE H 91 2.35 -0.20 31.51
N TRP H 92 1.06 -0.45 31.68
CA TRP H 92 0.15 -0.41 30.55
C TRP H 92 -0.46 0.96 30.26
N PRO H 93 -0.22 1.45 29.04
CA PRO H 93 -0.75 2.73 28.57
C PRO H 93 -2.21 2.89 28.86
N ALA H 94 -2.50 3.84 29.75
CA ALA H 94 -3.85 4.27 30.04
C ALA H 94 -4.23 5.32 29.02
N ALA H 95 -5.32 5.06 28.30
CA ALA H 95 -5.73 5.92 27.19
C ALA H 95 -6.61 7.10 27.62
N ASP H 96 -6.67 8.09 26.74
CA ASP H 96 -7.54 9.26 26.91
C ASP H 96 -9.01 8.88 26.77
N PRO H 97 -9.80 9.22 27.79
CA PRO H 97 -11.23 8.86 27.77
C PRO H 97 -11.88 9.30 26.46
N SER H 98 -11.51 10.48 25.96
CA SER H 98 -12.10 11.05 24.76
C SER H 98 -12.44 9.94 23.77
N THR H 99 -11.57 8.94 23.73
CA THR H 99 -11.53 7.95 22.66
C THR H 99 -12.15 6.59 23.01
N VAL H 100 -12.43 6.37 24.29
CA VAL H 100 -13.08 5.14 24.69
C VAL H 100 -14.59 5.30 24.87
N VAL H 101 -15.34 4.85 23.88
CA VAL H 101 -16.78 5.08 23.88
C VAL H 101 -17.44 4.38 25.06
N ALA H 102 -17.68 5.14 26.12
CA ALA H 102 -18.30 4.61 27.31
C ALA H 102 -19.60 5.33 27.54
N PRO H 103 -20.45 4.79 28.42
CA PRO H 103 -21.74 5.37 28.84
C PRO H 103 -21.50 6.26 30.05
N ASN H 104 -21.89 7.51 29.96
CA ASN H 104 -21.88 8.49 31.05
C ASN H 104 -22.48 7.99 32.39
N LYS H 105 -23.62 7.33 32.32
CA LYS H 105 -24.29 6.81 33.51
C LYS H 105 -25.10 5.56 33.19
N PRO H 106 -26.10 5.29 34.02
CA PRO H 106 -26.95 4.11 33.82
C PRO H 106 -28.42 4.51 33.66
N ILE H 107 -29.01 4.14 32.52
CA ILE H 107 -30.41 4.46 32.24
C ILE H 107 -31.32 3.33 32.67
N PRO H 108 -32.34 3.66 33.46
CA PRO H 108 -33.30 2.65 33.95
C PRO H 108 -34.05 1.98 32.81
N PHE H 109 -34.55 0.78 33.06
CA PHE H 109 -35.29 0.04 32.06
C PHE H 109 -36.80 0.17 32.24
N PRO H 110 -37.46 0.74 31.23
CA PRO H 110 -38.91 0.91 31.17
C PRO H 110 -39.61 -0.25 31.84
N VAL H 111 -40.40 -0.03 32.89
CA VAL H 111 -41.11 -1.15 33.48
C VAL H 111 -41.68 -2.00 32.35
N ALA H 112 -41.25 -3.26 32.33
CA ALA H 112 -41.28 -4.09 31.13
C ALA H 112 -42.64 -4.38 30.52
N SER H 113 -42.75 -4.08 29.21
CA SER H 113 -43.89 -4.50 28.40
C SER H 113 -44.37 -5.90 28.76
N ALA H 114 -43.44 -6.86 28.74
CA ALA H 114 -43.73 -8.28 28.96
C ALA H 114 -42.65 -8.91 29.82
N VAL H 115 -43.01 -9.86 30.67
CA VAL H 115 -41.97 -10.57 31.41
C VAL H 115 -42.03 -12.09 31.27
N THR H 116 -40.83 -12.68 31.24
CA THR H 116 -40.64 -14.11 31.39
C THR H 116 -39.17 -14.33 31.72
N GLU H 117 -38.74 -15.59 31.75
CA GLU H 117 -37.45 -15.95 32.34
C GLU H 117 -36.88 -17.08 31.50
N ILE H 118 -35.57 -17.30 31.57
CA ILE H 118 -34.98 -18.42 30.84
C ILE H 118 -33.88 -19.14 31.61
N LYS H 119 -34.00 -20.47 31.66
CA LYS H 119 -33.01 -21.30 32.32
C LYS H 119 -31.71 -21.22 31.54
N ALA H 120 -30.59 -21.10 32.25
CA ALA H 120 -29.27 -21.12 31.62
C ALA H 120 -29.04 -22.45 30.92
N GLU H 121 -29.51 -23.55 31.52
CA GLU H 121 -29.50 -24.86 30.87
C GLU H 121 -30.08 -24.74 29.45
N ASP H 122 -31.23 -24.06 29.36
CA ASP H 122 -31.97 -23.82 28.11
C ASP H 122 -31.18 -22.99 27.11
N LEU H 123 -30.68 -21.84 27.55
CA LEU H 123 -29.93 -20.94 26.69
C LEU H 123 -28.63 -21.55 26.13
N GLN H 124 -28.00 -22.47 26.85
CA GLN H 124 -26.83 -23.14 26.30
C GLN H 124 -27.24 -23.91 25.07
N GLN H 125 -28.38 -24.60 25.17
CA GLN H 125 -28.92 -25.32 24.02
C GLN H 125 -29.27 -24.42 22.83
N LEU H 126 -29.60 -23.16 23.07
CA LEU H 126 -29.87 -22.28 21.94
C LEU H 126 -28.58 -21.98 21.18
N LEU H 127 -27.60 -21.43 21.89
CA LEU H 127 -26.29 -21.17 21.29
C LEU H 127 -25.76 -22.46 20.66
N ARG H 128 -25.63 -23.52 21.47
CA ARG H 128 -25.20 -24.84 20.98
C ARG H 128 -25.79 -25.19 19.60
N VAL H 129 -27.10 -25.04 19.47
CA VAL H 129 -27.81 -25.45 18.27
C VAL H 129 -27.47 -24.53 17.14
N SER H 130 -27.41 -23.24 17.46
CA SER H 130 -27.30 -22.22 16.45
C SER H 130 -26.10 -22.41 15.52
N ARG H 131 -24.93 -22.76 16.08
CA ARG H 131 -23.80 -23.21 15.27
C ARG H 131 -24.27 -24.36 14.40
N GLY H 132 -24.75 -25.42 15.04
CA GLY H 132 -25.24 -26.58 14.33
C GLY H 132 -26.29 -26.33 13.28
N LEU H 133 -27.03 -25.24 13.43
CA LEU H 133 -28.18 -25.02 12.56
C LEU H 133 -28.12 -23.76 11.72
N GLN H 134 -26.98 -23.07 11.82
CA GLN H 134 -26.75 -21.81 11.12
C GLN H 134 -27.91 -20.86 11.42
N ILE H 135 -28.21 -20.75 12.71
CA ILE H 135 -29.25 -19.88 13.24
C ILE H 135 -28.62 -18.54 13.53
N ASP H 136 -28.93 -17.53 12.72
CA ASP H 136 -28.30 -16.21 12.81
C ASP H 136 -29.14 -15.15 13.52
N THR H 137 -30.46 -15.36 13.57
CA THR H 137 -31.35 -14.45 14.27
C THR H 137 -32.47 -15.24 14.93
N ILE H 138 -33.12 -14.62 15.90
CA ILE H 138 -34.27 -15.20 16.59
C ILE H 138 -35.42 -14.23 16.82
N ALA H 139 -36.58 -14.81 17.12
CA ALA H 139 -37.81 -14.06 17.34
C ALA H 139 -38.53 -14.62 18.58
N ILE H 140 -38.97 -13.76 19.47
CA ILE H 140 -39.73 -14.26 20.60
C ILE H 140 -41.19 -13.78 20.60
N THR H 141 -42.09 -14.70 20.31
CA THR H 141 -43.51 -14.41 20.16
C THR H 141 -44.37 -15.30 21.07
N VAL H 142 -45.67 -15.30 20.83
CA VAL H 142 -46.62 -16.02 21.68
C VAL H 142 -47.36 -17.09 20.89
N LYS H 143 -47.02 -18.37 21.12
CA LYS H 143 -47.74 -19.49 20.50
C LYS H 143 -48.61 -20.24 21.54
N GLU H 144 -49.93 -20.06 21.44
CA GLU H 144 -50.85 -20.72 22.36
C GLU H 144 -50.70 -20.62 23.88
N GLY H 145 -50.68 -19.38 24.39
CA GLY H 145 -50.70 -19.08 25.82
C GLY H 145 -49.34 -19.27 26.47
N LYS H 146 -48.32 -19.58 25.66
CA LYS H 146 -46.94 -19.73 26.12
C LYS H 146 -45.93 -18.90 25.32
N ILE H 147 -44.84 -18.52 25.95
CA ILE H 147 -43.80 -17.70 25.33
C ILE H 147 -42.76 -18.58 24.62
N VAL H 148 -42.76 -18.57 23.29
CA VAL H 148 -41.76 -19.33 22.56
C VAL H 148 -40.62 -18.47 22.03
N ILE H 149 -39.63 -19.14 21.46
CA ILE H 149 -38.45 -18.52 20.87
C ILE H 149 -38.10 -19.26 19.59
N ASN H 150 -37.86 -18.54 18.50
CA ASN H 150 -37.61 -19.20 17.23
C ASN H 150 -36.31 -18.76 16.57
N GLY H 151 -35.47 -19.73 16.24
CA GLY H 151 -34.23 -19.43 15.53
C GLY H 151 -34.45 -19.51 14.05
N PHE H 152 -33.76 -18.66 13.28
CA PHE H 152 -33.94 -18.64 11.84
C PHE H 152 -32.59 -18.68 11.16
N ASN H 153 -32.64 -18.58 9.83
CA ASN H 153 -31.43 -18.45 9.04
C ASN H 153 -31.66 -17.28 8.07
N LYS H 154 -31.60 -16.07 8.62
CA LYS H 154 -31.81 -14.84 7.88
C LYS H 154 -31.07 -14.88 6.54
N VAL H 155 -30.00 -15.66 6.46
CA VAL H 155 -29.26 -15.82 5.20
C VAL H 155 -30.04 -16.51 4.10
N GLU H 156 -30.33 -17.79 4.32
CA GLU H 156 -31.05 -18.61 3.38
C GLU H 156 -32.54 -18.25 3.43
N ASP H 157 -32.96 -17.80 4.60
CA ASP H 157 -34.37 -17.55 4.92
C ASP H 157 -34.94 -16.34 4.23
N SER H 158 -34.23 -15.21 4.42
CA SER H 158 -34.66 -13.89 3.96
C SER H 158 -35.78 -13.18 4.70
N ALA H 159 -36.91 -13.88 4.82
CA ALA H 159 -38.13 -13.26 5.30
C ALA H 159 -38.43 -13.85 6.67
N LEU H 160 -37.48 -14.59 7.23
CA LEU H 160 -37.76 -15.34 8.45
C LEU H 160 -38.97 -16.25 8.27
N THR H 161 -39.06 -16.83 7.07
CA THR H 161 -40.20 -17.66 6.65
C THR H 161 -40.39 -18.99 7.37
N ARG H 162 -39.30 -19.71 7.60
CA ARG H 162 -39.36 -21.03 8.19
C ARG H 162 -38.58 -21.13 9.49
N VAL H 163 -39.17 -21.72 10.49
CA VAL H 163 -38.51 -21.87 11.78
C VAL H 163 -37.62 -23.11 11.79
N LYS H 164 -36.37 -22.91 12.15
CA LYS H 164 -35.39 -23.98 12.29
C LYS H 164 -35.28 -24.43 13.74
N TYR H 165 -35.73 -23.58 14.65
CA TYR H 165 -35.66 -23.91 16.08
C TYR H 165 -36.75 -23.21 16.90
N SER H 166 -37.06 -23.79 18.06
CA SER H 166 -38.12 -23.24 18.91
C SER H 166 -38.13 -23.77 20.34
N LEU H 167 -37.33 -23.13 21.20
CA LEU H 167 -37.43 -23.32 22.62
C LEU H 167 -38.84 -22.88 23.04
N THR H 168 -39.19 -23.09 24.30
CA THR H 168 -40.51 -22.72 24.81
C THR H 168 -40.35 -22.19 26.23
N LEU H 169 -40.41 -20.86 26.39
CA LEU H 169 -39.98 -20.22 27.63
C LEU H 169 -40.80 -20.20 28.91
N GLY H 170 -41.83 -19.38 28.94
CA GLY H 170 -42.72 -19.29 30.10
C GLY H 170 -44.12 -19.44 29.54
N ASP H 171 -45.12 -18.94 30.26
CA ASP H 171 -46.45 -18.78 29.66
C ASP H 171 -46.76 -17.29 29.55
N TYR H 172 -47.73 -16.95 28.71
CA TYR H 172 -48.04 -15.55 28.50
C TYR H 172 -49.35 -15.30 29.23
N ASP H 173 -49.24 -14.51 30.31
CA ASP H 173 -50.39 -14.09 31.10
C ASP H 173 -51.32 -13.07 30.43
N GLY H 174 -50.72 -12.00 29.92
CA GLY H 174 -51.43 -10.88 29.32
C GLY H 174 -51.94 -11.17 27.92
N GLU H 175 -52.45 -10.15 27.26
CA GLU H 175 -53.22 -10.37 26.03
C GLU H 175 -52.84 -9.56 24.79
N ASN H 176 -51.62 -9.04 24.76
CA ASN H 176 -51.07 -8.49 23.51
C ASN H 176 -50.53 -9.59 22.64
N THR H 177 -49.95 -9.22 21.52
CA THR H 177 -49.28 -10.18 20.66
C THR H 177 -48.22 -9.45 19.89
N PHE H 178 -47.08 -10.09 19.72
CA PHE H 178 -45.92 -9.42 19.17
C PHE H 178 -44.97 -10.39 18.56
N ASN H 179 -43.90 -9.85 18.01
CA ASN H 179 -42.80 -10.62 17.45
C ASN H 179 -41.51 -9.81 17.53
N PHE H 180 -40.71 -10.02 18.57
CA PHE H 180 -39.46 -9.29 18.74
C PHE H 180 -38.28 -10.07 18.19
N ILE H 181 -37.71 -9.59 17.11
CA ILE H 181 -36.59 -10.28 16.46
C ILE H 181 -35.26 -9.78 17.00
N ILE H 182 -34.27 -10.66 17.08
CA ILE H 182 -33.00 -10.28 17.71
C ILE H 182 -31.78 -10.74 16.93
N ASN H 183 -30.86 -9.84 16.66
CA ASN H 183 -29.67 -10.27 15.94
C ASN H 183 -28.76 -11.09 16.84
N MSE H 184 -28.72 -12.39 16.59
CA MSE H 184 -27.89 -13.32 17.36
C MSE H 184 -26.53 -12.72 17.66
O MSE H 184 -26.10 -12.73 18.81
CB MSE H 184 -27.70 -14.64 16.61
CG MSE H 184 -28.85 -15.61 16.79
SE MSE H 184 -29.01 -16.23 18.66
CE MSE H 184 -27.16 -16.76 18.98
N ALA H 185 -25.88 -12.18 16.64
CA ALA H 185 -24.62 -11.48 16.79
C ALA H 185 -24.59 -10.53 17.98
N ASN H 186 -25.73 -9.91 18.28
CA ASN H 186 -25.79 -8.87 19.31
C ASN H 186 -25.98 -9.42 20.74
N MSE H 187 -25.78 -10.73 20.90
CA MSE H 187 -26.10 -11.42 22.15
C MSE H 187 -24.88 -11.86 22.97
O MSE H 187 -24.59 -13.05 23.03
CB MSE H 187 -26.88 -12.67 21.81
CG MSE H 187 -28.21 -12.39 21.16
SE MSE H 187 -29.61 -12.98 22.38
CE MSE H 187 -30.11 -14.63 21.47
N LYS H 188 -24.21 -10.92 23.63
CA LYS H 188 -22.87 -11.17 24.18
C LYS H 188 -22.78 -11.49 25.67
N MSE H 189 -23.62 -12.40 26.18
CA MSE H 189 -23.69 -12.61 27.64
C MSE H 189 -23.15 -13.94 28.22
O MSE H 189 -23.61 -15.04 27.87
CB MSE H 189 -25.13 -12.40 28.09
CG MSE H 189 -26.12 -13.46 27.60
SE MSE H 189 -27.17 -12.96 26.05
CE MSE H 189 -28.29 -11.58 26.83
N GLN H 190 -22.19 -13.83 29.15
CA GLN H 190 -21.68 -15.01 29.88
C GLN H 190 -22.87 -15.83 30.40
N PRO H 191 -22.93 -17.13 30.07
CA PRO H 191 -24.14 -17.91 30.35
C PRO H 191 -24.43 -18.08 31.83
N GLY H 192 -25.72 -18.23 32.13
CA GLY H 192 -26.24 -18.26 33.49
C GLY H 192 -27.70 -17.86 33.40
N ASN H 193 -28.50 -18.16 34.41
CA ASN H 193 -29.96 -17.92 34.34
C ASN H 193 -30.33 -16.44 34.25
N TYR H 194 -31.33 -16.12 33.41
CA TYR H 194 -31.78 -14.73 33.24
C TYR H 194 -33.27 -14.53 33.42
N LYS H 195 -33.63 -13.36 33.93
CA LYS H 195 -35.00 -12.85 33.83
C LYS H 195 -35.00 -12.07 32.53
N LEU H 196 -36.11 -12.09 31.79
CA LEU H 196 -36.17 -11.41 30.51
C LEU H 196 -37.16 -10.23 30.56
N LEU H 197 -36.68 -9.05 30.20
CA LEU H 197 -37.53 -7.85 30.15
C LEU H 197 -37.64 -7.29 28.73
N LEU H 198 -38.82 -7.45 28.14
CA LEU H 198 -39.11 -6.92 26.80
C LEU H 198 -39.80 -5.56 26.90
N TRP H 199 -39.61 -4.72 25.89
CA TRP H 199 -40.25 -3.41 25.88
C TRP H 199 -40.41 -2.84 24.47
N ALA H 200 -41.43 -2.00 24.30
CA ALA H 200 -41.70 -1.37 23.03
C ALA H 200 -42.68 -0.24 23.30
N LYS H 201 -42.43 0.94 22.74
CA LYS H 201 -43.46 1.97 22.70
C LYS H 201 -43.59 2.26 21.21
N GLY H 202 -44.06 1.25 20.47
CA GLY H 202 -44.41 1.40 19.07
C GLY H 202 -43.25 1.06 18.15
N LYS H 203 -42.52 2.10 17.74
CA LYS H 203 -41.31 1.97 16.92
C LYS H 203 -40.08 1.88 17.84
N GLN H 204 -40.20 2.48 19.01
CA GLN H 204 -39.26 2.25 20.07
C GLN H 204 -39.30 0.77 20.43
N GLY H 205 -38.23 0.26 21.05
CA GLY H 205 -38.19 -1.13 21.47
C GLY H 205 -36.83 -1.76 21.75
N ALA H 206 -36.72 -2.45 22.88
CA ALA H 206 -35.47 -3.07 23.28
C ALA H 206 -35.70 -4.35 24.10
N ALA H 207 -34.62 -4.99 24.53
CA ALA H 207 -34.71 -6.23 25.30
C ALA H 207 -33.63 -6.35 26.38
N LYS H 208 -34.03 -6.58 27.64
CA LYS H 208 -33.09 -6.64 28.78
C LYS H 208 -33.03 -8.01 29.46
N PHE H 209 -31.83 -8.58 29.52
CA PHE H 209 -31.55 -9.79 30.28
C PHE H 209 -31.01 -9.43 31.69
N GLU H 210 -31.59 -10.02 32.74
CA GLU H 210 -31.25 -9.63 34.12
C GLU H 210 -30.56 -10.77 34.85
N GLY H 211 -29.22 -10.78 34.81
CA GLY H 211 -28.43 -11.90 35.31
C GLY H 211 -28.28 -11.97 36.82
N GLU H 212 -27.34 -12.78 37.30
CA GLU H 212 -27.01 -12.70 38.72
C GLU H 212 -25.80 -11.82 38.86
N HIS H 213 -25.01 -11.75 37.79
CA HIS H 213 -23.80 -10.95 37.78
C HIS H 213 -24.01 -9.56 37.15
N ALA H 214 -24.42 -9.54 35.88
CA ALA H 214 -24.65 -8.29 35.14
C ALA H 214 -25.97 -8.29 34.34
N ASN H 215 -26.42 -7.10 33.94
CA ASN H 215 -27.62 -6.93 33.09
C ASN H 215 -27.21 -6.58 31.66
N TYR H 216 -27.92 -7.15 30.69
CA TYR H 216 -27.59 -6.90 29.29
C TYR H 216 -28.80 -6.38 28.49
N VAL H 217 -28.57 -5.36 27.65
CA VAL H 217 -29.59 -4.85 26.70
C VAL H 217 -29.17 -4.96 25.23
N VAL H 218 -30.03 -5.55 24.39
CA VAL H 218 -29.76 -5.62 22.95
C VAL H 218 -30.93 -5.04 22.17
N ALA H 219 -30.63 -4.47 21.01
CA ALA H 219 -31.65 -3.85 20.17
C ALA H 219 -32.44 -4.91 19.41
N LEU H 220 -33.75 -4.70 19.31
CA LEU H 220 -34.57 -5.60 18.51
C LEU H 220 -34.11 -5.47 17.05
N GLU H 221 -34.75 -6.18 16.13
CA GLU H 221 -34.37 -6.01 14.73
C GLU H 221 -35.32 -5.06 14.03
N ALA H 222 -34.98 -4.64 12.81
CA ALA H 222 -35.65 -3.49 12.21
C ALA H 222 -37.18 -3.60 12.11
N ASP H 223 -37.70 -4.78 11.78
CA ASP H 223 -39.14 -4.96 11.77
C ASP H 223 -39.62 -5.92 12.86
N SER H 224 -39.13 -5.71 14.08
CA SER H 224 -39.75 -6.33 15.24
C SER H 224 -41.13 -5.71 15.30
N THR H 225 -42.15 -6.53 15.44
CA THR H 225 -43.52 -6.09 15.26
C THR H 225 -44.34 -6.33 16.51
N HIS H 226 -45.31 -5.45 16.78
CA HIS H 226 -46.10 -5.58 18.01
C HIS H 226 -47.29 -4.60 18.16
N ASP H 227 -48.17 -4.92 19.09
CA ASP H 227 -49.31 -4.06 19.43
C ASP H 227 -49.25 -3.44 20.85
N PHE H 228 -48.15 -2.73 21.15
CA PHE H 228 -47.98 -2.06 22.45
C PHE H 228 -48.23 -0.54 22.42
N MSE I 1 29.48 -37.99 7.08
CA MSE I 1 29.01 -37.15 8.16
C MSE I 1 27.49 -37.12 8.28
O MSE I 1 26.76 -37.11 7.27
CB MSE I 1 29.49 -35.71 7.98
CG MSE I 1 28.55 -34.90 7.09
SE MSE I 1 28.83 -32.98 7.15
CE MSE I 1 27.72 -32.52 8.69
N LYS I 2 27.00 -37.04 9.50
CA LYS I 2 25.58 -37.17 9.72
C LYS I 2 25.17 -36.11 10.73
N LEU I 3 23.98 -35.53 10.50
CA LEU I 3 23.50 -34.37 11.24
C LEU I 3 22.22 -34.64 12.04
N SER I 4 22.29 -34.39 13.36
CA SER I 4 21.25 -34.86 14.29
C SER I 4 19.98 -34.01 14.39
N LYS I 5 19.17 -34.30 15.41
CA LYS I 5 17.89 -33.62 15.65
C LYS I 5 18.13 -32.30 16.34
N ASP I 6 19.24 -32.22 17.08
CA ASP I 6 19.60 -31.02 17.83
C ASP I 6 20.53 -30.13 17.02
N THR I 7 21.39 -30.72 16.19
CA THR I 7 22.28 -29.96 15.31
C THR I 7 21.50 -29.13 14.27
N THR I 8 20.58 -29.78 13.57
CA THR I 8 19.77 -29.11 12.54
C THR I 8 18.98 -27.89 13.09
N ALA I 9 18.57 -27.96 14.36
CA ALA I 9 17.82 -26.88 15.05
C ALA I 9 18.68 -25.67 15.42
N LEU I 10 19.99 -25.88 15.54
CA LEU I 10 20.92 -24.77 15.62
C LEU I 10 21.33 -24.40 14.21
N LEU I 11 20.63 -24.95 13.23
CA LEU I 11 20.94 -24.64 11.85
C LEU I 11 19.82 -23.80 11.22
N LYS I 12 18.58 -24.10 11.62
CA LYS I 12 17.48 -23.23 11.26
C LYS I 12 17.72 -21.90 12.02
N ASN I 13 18.22 -22.01 13.25
CA ASN I 13 18.54 -20.86 14.09
C ASN I 13 19.69 -19.98 13.59
N PHE I 14 20.71 -20.58 12.97
CA PHE I 14 21.80 -19.77 12.40
C PHE I 14 21.45 -19.22 11.01
N ALA I 15 20.26 -19.58 10.56
CA ALA I 15 19.76 -19.06 9.30
C ALA I 15 19.06 -17.74 9.58
N THR I 16 18.55 -17.58 10.81
CA THR I 16 17.88 -16.35 11.14
C THR I 16 18.93 -15.27 11.26
N ILE I 17 20.21 -15.66 11.34
CA ILE I 17 21.34 -14.71 11.41
C ILE I 17 22.18 -14.56 10.14
N ASN I 18 22.26 -15.59 9.30
CA ASN I 18 22.86 -15.45 7.97
C ASN I 18 22.19 -16.33 6.93
N SER I 19 21.90 -15.76 5.76
CA SER I 19 21.40 -16.52 4.63
C SER I 19 22.30 -17.72 4.44
N GLY I 20 23.61 -17.46 4.34
CA GLY I 20 24.60 -18.51 4.17
C GLY I 20 25.42 -18.83 5.43
N ILE I 21 26.14 -19.96 5.40
CA ILE I 21 27.05 -20.30 6.49
C ILE I 21 28.26 -21.00 5.95
N MSE I 22 29.33 -20.92 6.74
CA MSE I 22 30.51 -21.76 6.54
C MSE I 22 30.88 -22.37 7.87
O MSE I 22 31.37 -21.69 8.77
CB MSE I 22 31.70 -20.98 5.98
CG MSE I 22 32.94 -21.86 5.87
SE MSE I 22 34.02 -21.55 4.27
CE MSE I 22 34.85 -23.31 4.11
N LEU I 23 30.59 -23.66 7.99
CA LEU I 23 31.16 -24.47 9.03
C LEU I 23 32.23 -25.35 8.39
N LYS I 24 33.24 -25.70 9.17
CA LYS I 24 34.31 -26.53 8.70
C LYS I 24 34.47 -27.69 9.67
N SER I 25 35.35 -28.61 9.29
CA SER I 25 35.66 -29.78 10.08
C SER I 25 35.84 -29.43 11.54
N GLY I 26 35.38 -30.32 12.39
CA GLY I 26 35.45 -30.10 13.82
C GLY I 26 34.10 -30.42 14.41
N GLN I 27 33.88 -29.91 15.60
CA GLN I 27 32.56 -29.98 16.23
C GLN I 27 32.21 -28.59 16.73
N PHE I 28 32.27 -27.67 15.78
CA PHE I 28 32.08 -26.27 16.06
C PHE I 28 31.46 -25.61 14.86
N ILE I 29 30.44 -24.82 15.13
CA ILE I 29 29.82 -23.99 14.13
C ILE I 29 29.72 -22.57 14.67
N MSE I 30 29.72 -21.61 13.76
CA MSE I 30 29.68 -20.20 14.11
C MSE I 30 29.28 -19.41 12.86
O MSE I 30 29.71 -19.73 11.74
CB MSE I 30 31.06 -19.75 14.57
CG MSE I 30 32.16 -20.09 13.56
SE MSE I 30 33.86 -19.14 13.77
CE MSE I 30 34.46 -19.30 11.90
N THR I 31 28.46 -18.39 13.05
CA THR I 31 28.17 -17.48 11.95
C THR I 31 27.78 -16.11 12.48
N ARG I 32 27.93 -15.09 11.63
CA ARG I 32 27.68 -13.71 12.00
C ARG I 32 27.24 -12.91 10.76
N ALA I 33 26.40 -11.88 10.93
CA ALA I 33 25.66 -11.29 9.78
C ALA I 33 26.48 -10.41 8.82
N VAL I 34 26.07 -10.41 7.55
CA VAL I 34 26.73 -9.61 6.49
C VAL I 34 26.86 -8.11 6.88
N ASN I 35 26.32 -7.78 8.06
CA ASN I 35 26.32 -6.41 8.54
C ASN I 35 27.00 -6.32 9.90
N GLY I 36 27.66 -7.41 10.29
CA GLY I 36 28.50 -7.42 11.48
C GLY I 36 27.85 -6.80 12.70
N THR I 37 26.76 -7.44 13.14
CA THR I 37 25.90 -6.93 14.20
C THR I 37 25.73 -7.98 15.30
N THR I 38 25.94 -9.22 14.88
CA THR I 38 25.36 -10.39 15.51
C THR I 38 26.27 -11.58 15.35
N TYR I 39 26.82 -12.08 16.45
CA TYR I 39 27.63 -13.31 16.35
C TYR I 39 27.13 -14.51 17.21
N ALA I 40 27.11 -15.68 16.57
CA ALA I 40 26.56 -16.88 17.18
C ALA I 40 27.46 -18.08 16.92
N GLU I 41 27.89 -18.71 18.00
CA GLU I 41 28.74 -19.89 17.96
C GLU I 41 28.00 -21.02 18.70
N ALA I 42 28.31 -22.28 18.35
CA ALA I 42 27.68 -23.43 18.99
C ALA I 42 28.50 -24.71 18.81
N ASN I 43 28.73 -25.41 19.92
CA ASN I 43 29.45 -26.69 19.87
C ASN I 43 28.51 -27.90 19.85
N ILE I 44 28.46 -28.57 18.70
CA ILE I 44 27.58 -29.72 18.48
C ILE I 44 28.28 -31.06 18.74
N SER I 45 27.50 -32.10 18.99
CA SER I 45 28.06 -33.44 19.19
C SER I 45 28.10 -34.34 17.93
N ASP I 46 27.68 -33.80 16.79
CA ASP I 46 27.92 -34.46 15.50
C ASP I 46 29.20 -33.85 14.92
N VAL I 47 30.16 -34.70 14.58
CA VAL I 47 31.46 -34.17 14.13
C VAL I 47 31.52 -33.97 12.60
N ILE I 48 31.46 -32.71 12.22
CA ILE I 48 31.55 -32.33 10.81
C ILE I 48 32.88 -32.81 10.21
N ASP I 49 32.79 -33.63 9.16
CA ASP I 49 33.98 -34.22 8.55
C ASP I 49 34.51 -33.58 7.24
N PHE I 50 34.30 -32.29 7.02
CA PHE I 50 35.04 -31.58 5.96
C PHE I 50 34.66 -30.09 5.80
N ASP I 51 35.39 -29.37 4.95
CA ASP I 51 35.21 -27.91 4.80
C ASP I 51 34.29 -27.52 3.65
N VAL I 52 33.13 -26.96 4.00
CA VAL I 52 32.08 -26.63 3.02
C VAL I 52 31.47 -25.22 3.18
N ALA I 53 31.02 -24.67 2.07
CA ALA I 53 30.38 -23.36 2.05
C ALA I 53 29.04 -23.45 1.35
N ILE I 54 28.00 -22.93 1.98
CA ILE I 54 26.68 -22.95 1.37
C ILE I 54 26.19 -21.52 1.18
N TYR I 55 25.76 -21.21 -0.03
CA TYR I 55 25.24 -19.87 -0.31
C TYR I 55 24.01 -19.69 0.55
N ASP I 56 23.19 -20.74 0.62
CA ASP I 56 21.99 -20.71 1.44
C ASP I 56 21.94 -21.86 2.45
N LEU I 57 21.68 -21.51 3.71
CA LEU I 57 21.47 -22.48 4.78
C LEU I 57 20.02 -22.97 4.90
N ASN I 58 19.08 -22.03 5.04
CA ASN I 58 17.68 -22.41 5.28
C ASN I 58 17.06 -23.11 4.09
N GLY I 59 17.75 -23.05 2.96
CA GLY I 59 17.40 -23.88 1.83
C GLY I 59 17.85 -25.32 2.01
N PHE I 60 19.06 -25.51 2.54
CA PHE I 60 19.67 -26.83 2.67
C PHE I 60 18.93 -27.69 3.71
N LEU I 61 18.84 -27.18 4.93
CA LEU I 61 18.11 -27.86 6.01
C LEU I 61 16.71 -28.29 5.60
N GLY I 62 16.29 -27.90 4.40
CA GLY I 62 15.00 -28.31 3.87
C GLY I 62 15.05 -29.66 3.17
N ILE I 63 16.03 -29.83 2.29
CA ILE I 63 16.23 -31.09 1.60
C ILE I 63 16.75 -32.16 2.58
N LEU I 64 16.57 -31.91 3.88
CA LEU I 64 17.18 -32.76 4.91
C LEU I 64 16.16 -33.30 5.89
N SER I 65 15.01 -32.63 5.99
CA SER I 65 13.91 -33.13 6.79
C SER I 65 13.20 -34.27 6.04
N LEU I 66 13.32 -34.27 4.71
CA LEU I 66 12.73 -35.32 3.90
C LEU I 66 13.52 -36.65 4.01
N VAL I 67 14.77 -36.65 3.58
CA VAL I 67 15.66 -37.80 3.75
C VAL I 67 15.50 -38.39 5.16
N ASN I 68 15.60 -39.71 5.29
CA ASN I 68 15.58 -40.34 6.62
C ASN I 68 16.82 -39.89 7.39
N ASP I 69 17.07 -40.48 8.55
CA ASP I 69 18.18 -39.97 9.38
C ASP I 69 19.56 -40.63 9.32
N ASP I 70 19.71 -41.64 8.45
CA ASP I 70 21.04 -42.16 8.12
C ASP I 70 21.83 -40.97 7.61
N ALA I 71 21.39 -40.43 6.48
CA ALA I 71 21.89 -39.17 5.96
C ALA I 71 23.39 -39.07 6.01
N GLU I 72 24.09 -40.06 5.48
CA GLU I 72 25.52 -39.92 5.30
C GLU I 72 25.69 -38.79 4.28
N ILE I 73 25.71 -37.56 4.79
CA ILE I 73 25.98 -36.39 3.96
C ILE I 73 27.45 -36.37 3.61
N SER I 74 27.79 -36.83 2.41
CA SER I 74 29.19 -36.90 2.01
C SER I 74 29.43 -35.83 0.99
N GLN I 75 30.61 -35.80 0.40
CA GLN I 75 30.89 -34.81 -0.62
C GLN I 75 30.85 -35.40 -2.02
N SER I 76 30.03 -34.77 -2.85
CA SER I 76 29.87 -35.18 -4.23
C SER I 76 31.20 -35.34 -4.94
N GLU I 77 31.12 -36.00 -6.08
CA GLU I 77 32.25 -36.46 -6.83
C GLU I 77 32.70 -35.39 -7.81
N ASP I 78 32.17 -34.19 -7.62
CA ASP I 78 32.49 -33.05 -8.47
C ASP I 78 32.37 -31.74 -7.70
N GLY I 79 32.75 -31.77 -6.44
CA GLY I 79 32.81 -30.57 -5.65
C GLY I 79 31.50 -30.18 -4.99
N ASN I 80 30.37 -30.70 -5.47
CA ASN I 80 29.07 -30.43 -4.83
C ASN I 80 28.82 -31.44 -3.71
N ILE I 81 27.59 -31.60 -3.24
CA ILE I 81 27.33 -32.54 -2.14
C ILE I 81 26.45 -33.79 -2.39
N LYS I 82 26.56 -34.78 -1.50
CA LYS I 82 25.79 -36.02 -1.58
C LYS I 82 25.09 -36.36 -0.25
N ILE I 83 23.77 -36.24 -0.23
CA ILE I 83 22.98 -36.69 0.91
C ILE I 83 22.58 -38.15 0.74
N ALA I 84 23.32 -39.04 1.39
CA ALA I 84 23.03 -40.47 1.34
C ALA I 84 21.85 -40.80 2.24
N ASP I 85 20.92 -41.60 1.73
CA ASP I 85 19.71 -41.93 2.46
C ASP I 85 19.58 -43.44 2.62
N ALA I 86 18.69 -43.85 3.54
CA ALA I 86 18.31 -45.25 3.65
C ALA I 86 18.00 -45.78 2.25
N ARG I 87 17.17 -45.06 1.51
CA ARG I 87 16.87 -45.42 0.13
C ARG I 87 16.77 -44.37 -1.00
N SER I 88 17.66 -43.38 -0.98
CA SER I 88 17.81 -42.38 -2.05
C SER I 88 19.11 -41.58 -1.98
N THR I 89 19.24 -40.59 -2.85
CA THR I 89 20.46 -39.77 -2.88
C THR I 89 20.25 -38.42 -3.56
N ILE I 90 20.58 -37.33 -2.85
CA ILE I 90 20.27 -35.97 -3.28
C ILE I 90 21.51 -35.06 -3.42
N PHE I 91 21.44 -34.05 -4.28
CA PHE I 91 22.61 -33.23 -4.59
C PHE I 91 22.39 -31.73 -4.46
N TRP I 92 22.92 -31.15 -3.37
CA TRP I 92 22.81 -29.71 -3.10
C TRP I 92 24.02 -28.97 -3.66
N PRO I 93 23.84 -27.70 -4.07
CA PRO I 93 25.00 -26.96 -4.58
C PRO I 93 25.98 -26.67 -3.46
N ALA I 94 27.22 -26.29 -3.77
CA ALA I 94 28.21 -25.93 -2.75
C ALA I 94 29.04 -24.70 -3.15
N ALA I 95 28.81 -23.59 -2.45
CA ALA I 95 29.31 -22.28 -2.92
C ALA I 95 30.81 -22.00 -2.70
N ASP I 96 31.43 -21.38 -3.71
CA ASP I 96 32.76 -20.82 -3.60
C ASP I 96 32.76 -19.82 -2.46
N PRO I 97 33.67 -19.99 -1.48
CA PRO I 97 33.72 -19.22 -0.22
C PRO I 97 33.62 -17.72 -0.47
N SER I 98 33.97 -17.31 -1.68
CA SER I 98 33.87 -15.91 -2.06
C SER I 98 32.42 -15.43 -2.07
N THR I 99 31.46 -16.35 -1.89
CA THR I 99 30.01 -16.05 -1.93
C THR I 99 29.30 -16.28 -0.60
N VAL I 100 30.07 -16.37 0.48
CA VAL I 100 29.45 -16.47 1.80
C VAL I 100 30.20 -15.63 2.82
N VAL I 101 29.45 -14.94 3.66
CA VAL I 101 30.07 -14.12 4.68
C VAL I 101 30.25 -15.01 5.87
N ALA I 102 31.51 -15.30 6.15
CA ALA I 102 31.84 -16.12 7.31
C ALA I 102 32.70 -15.34 8.28
N PRO I 103 32.36 -15.44 9.57
CA PRO I 103 32.93 -14.73 10.70
C PRO I 103 34.44 -14.67 10.61
N ASN I 104 35.08 -15.83 10.58
CA ASN I 104 36.53 -15.94 10.49
C ASN I 104 37.24 -15.43 11.76
N LYS I 105 36.44 -14.97 12.71
CA LYS I 105 37.00 -14.32 13.89
C LYS I 105 36.46 -14.92 15.19
N PRO I 106 37.04 -16.04 15.60
CA PRO I 106 36.64 -16.61 16.89
C PRO I 106 37.41 -15.83 17.93
N ILE I 107 37.16 -14.53 17.93
CA ILE I 107 37.79 -13.62 18.88
C ILE I 107 37.21 -13.96 20.24
N PRO I 108 38.00 -13.82 21.29
CA PRO I 108 37.50 -14.18 22.61
C PRO I 108 37.06 -12.97 23.42
N PHE I 109 35.76 -12.94 23.72
CA PHE I 109 35.19 -11.98 24.65
C PHE I 109 36.20 -11.65 25.73
N PRO I 110 36.57 -10.38 25.83
CA PRO I 110 37.74 -9.94 26.61
C PRO I 110 37.65 -10.50 28.02
N VAL I 111 36.69 -10.00 28.77
CA VAL I 111 36.68 -10.18 30.20
C VAL I 111 35.37 -9.44 30.44
N ALA I 112 34.66 -9.80 31.48
CA ALA I 112 33.35 -9.22 31.75
C ALA I 112 33.52 -8.02 32.69
N SER I 113 32.95 -6.88 32.30
CA SER I 113 32.90 -5.71 33.19
C SER I 113 32.01 -6.04 34.38
N ALA I 114 30.92 -6.77 34.10
CA ALA I 114 30.05 -7.32 35.14
C ALA I 114 29.36 -8.58 34.62
N VAL I 115 29.06 -9.50 35.52
CA VAL I 115 28.37 -10.74 35.14
C VAL I 115 27.06 -10.89 35.91
N THR I 116 26.10 -11.61 35.29
CA THR I 116 24.82 -11.93 35.91
C THR I 116 24.07 -12.97 35.07
N GLU I 117 23.11 -13.66 35.70
CA GLU I 117 22.38 -14.77 35.04
C GLU I 117 20.93 -14.36 34.73
N ILE I 118 20.29 -15.10 33.81
CA ILE I 118 18.86 -14.94 33.51
C ILE I 118 18.17 -16.29 33.39
N LYS I 119 17.04 -16.47 34.07
CA LYS I 119 16.30 -17.73 33.93
C LYS I 119 15.49 -17.80 32.63
N ALA I 120 15.53 -18.96 31.99
CA ALA I 120 14.88 -19.18 30.70
C ALA I 120 13.40 -18.82 30.67
N GLU I 121 12.68 -19.13 31.75
CA GLU I 121 11.25 -18.87 31.79
C GLU I 121 11.05 -17.37 31.81
N ASP I 122 12.11 -16.66 32.17
CA ASP I 122 12.04 -15.20 32.27
C ASP I 122 12.59 -14.49 31.03
N LEU I 123 13.28 -15.22 30.15
CA LEU I 123 13.43 -14.76 28.78
C LEU I 123 12.05 -14.87 28.15
N GLN I 124 11.41 -16.02 28.39
CA GLN I 124 10.03 -16.21 27.98
C GLN I 124 9.23 -14.95 28.15
N GLN I 125 9.01 -14.57 29.41
CA GLN I 125 8.13 -13.45 29.71
C GLN I 125 8.47 -12.19 28.92
N LEU I 126 9.74 -11.96 28.62
CA LEU I 126 10.13 -10.75 27.91
C LEU I 126 10.03 -10.85 26.39
N LEU I 127 10.44 -11.99 25.84
CA LEU I 127 10.30 -12.22 24.41
C LEU I 127 8.84 -12.07 23.97
N ARG I 128 7.94 -12.20 24.95
CA ARG I 128 6.49 -12.14 24.70
C ARG I 128 5.74 -10.87 25.09
N VAL I 129 6.12 -10.27 26.22
CA VAL I 129 5.60 -8.95 26.60
C VAL I 129 5.83 -8.05 25.39
N SER I 130 7.10 -7.90 25.02
CA SER I 130 7.49 -7.00 23.93
C SER I 130 6.65 -7.14 22.66
N ARG I 131 6.20 -8.35 22.35
CA ARG I 131 5.39 -8.60 21.15
C ARG I 131 4.12 -7.73 21.07
N GLY I 132 3.33 -7.75 22.15
CA GLY I 132 2.02 -7.13 22.12
C GLY I 132 1.94 -5.90 22.98
N LEU I 133 2.99 -5.62 23.73
CA LEU I 133 3.10 -4.35 24.44
C LEU I 133 3.90 -3.40 23.59
N GLN I 134 4.31 -3.89 22.43
CA GLN I 134 5.02 -3.15 21.40
C GLN I 134 6.38 -2.58 21.82
N ILE I 135 7.33 -3.47 22.14
CA ILE I 135 8.69 -3.05 22.44
C ILE I 135 9.66 -3.45 21.32
N ASP I 136 10.70 -2.63 21.16
CA ASP I 136 11.61 -2.75 20.03
C ASP I 136 13.02 -2.36 20.43
N THR I 137 13.16 -1.91 21.67
CA THR I 137 14.47 -1.72 22.27
C THR I 137 14.35 -2.00 23.76
N ILE I 138 15.45 -2.45 24.38
CA ILE I 138 15.58 -2.56 25.84
C ILE I 138 16.92 -2.04 26.35
N ALA I 139 17.05 -1.85 27.67
CA ALA I 139 18.28 -1.31 28.27
C ALA I 139 18.63 -1.96 29.61
N ILE I 140 19.78 -2.61 29.67
CA ILE I 140 20.18 -3.35 30.88
C ILE I 140 21.02 -2.46 31.79
N THR I 141 20.59 -2.34 33.04
CA THR I 141 21.16 -1.33 33.94
C THR I 141 20.87 -1.62 35.40
N VAL I 142 21.28 -0.72 36.28
CA VAL I 142 21.18 -0.93 37.72
C VAL I 142 20.10 -0.06 38.37
N LYS I 143 19.12 -0.74 38.97
CA LYS I 143 18.08 -0.07 39.75
C LYS I 143 18.11 -0.70 41.14
N GLU I 144 18.25 0.14 42.17
CA GLU I 144 18.20 -0.30 43.56
C GLU I 144 19.16 -1.44 43.86
N GLY I 145 20.31 -1.44 43.20
CA GLY I 145 21.36 -2.39 43.54
C GLY I 145 21.40 -3.63 42.69
N LYS I 146 20.24 -4.10 42.23
CA LYS I 146 20.19 -5.25 41.31
C LYS I 146 20.33 -4.76 39.86
N ILE I 147 20.55 -5.67 38.92
CA ILE I 147 20.60 -5.28 37.51
C ILE I 147 19.25 -5.55 36.84
N VAL I 148 18.62 -4.48 36.36
CA VAL I 148 17.30 -4.55 35.73
C VAL I 148 17.36 -4.55 34.19
N ILE I 149 16.21 -4.80 33.57
CA ILE I 149 16.02 -4.58 32.14
C ILE I 149 14.86 -3.59 31.99
N ASN I 150 14.95 -2.69 31.02
CA ASN I 150 13.82 -1.85 30.69
C ASN I 150 13.51 -2.13 29.26
N GLY I 151 12.23 -2.34 28.95
CA GLY I 151 11.78 -2.32 27.57
C GLY I 151 11.24 -0.93 27.28
N PHE I 152 11.48 -0.42 26.08
CA PHE I 152 10.88 0.86 25.66
C PHE I 152 10.28 0.76 24.27
N ASN I 153 9.99 1.92 23.71
CA ASN I 153 9.42 1.99 22.39
C ASN I 153 10.05 3.09 21.54
N LYS I 154 11.21 2.78 20.97
CA LYS I 154 11.99 3.78 20.26
C LYS I 154 11.13 4.74 19.38
N VAL I 155 10.08 4.22 18.73
CA VAL I 155 9.24 5.07 17.88
C VAL I 155 8.28 6.05 18.64
N GLU I 156 7.33 5.48 19.38
CA GLU I 156 6.45 6.26 20.28
C GLU I 156 7.26 7.12 21.29
N ASP I 157 8.14 6.49 22.06
CA ASP I 157 8.95 7.15 23.08
C ASP I 157 10.37 7.36 22.57
N SER I 158 10.53 8.39 21.74
CA SER I 158 11.73 8.60 20.90
C SER I 158 13.11 8.52 21.58
N ALA I 159 13.15 8.81 22.87
CA ALA I 159 14.40 8.79 23.61
C ALA I 159 14.29 8.03 24.92
N LEU I 160 13.88 6.78 24.84
CA LEU I 160 13.99 5.84 25.96
C LEU I 160 13.58 6.41 27.31
N THR I 161 12.42 7.07 27.36
CA THR I 161 11.99 7.81 28.55
C THR I 161 10.94 7.07 29.35
N ARG I 162 9.79 6.81 28.73
CA ARG I 162 8.78 6.01 29.41
C ARG I 162 9.10 4.52 29.20
N VAL I 163 9.29 3.85 30.32
CA VAL I 163 9.63 2.43 30.30
C VAL I 163 8.35 1.64 30.27
N LYS I 164 8.18 0.84 29.23
CA LYS I 164 7.00 -0.01 29.09
C LYS I 164 7.15 -1.32 29.86
N TYR I 165 8.35 -1.60 30.38
CA TYR I 165 8.62 -2.90 30.99
C TYR I 165 9.91 -2.85 31.80
N SER I 166 9.89 -3.54 32.93
CA SER I 166 11.05 -3.73 33.79
C SER I 166 11.15 -5.19 34.21
N LEU I 167 12.36 -5.66 34.49
CA LEU I 167 12.57 -7.03 34.93
C LEU I 167 13.79 -7.07 35.82
N THR I 168 13.69 -7.79 36.94
CA THR I 168 14.75 -7.79 37.94
C THR I 168 15.56 -9.09 37.89
N LEU I 169 16.89 -8.94 37.81
CA LEU I 169 17.78 -10.06 37.48
C LEU I 169 18.84 -10.47 38.53
N GLY I 170 18.68 -10.08 39.80
CA GLY I 170 19.61 -10.48 40.83
C GLY I 170 20.70 -9.42 40.91
N ASP I 171 21.00 -9.02 42.15
CA ASP I 171 21.83 -7.85 42.46
C ASP I 171 23.18 -7.75 41.75
N TYR I 172 23.66 -6.50 41.64
CA TYR I 172 25.02 -6.18 41.23
C TYR I 172 25.76 -5.81 42.51
N ASP I 173 26.99 -6.28 42.64
CA ASP I 173 27.78 -5.97 43.82
C ASP I 173 28.90 -5.01 43.51
N GLY I 174 29.50 -5.18 42.34
CA GLY I 174 30.51 -4.25 41.85
C GLY I 174 29.98 -2.84 41.94
N GLU I 175 30.87 -1.87 41.94
CA GLU I 175 30.44 -0.49 42.10
C GLU I 175 30.59 0.28 40.80
N ASN I 176 29.75 -0.03 39.82
CA ASN I 176 29.73 0.78 38.62
C ASN I 176 28.34 1.17 38.16
N THR I 177 28.31 2.14 37.27
CA THR I 177 27.08 2.68 36.74
C THR I 177 27.09 2.43 35.23
N PHE I 178 25.94 2.03 34.69
CA PHE I 178 25.86 1.75 33.26
C PHE I 178 24.43 1.58 32.77
N ASN I 179 24.28 1.68 31.45
CA ASN I 179 23.00 1.66 30.74
C ASN I 179 23.22 1.11 29.32
N PHE I 180 23.13 -0.21 29.18
CA PHE I 180 23.43 -0.86 27.92
C PHE I 180 22.14 -1.12 27.14
N ILE I 181 22.06 -0.55 25.95
CA ILE I 181 20.83 -0.57 25.16
C ILE I 181 20.94 -1.51 23.97
N ILE I 182 19.96 -2.40 23.78
CA ILE I 182 19.95 -3.32 22.63
C ILE I 182 18.66 -3.29 21.80
N ASN I 183 18.84 -3.18 20.49
CA ASN I 183 17.73 -3.13 19.55
C ASN I 183 17.17 -4.55 19.45
N MSE I 184 15.97 -4.75 20.03
CA MSE I 184 15.30 -6.05 20.06
C MSE I 184 15.37 -6.81 18.74
O MSE I 184 15.33 -8.03 18.73
CB MSE I 184 13.81 -5.83 20.33
CG MSE I 184 13.46 -5.46 21.75
SE MSE I 184 13.58 -6.99 22.95
CE MSE I 184 15.42 -6.73 23.57
N ALA I 185 15.41 -6.08 17.64
CA ALA I 185 15.43 -6.70 16.33
C ALA I 185 16.59 -7.66 16.27
N ASN I 186 17.75 -7.16 16.68
CA ASN I 186 18.99 -7.91 16.62
C ASN I 186 19.19 -8.74 17.90
N MSE I 187 18.22 -9.62 18.13
CA MSE I 187 18.16 -10.56 19.25
C MSE I 187 17.44 -11.80 18.76
O MSE I 187 16.26 -11.72 18.41
CB MSE I 187 17.31 -10.00 20.38
CG MSE I 187 17.92 -8.84 21.08
SE MSE I 187 18.57 -9.45 22.82
CE MSE I 187 16.98 -10.42 23.36
N LYS I 188 18.10 -12.95 18.72
CA LYS I 188 17.48 -14.04 17.99
C LYS I 188 17.56 -15.43 18.61
N MSE I 189 17.82 -15.51 19.91
CA MSE I 189 17.98 -16.83 20.56
C MSE I 189 16.71 -17.59 20.93
O MSE I 189 15.74 -17.01 21.43
CB MSE I 189 18.85 -16.75 21.80
CG MSE I 189 18.34 -15.79 22.85
SE MSE I 189 19.00 -14.02 22.42
CE MSE I 189 19.56 -13.42 24.20
N GLN I 190 16.75 -18.91 20.73
CA GLN I 190 15.76 -19.83 21.26
C GLN I 190 15.92 -19.81 22.79
N PRO I 191 14.80 -19.86 23.54
CA PRO I 191 14.86 -19.60 24.98
C PRO I 191 15.85 -20.51 25.74
N GLY I 192 15.82 -20.47 27.07
CA GLY I 192 16.78 -21.25 27.85
C GLY I 192 17.50 -20.42 28.91
N ASN I 193 18.11 -21.08 29.89
CA ASN I 193 18.94 -20.37 30.86
C ASN I 193 20.12 -19.75 30.10
N TYR I 194 20.52 -18.53 30.48
CA TYR I 194 21.64 -17.88 29.82
C TYR I 194 22.52 -17.11 30.78
N LYS I 195 23.81 -17.40 30.78
CA LYS I 195 24.74 -16.54 31.50
C LYS I 195 24.86 -15.26 30.69
N LEU I 196 24.84 -14.14 31.41
CA LEU I 196 24.95 -12.82 30.81
C LEU I 196 26.29 -12.18 31.19
N LEU I 197 27.15 -12.03 30.20
CA LEU I 197 28.42 -11.37 30.41
C LEU I 197 28.37 -10.15 29.51
N LEU I 198 28.50 -8.97 30.11
CA LEU I 198 28.46 -7.76 29.33
C LEU I 198 29.78 -7.02 29.49
N TRP I 199 30.41 -6.73 28.36
CA TRP I 199 31.65 -5.94 28.41
C TRP I 199 31.59 -4.62 27.65
N ALA I 200 32.28 -3.62 28.19
CA ALA I 200 32.56 -2.38 27.46
C ALA I 200 33.65 -1.57 28.15
N LYS I 201 34.58 -1.06 27.36
CA LYS I 201 35.47 -0.01 27.81
C LYS I 201 35.20 1.24 26.99
N GLY I 202 35.12 2.38 27.68
CA GLY I 202 34.85 3.65 27.03
C GLY I 202 33.61 3.44 26.19
N LYS I 203 33.74 3.61 24.88
CA LYS I 203 32.60 3.55 23.98
C LYS I 203 32.39 2.31 23.13
N GLN I 204 33.47 1.63 22.77
CA GLN I 204 33.36 0.37 22.04
C GLN I 204 32.89 -0.73 22.99
N GLY I 205 32.14 -1.70 22.46
CA GLY I 205 31.61 -2.80 23.26
C GLY I 205 30.60 -3.76 22.64
N ALA I 206 30.14 -4.73 23.48
CA ALA I 206 29.11 -5.79 23.17
C ALA I 206 28.51 -6.61 24.40
N ALA I 207 27.43 -7.41 24.20
CA ALA I 207 26.87 -8.29 25.23
C ALA I 207 26.96 -9.76 24.82
N LYS I 208 27.43 -10.62 25.72
CA LYS I 208 27.58 -12.05 25.38
C LYS I 208 26.62 -12.92 26.16
N PHE I 209 25.79 -13.66 25.43
CA PHE I 209 24.84 -14.57 26.06
C PHE I 209 25.33 -16.01 26.04
N GLU I 210 25.69 -16.47 27.23
CA GLU I 210 26.08 -17.85 27.40
C GLU I 210 24.83 -18.68 27.65
N GLY I 211 24.63 -19.70 26.83
CA GLY I 211 23.55 -20.63 27.01
C GLY I 211 24.08 -22.05 26.89
N GLU I 212 23.37 -23.02 27.45
CA GLU I 212 23.84 -24.41 27.44
C GLU I 212 23.74 -25.10 26.06
N HIS I 213 23.01 -24.48 25.13
CA HIS I 213 22.86 -25.04 23.79
C HIS I 213 23.36 -24.11 22.67
N ALA I 214 23.81 -22.91 23.05
CA ALA I 214 24.50 -21.99 22.14
C ALA I 214 25.00 -20.72 22.84
N ASN I 215 25.79 -19.95 22.10
CA ASN I 215 26.36 -18.72 22.61
C ASN I 215 25.92 -17.61 21.69
N TYR I 216 25.65 -16.45 22.27
CA TYR I 216 25.17 -15.30 21.50
C TYR I 216 25.81 -13.98 21.91
N VAL I 217 26.22 -13.20 20.93
CA VAL I 217 26.85 -11.91 21.19
C VAL I 217 26.41 -10.85 20.19
N VAL I 218 25.82 -9.77 20.71
CA VAL I 218 25.31 -8.68 19.88
C VAL I 218 25.85 -7.33 20.32
N ALA I 219 25.52 -6.28 19.55
CA ALA I 219 26.09 -4.93 19.71
C ALA I 219 25.15 -3.92 20.37
N LEU I 220 25.67 -3.18 21.35
CA LEU I 220 24.90 -2.14 22.02
C LEU I 220 24.49 -1.19 20.88
N GLU I 221 23.29 -0.60 20.97
CA GLU I 221 22.78 0.29 19.92
C GLU I 221 23.69 1.51 20.03
N ALA I 222 23.36 2.54 19.26
CA ALA I 222 24.13 3.78 19.22
C ALA I 222 24.47 4.35 20.65
N ASP I 223 23.45 4.67 21.44
CA ASP I 223 23.62 5.54 22.63
C ASP I 223 24.02 4.95 23.98
N SER I 224 24.28 3.64 24.07
CA SER I 224 24.45 3.03 25.40
C SER I 224 25.40 3.85 26.26
N THR I 225 25.32 3.75 27.58
CA THR I 225 26.09 4.69 28.42
C THR I 225 26.59 4.19 29.78
N HIS I 226 27.91 4.24 29.98
CA HIS I 226 28.57 3.69 31.17
C HIS I 226 29.85 4.44 31.59
N ASP I 227 30.58 3.85 32.54
CA ASP I 227 31.76 4.47 33.15
C ASP I 227 32.90 3.50 33.41
N PHE I 228 32.93 2.39 32.68
CA PHE I 228 33.94 1.37 32.89
C PHE I 228 35.35 1.79 32.38
N MSE J 1 -40.18 -41.93 17.06
CA MSE J 1 -39.25 -43.02 16.82
C MSE J 1 -37.85 -42.74 17.35
O MSE J 1 -36.90 -42.68 16.57
CB MSE J 1 -39.18 -43.35 15.32
CG MSE J 1 -38.84 -42.15 14.44
SE MSE J 1 -37.87 -42.60 12.78
CE MSE J 1 -36.15 -43.07 13.64
N LYS J 2 -37.73 -42.61 18.67
CA LYS J 2 -36.44 -42.33 19.35
C LYS J 2 -35.23 -43.16 18.84
N LEU J 3 -34.01 -42.64 19.03
CA LEU J 3 -32.78 -43.40 18.70
C LEU J 3 -31.69 -43.56 19.76
N SER J 4 -31.10 -44.76 19.80
CA SER J 4 -30.26 -45.20 20.91
C SER J 4 -28.79 -45.04 20.64
N LYS J 5 -28.02 -45.07 21.72
CA LYS J 5 -26.57 -44.93 21.63
C LYS J 5 -26.05 -45.90 20.59
N ASP J 6 -26.69 -47.07 20.52
CA ASP J 6 -26.31 -48.14 19.59
C ASP J 6 -26.46 -47.75 18.12
N THR J 7 -27.62 -47.21 17.78
CA THR J 7 -27.99 -46.99 16.38
C THR J 7 -27.40 -45.72 15.77
N THR J 8 -27.11 -44.74 16.62
CA THR J 8 -26.51 -43.49 16.17
C THR J 8 -25.04 -43.74 15.87
N ALA J 9 -24.39 -44.49 16.76
CA ALA J 9 -23.00 -44.89 16.60
C ALA J 9 -22.72 -45.47 15.22
N LEU J 10 -23.44 -46.51 14.83
CA LEU J 10 -23.25 -47.14 13.52
C LEU J 10 -23.50 -46.13 12.40
N LEU J 11 -24.35 -45.15 12.67
CA LEU J 11 -24.69 -44.14 11.66
C LEU J 11 -23.63 -43.06 11.45
N LYS J 12 -22.90 -42.71 12.52
CA LYS J 12 -21.78 -41.78 12.37
C LYS J 12 -20.74 -42.39 11.45
N ASN J 13 -20.69 -43.73 11.43
CA ASN J 13 -19.78 -44.46 10.54
C ASN J 13 -20.24 -44.45 9.06
N PHE J 14 -21.52 -44.74 8.81
CA PHE J 14 -22.03 -44.70 7.44
C PHE J 14 -21.76 -43.31 6.86
N ALA J 15 -21.61 -42.36 7.78
CA ALA J 15 -21.42 -40.96 7.45
C ALA J 15 -20.03 -40.75 6.90
N THR J 16 -19.25 -41.82 6.87
CA THR J 16 -17.86 -41.72 6.51
C THR J 16 -17.62 -42.48 5.22
N ILE J 17 -18.58 -43.32 4.86
CA ILE J 17 -18.62 -43.89 3.54
C ILE J 17 -19.30 -42.87 2.66
N ASN J 18 -20.34 -42.25 3.21
CA ASN J 18 -21.06 -41.24 2.45
C ASN J 18 -21.75 -40.21 3.32
N SER J 19 -21.49 -38.94 3.01
CA SER J 19 -21.86 -37.77 3.81
C SER J 19 -23.35 -37.69 4.03
N GLY J 20 -24.09 -37.83 2.94
CA GLY J 20 -25.53 -37.93 3.01
C GLY J 20 -25.93 -39.40 2.96
N ILE J 21 -27.19 -39.68 3.26
CA ILE J 21 -27.71 -41.05 3.19
C ILE J 21 -29.22 -41.07 3.00
N MSE J 22 -29.72 -42.21 2.51
CA MSE J 22 -31.13 -42.43 2.25
C MSE J 22 -31.56 -43.60 3.08
O MSE J 22 -31.09 -44.72 2.88
CB MSE J 22 -31.34 -42.82 0.79
CG MSE J 22 -32.66 -43.50 0.51
SE MSE J 22 -34.10 -42.19 0.47
CE MSE J 22 -35.36 -43.05 1.70
N LEU J 23 -32.46 -43.37 4.03
CA LEU J 23 -32.93 -44.49 4.81
C LEU J 23 -34.42 -44.73 4.59
N LYS J 24 -34.76 -45.99 4.39
CA LYS J 24 -36.15 -46.38 4.25
C LYS J 24 -36.69 -47.03 5.53
N SER J 25 -37.93 -47.53 5.49
CA SER J 25 -38.58 -47.97 6.73
C SER J 25 -38.40 -49.45 7.02
N GLY J 26 -37.89 -49.74 8.21
CA GLY J 26 -37.61 -51.11 8.61
C GLY J 26 -36.72 -50.98 9.81
N GLN J 27 -36.02 -52.06 10.16
CA GLN J 27 -34.92 -51.94 11.10
C GLN J 27 -33.68 -52.06 10.22
N PHE J 28 -33.85 -51.59 8.97
CA PHE J 28 -32.86 -51.71 7.91
C PHE J 28 -32.30 -50.35 7.41
N ILE J 29 -30.97 -50.28 7.32
CA ILE J 29 -30.28 -49.09 6.83
C ILE J 29 -29.03 -49.41 5.96
N MSE J 30 -28.74 -48.56 4.98
CA MSE J 30 -27.60 -48.81 4.09
C MSE J 30 -27.15 -47.59 3.26
O MSE J 30 -27.97 -46.73 2.91
CB MSE J 30 -27.91 -49.98 3.18
CG MSE J 30 -29.00 -49.68 2.17
SE MSE J 30 -29.20 -51.07 0.83
CE MSE J 30 -30.47 -52.22 1.76
N THR J 31 -25.86 -47.54 2.94
CA THR J 31 -25.28 -46.43 2.17
C THR J 31 -24.32 -46.91 1.09
N ARG J 32 -23.63 -45.96 0.45
CA ARG J 32 -22.56 -46.29 -0.49
C ARG J 32 -21.68 -45.09 -0.83
N ALA J 33 -20.51 -45.38 -1.39
CA ALA J 33 -19.58 -44.34 -1.80
C ALA J 33 -20.11 -43.85 -3.12
N VAL J 34 -20.29 -42.54 -3.22
CA VAL J 34 -20.79 -41.95 -4.45
C VAL J 34 -20.14 -42.61 -5.69
N ASN J 35 -18.86 -42.91 -5.59
CA ASN J 35 -18.06 -43.42 -6.70
C ASN J 35 -18.19 -44.92 -6.95
N GLY J 36 -18.78 -45.63 -6.00
CA GLY J 36 -18.93 -47.07 -6.10
C GLY J 36 -18.08 -47.85 -5.09
N THR J 37 -16.79 -47.54 -5.04
CA THR J 37 -15.76 -48.36 -4.36
C THR J 37 -16.22 -49.06 -3.08
N THR J 38 -17.15 -48.46 -2.35
CA THR J 38 -17.56 -49.03 -1.07
C THR J 38 -19.09 -49.09 -0.88
N TYR J 39 -19.53 -49.78 0.17
CA TYR J 39 -20.94 -50.08 0.44
C TYR J 39 -21.08 -50.46 1.93
N ALA J 40 -22.30 -50.50 2.46
CA ALA J 40 -22.52 -51.05 3.81
C ALA J 40 -24.01 -51.19 4.15
N GLU J 41 -24.38 -52.37 4.63
CA GLU J 41 -25.74 -52.67 5.08
C GLU J 41 -25.75 -52.98 6.58
N ALA J 42 -26.93 -52.97 7.20
CA ALA J 42 -27.05 -53.21 8.65
C ALA J 42 -28.52 -53.32 9.05
N ASN J 43 -28.80 -54.10 10.08
CA ASN J 43 -30.11 -54.11 10.73
C ASN J 43 -29.92 -53.61 12.14
N ILE J 44 -30.93 -52.96 12.72
CA ILE J 44 -30.76 -52.40 14.05
C ILE J 44 -32.00 -52.46 14.92
N SER J 45 -31.79 -52.26 16.22
CA SER J 45 -32.87 -52.22 17.18
C SER J 45 -34.06 -51.30 16.89
N ASP J 46 -33.80 -49.99 16.85
CA ASP J 46 -34.84 -48.97 16.69
C ASP J 46 -35.49 -49.08 15.29
N VAL J 47 -36.69 -48.55 15.17
CA VAL J 47 -37.45 -48.77 13.95
C VAL J 47 -37.76 -47.49 13.15
N ILE J 48 -37.13 -47.37 11.98
CA ILE J 48 -37.40 -46.27 11.04
C ILE J 48 -38.86 -46.29 10.60
N ASP J 49 -39.64 -45.31 11.04
CA ASP J 49 -41.07 -45.26 10.72
C ASP J 49 -41.45 -44.24 9.64
N PHE J 50 -40.47 -43.78 8.85
CA PHE J 50 -40.78 -43.01 7.64
C PHE J 50 -39.61 -42.84 6.68
N ASP J 51 -39.94 -42.63 5.40
CA ASP J 51 -38.95 -42.42 4.34
C ASP J 51 -38.46 -40.96 4.22
N VAL J 52 -37.13 -40.81 4.18
CA VAL J 52 -36.48 -39.50 4.15
C VAL J 52 -35.03 -39.60 3.69
N ALA J 53 -34.53 -38.60 2.98
CA ALA J 53 -33.12 -38.53 2.60
C ALA J 53 -32.39 -37.39 3.32
N ILE J 54 -31.12 -37.60 3.68
CA ILE J 54 -30.35 -36.55 4.37
C ILE J 54 -29.12 -36.13 3.60
N TYR J 55 -28.77 -34.84 3.73
CA TYR J 55 -27.64 -34.31 3.01
C TYR J 55 -26.38 -34.34 3.83
N ASP J 56 -26.54 -33.87 5.07
CA ASP J 56 -25.45 -33.67 6.01
C ASP J 56 -25.67 -34.54 7.25
N LEU J 57 -25.32 -35.81 7.14
CA LEU J 57 -25.51 -36.77 8.22
C LEU J 57 -24.67 -36.43 9.45
N ASN J 58 -23.35 -36.32 9.24
CA ASN J 58 -22.43 -36.04 10.33
C ASN J 58 -22.95 -34.88 11.13
N GLY J 59 -23.55 -33.96 10.39
CA GLY J 59 -24.19 -32.79 10.96
C GLY J 59 -25.44 -33.19 11.68
N PHE J 60 -26.31 -33.92 11.00
CA PHE J 60 -27.60 -34.28 11.55
C PHE J 60 -27.52 -34.91 12.93
N LEU J 61 -26.51 -35.76 13.09
CA LEU J 61 -26.28 -36.51 14.31
C LEU J 61 -25.76 -35.65 15.45
N GLY J 62 -24.87 -34.71 15.11
CA GLY J 62 -24.41 -33.72 16.07
C GLY J 62 -25.59 -32.98 16.69
N ILE J 63 -26.57 -32.63 15.86
CA ILE J 63 -27.76 -31.91 16.32
C ILE J 63 -28.56 -32.70 17.33
N LEU J 64 -28.52 -34.02 17.20
CA LEU J 64 -29.27 -34.92 18.07
C LEU J 64 -28.65 -35.01 19.47
N SER J 65 -27.36 -34.74 19.54
CA SER J 65 -26.65 -34.85 20.80
C SER J 65 -27.10 -33.77 21.77
N LEU J 66 -27.90 -32.84 21.28
CA LEU J 66 -28.18 -31.64 22.04
C LEU J 66 -29.57 -31.64 22.69
N VAL J 67 -30.38 -32.63 22.35
CA VAL J 67 -31.73 -32.74 22.89
C VAL J 67 -31.81 -33.87 23.91
N ASN J 68 -33.02 -34.13 24.40
CA ASN J 68 -33.24 -35.19 25.38
C ASN J 68 -33.24 -36.57 24.74
N ASP J 69 -32.41 -37.46 25.27
CA ASP J 69 -32.31 -38.82 24.76
C ASP J 69 -33.68 -39.36 24.35
N ASP J 70 -34.69 -39.07 25.17
CA ASP J 70 -36.05 -39.53 24.90
C ASP J 70 -36.70 -38.67 23.82
N ALA J 71 -35.88 -38.01 23.01
CA ALA J 71 -36.38 -37.16 21.94
C ALA J 71 -36.95 -38.00 20.80
N GLU J 72 -38.23 -37.79 20.50
CA GLU J 72 -38.91 -38.52 19.42
C GLU J 72 -38.76 -37.79 18.09
N ILE J 73 -38.30 -38.52 17.09
CA ILE J 73 -38.10 -37.99 15.76
C ILE J 73 -39.31 -38.33 14.94
N SER J 74 -39.82 -37.38 14.17
CA SER J 74 -41.05 -37.57 13.38
C SER J 74 -40.90 -37.00 11.97
N GLN J 75 -41.81 -37.34 11.05
CA GLN J 75 -41.81 -36.56 9.82
C GLN J 75 -42.62 -35.30 10.07
N SER J 76 -41.98 -34.16 9.87
CA SER J 76 -42.64 -32.89 10.16
C SER J 76 -43.73 -32.51 9.17
N GLU J 77 -44.52 -31.55 9.63
CA GLU J 77 -45.68 -31.07 8.93
C GLU J 77 -45.38 -30.97 7.43
N ASP J 78 -44.50 -30.05 7.04
CA ASP J 78 -44.21 -29.90 5.62
C ASP J 78 -43.61 -31.18 5.02
N GLY J 79 -42.73 -31.86 5.75
CA GLY J 79 -42.13 -33.08 5.25
C GLY J 79 -40.65 -33.20 5.52
N ASN J 80 -40.15 -32.25 6.31
CA ASN J 80 -38.80 -32.32 6.81
C ASN J 80 -38.87 -33.01 8.16
N ILE J 81 -37.74 -33.11 8.85
CA ILE J 81 -37.60 -33.93 10.05
C ILE J 81 -37.78 -33.18 11.38
N LYS J 82 -38.89 -33.38 12.08
CA LYS J 82 -39.06 -32.71 13.37
C LYS J 82 -38.47 -33.49 14.55
N ILE J 83 -37.52 -32.87 15.25
CA ILE J 83 -36.89 -33.49 16.41
C ILE J 83 -37.37 -32.89 17.75
N ALA J 84 -38.49 -33.43 18.25
CA ALA J 84 -39.15 -32.90 19.44
C ALA J 84 -38.45 -33.33 20.72
N ASP J 85 -37.89 -32.36 21.42
CA ASP J 85 -37.18 -32.64 22.67
C ASP J 85 -38.11 -32.35 23.84
N ALA J 86 -37.52 -32.15 25.02
CA ALA J 86 -38.31 -31.86 26.22
C ALA J 86 -39.16 -30.60 26.22
N ARG J 87 -38.51 -29.44 26.25
CA ARG J 87 -39.21 -28.17 26.25
C ARG J 87 -38.82 -27.37 25.02
N SER J 88 -38.24 -28.06 24.03
CA SER J 88 -37.82 -27.41 22.79
C SER J 88 -38.14 -28.28 21.58
N THR J 89 -37.68 -27.84 20.41
CA THR J 89 -37.92 -28.58 19.17
C THR J 89 -36.98 -28.13 18.07
N ILE J 90 -36.49 -29.09 17.29
CA ILE J 90 -35.57 -28.78 16.19
C ILE J 90 -36.09 -29.33 14.88
N PHE J 91 -35.86 -28.60 13.79
CA PHE J 91 -36.32 -29.04 12.47
C PHE J 91 -35.18 -29.12 11.48
N TRP J 92 -34.74 -30.34 11.21
CA TRP J 92 -33.65 -30.54 10.27
C TRP J 92 -34.18 -30.90 8.88
N PRO J 93 -33.57 -30.33 7.84
CA PRO J 93 -33.90 -30.44 6.42
C PRO J 93 -33.85 -31.82 5.77
N ALA J 94 -35.03 -32.29 5.37
CA ALA J 94 -35.14 -33.37 4.41
C ALA J 94 -34.54 -32.89 3.06
N ALA J 95 -33.60 -33.65 2.52
CA ALA J 95 -32.86 -33.26 1.31
C ALA J 95 -33.38 -33.95 0.06
N ASP J 96 -33.08 -33.38 -1.10
CA ASP J 96 -33.61 -33.88 -2.37
C ASP J 96 -32.97 -35.19 -2.73
N PRO J 97 -33.77 -36.25 -2.78
CA PRO J 97 -33.29 -37.58 -3.15
C PRO J 97 -32.28 -37.53 -4.28
N SER J 98 -32.56 -36.73 -5.31
CA SER J 98 -31.73 -36.73 -6.49
C SER J 98 -30.37 -36.09 -6.28
N THR J 99 -30.08 -35.74 -5.03
CA THR J 99 -28.77 -35.18 -4.62
C THR J 99 -28.13 -35.97 -3.46
N VAL J 100 -28.47 -37.25 -3.39
CA VAL J 100 -27.88 -38.13 -2.42
C VAL J 100 -27.74 -39.48 -3.07
N VAL J 101 -26.53 -40.03 -3.03
CA VAL J 101 -26.29 -41.34 -3.61
C VAL J 101 -26.50 -42.45 -2.57
N ALA J 102 -27.62 -43.16 -2.70
CA ALA J 102 -27.88 -44.35 -1.90
C ALA J 102 -27.93 -45.59 -2.80
N PRO J 103 -27.76 -46.78 -2.21
CA PRO J 103 -27.84 -48.01 -3.00
C PRO J 103 -29.19 -48.17 -3.66
N ASN J 104 -29.13 -48.32 -4.98
CA ASN J 104 -30.25 -48.77 -5.80
C ASN J 104 -31.10 -49.82 -5.06
N LYS J 105 -30.50 -50.98 -4.81
CA LYS J 105 -31.11 -52.06 -4.05
C LYS J 105 -30.02 -52.59 -3.13
N PRO J 106 -30.31 -53.50 -2.10
CA PRO J 106 -29.32 -54.02 -1.13
C PRO J 106 -28.45 -55.12 -1.72
N ILE J 107 -27.54 -54.74 -2.63
CA ILE J 107 -26.79 -55.71 -3.46
C ILE J 107 -26.48 -57.02 -2.75
N PRO J 108 -26.97 -58.12 -3.36
CA PRO J 108 -26.98 -59.52 -2.93
C PRO J 108 -25.67 -60.19 -3.30
N PHE J 109 -24.92 -60.61 -2.29
CA PHE J 109 -23.59 -61.14 -2.55
C PHE J 109 -23.65 -62.55 -3.12
N PRO J 110 -22.94 -62.77 -4.25
CA PRO J 110 -22.73 -64.08 -4.85
C PRO J 110 -22.19 -65.09 -3.85
N VAL J 111 -21.90 -66.29 -4.32
CA VAL J 111 -21.30 -67.33 -3.48
C VAL J 111 -19.78 -67.14 -3.41
N ALA J 112 -19.17 -67.56 -2.31
CA ALA J 112 -17.75 -67.32 -2.08
C ALA J 112 -16.83 -68.15 -2.99
N SER J 113 -16.07 -67.47 -3.84
CA SER J 113 -15.02 -68.15 -4.61
C SER J 113 -13.98 -68.64 -3.60
N ALA J 114 -13.90 -67.88 -2.51
CA ALA J 114 -12.98 -68.15 -1.42
C ALA J 114 -13.64 -67.83 -0.07
N VAL J 115 -13.10 -68.39 1.01
CA VAL J 115 -13.60 -68.12 2.35
C VAL J 115 -12.44 -68.07 3.33
N THR J 116 -12.47 -67.12 4.26
CA THR J 116 -11.58 -67.15 5.45
C THR J 116 -12.16 -66.16 6.49
N GLU J 117 -11.37 -65.69 7.43
CA GLU J 117 -11.90 -64.82 8.47
C GLU J 117 -10.86 -63.88 9.06
N ILE J 118 -11.30 -62.94 9.92
CA ILE J 118 -10.35 -62.04 10.59
C ILE J 118 -10.68 -61.73 12.06
N LYS J 119 -9.66 -61.27 12.78
CA LYS J 119 -9.74 -61.00 14.20
C LYS J 119 -9.70 -59.50 14.50
N ALA J 120 -10.39 -59.08 15.55
CA ALA J 120 -10.59 -57.67 15.88
C ALA J 120 -9.31 -56.85 16.03
N GLU J 121 -8.38 -57.30 16.88
CA GLU J 121 -7.10 -56.58 17.08
C GLU J 121 -6.27 -56.66 15.81
N ASP J 122 -6.40 -57.77 15.09
CA ASP J 122 -5.72 -57.93 13.82
C ASP J 122 -6.14 -56.81 12.87
N LEU J 123 -7.44 -56.57 12.81
CA LEU J 123 -7.97 -55.47 12.03
C LEU J 123 -7.60 -54.14 12.66
N GLN J 124 -7.60 -54.10 13.98
CA GLN J 124 -7.14 -52.94 14.71
C GLN J 124 -5.67 -52.73 14.41
N GLN J 125 -4.88 -53.79 14.55
CA GLN J 125 -3.45 -53.75 14.28
C GLN J 125 -3.18 -53.16 12.90
N LEU J 126 -3.81 -53.72 11.86
CA LEU J 126 -3.59 -53.27 10.49
C LEU J 126 -3.92 -51.79 10.29
N LEU J 127 -5.20 -51.44 10.51
CA LEU J 127 -5.66 -50.07 10.34
C LEU J 127 -4.66 -49.10 10.97
N ARG J 128 -4.36 -49.34 12.26
CA ARG J 128 -3.39 -48.54 13.01
C ARG J 128 -2.08 -48.46 12.26
N VAL J 129 -1.53 -49.63 11.93
CA VAL J 129 -0.27 -49.68 11.18
C VAL J 129 0.12 -48.96 9.90
N SER J 130 -0.71 -49.10 8.87
CA SER J 130 -0.47 -48.46 7.58
C SER J 130 -0.02 -47.00 7.44
N ARG J 131 -0.93 -46.08 7.71
CA ARG J 131 -0.65 -44.66 7.61
C ARG J 131 0.64 -44.23 8.29
N GLY J 132 0.88 -44.77 9.48
CA GLY J 132 2.08 -44.45 10.23
C GLY J 132 3.34 -44.52 9.40
N LEU J 133 3.57 -45.68 8.78
CA LEU J 133 4.75 -45.88 7.95
C LEU J 133 4.47 -45.48 6.51
N GLN J 134 3.31 -44.84 6.29
CA GLN J 134 2.93 -44.40 4.96
C GLN J 134 2.22 -45.37 4.02
N ILE J 135 1.89 -46.55 4.52
CA ILE J 135 1.19 -47.57 3.71
C ILE J 135 -0.19 -47.09 3.32
N ASP J 136 -0.62 -47.43 2.11
CA ASP J 136 -1.94 -47.03 1.61
C ASP J 136 -2.50 -47.96 0.58
N THR J 137 -2.31 -49.25 0.80
CA THR J 137 -2.82 -50.28 -0.09
C THR J 137 -2.45 -51.63 0.50
N ILE J 138 -3.20 -52.67 0.14
CA ILE J 138 -2.91 -54.02 0.63
C ILE J 138 -3.30 -55.13 -0.36
N ALA J 139 -3.09 -56.38 0.07
CA ALA J 139 -3.32 -57.53 -0.80
C ALA J 139 -3.44 -58.87 -0.08
N ILE J 140 -4.60 -59.50 -0.22
CA ILE J 140 -4.81 -60.81 0.33
C ILE J 140 -4.41 -61.85 -0.70
N THR J 141 -3.73 -62.90 -0.24
CA THR J 141 -3.26 -63.95 -1.14
C THR J 141 -2.75 -65.17 -0.36
N VAL J 142 -2.70 -66.32 -1.04
CA VAL J 142 -2.23 -67.58 -0.47
C VAL J 142 -0.72 -67.56 -0.27
N LYS J 143 -0.26 -67.84 0.94
CA LYS J 143 1.19 -67.90 1.21
C LYS J 143 1.59 -69.03 2.13
N GLU J 144 2.38 -69.95 1.59
CA GLU J 144 2.75 -71.15 2.31
C GLU J 144 1.49 -71.75 2.92
N GLY J 145 0.55 -72.13 2.04
CA GLY J 145 -0.67 -72.81 2.42
C GLY J 145 -1.81 -71.93 2.89
N LYS J 146 -1.54 -71.11 3.91
CA LYS J 146 -2.56 -70.27 4.54
C LYS J 146 -2.90 -69.03 3.68
N ILE J 147 -3.63 -68.09 4.31
CA ILE J 147 -3.91 -66.78 3.73
C ILE J 147 -3.40 -65.63 4.60
N VAL J 148 -2.74 -64.66 3.98
CA VAL J 148 -2.22 -63.53 4.72
C VAL J 148 -2.40 -62.22 3.94
N ILE J 149 -2.34 -61.11 4.66
CA ILE J 149 -2.43 -59.80 4.03
C ILE J 149 -1.06 -59.13 4.01
N ASN J 150 -0.75 -58.45 2.93
CA ASN J 150 0.53 -57.75 2.79
C ASN J 150 0.33 -56.27 2.49
N GLY J 151 0.61 -55.39 3.44
CA GLY J 151 0.42 -53.97 3.25
C GLY J 151 1.56 -53.26 2.52
N PHE J 152 1.22 -52.51 1.47
CA PHE J 152 2.22 -51.77 0.69
C PHE J 152 2.11 -50.26 0.91
N ASN J 153 3.07 -49.51 0.37
CA ASN J 153 2.86 -48.09 0.13
C ASN J 153 2.97 -47.85 -1.36
N LYS J 154 1.84 -47.67 -2.02
CA LYS J 154 1.77 -47.56 -3.47
C LYS J 154 2.18 -46.18 -4.00
N VAL J 155 2.40 -45.23 -3.10
CA VAL J 155 2.94 -43.91 -3.46
C VAL J 155 4.44 -44.02 -3.72
N GLU J 156 5.15 -44.68 -2.80
CA GLU J 156 6.60 -44.86 -2.92
C GLU J 156 6.96 -46.32 -3.29
N ASP J 157 5.95 -47.11 -3.63
CA ASP J 157 6.12 -48.49 -4.07
C ASP J 157 5.13 -48.74 -5.21
N SER J 158 5.40 -48.13 -6.36
CA SER J 158 4.44 -48.12 -7.47
C SER J 158 3.87 -49.49 -7.86
N ALA J 159 4.73 -50.40 -8.33
CA ALA J 159 4.27 -51.66 -8.90
C ALA J 159 4.02 -52.78 -7.87
N LEU J 160 3.96 -52.42 -6.59
CA LEU J 160 3.58 -53.36 -5.53
C LEU J 160 4.41 -54.60 -5.25
N THR J 161 5.64 -54.38 -4.78
CA THR J 161 6.50 -55.49 -4.45
C THR J 161 7.32 -55.42 -3.15
N ARG J 162 7.28 -54.28 -2.48
CA ARG J 162 7.97 -54.13 -1.19
C ARG J 162 7.00 -54.04 -0.02
N VAL J 163 6.50 -55.20 0.38
CA VAL J 163 5.62 -55.30 1.54
C VAL J 163 6.22 -54.49 2.67
N LYS J 164 5.37 -54.02 3.58
CA LYS J 164 5.83 -53.20 4.71
C LYS J 164 5.04 -53.53 5.98
N TYR J 165 4.19 -54.56 5.87
CA TYR J 165 3.50 -55.17 7.01
C TYR J 165 2.66 -56.36 6.54
N SER J 166 2.47 -57.34 7.43
CA SER J 166 1.80 -58.58 7.06
C SER J 166 1.07 -59.25 8.24
N LEU J 167 -0.05 -59.87 7.94
CA LEU J 167 -0.87 -60.54 8.93
C LEU J 167 -1.51 -61.79 8.37
N THR J 168 -1.46 -62.86 9.16
CA THR J 168 -2.00 -64.15 8.75
C THR J 168 -3.41 -64.28 9.29
N LEU J 169 -4.30 -64.91 8.51
CA LEU J 169 -5.71 -65.00 8.86
C LEU J 169 -6.21 -66.40 9.22
N GLY J 170 -5.82 -67.39 8.41
CA GLY J 170 -6.24 -68.78 8.61
C GLY J 170 -6.06 -69.51 7.30
N ASP J 171 -5.74 -70.80 7.34
CA ASP J 171 -5.38 -71.49 6.10
C ASP J 171 -6.50 -71.67 5.06
N TYR J 172 -6.16 -72.33 3.96
CA TYR J 172 -6.95 -72.33 2.74
C TYR J 172 -7.23 -73.74 2.22
N ASP J 173 -8.42 -74.25 2.52
CA ASP J 173 -8.84 -75.58 2.09
C ASP J 173 -8.88 -75.86 0.59
N GLY J 174 -9.40 -74.91 -0.17
CA GLY J 174 -9.53 -75.05 -1.62
C GLY J 174 -8.15 -75.03 -2.24
N GLU J 175 -8.10 -74.95 -3.57
CA GLU J 175 -6.81 -74.96 -4.25
C GLU J 175 -6.50 -74.22 -5.53
N ASN J 176 -6.01 -72.99 -5.33
CA ASN J 176 -5.38 -72.15 -6.33
C ASN J 176 -4.89 -70.88 -5.66
N THR J 177 -3.84 -70.28 -6.21
CA THR J 177 -3.27 -69.09 -5.61
C THR J 177 -3.71 -67.84 -6.37
N PHE J 178 -4.50 -67.01 -5.69
CA PHE J 178 -5.04 -65.77 -6.26
C PHE J 178 -4.35 -64.54 -5.63
N ASN J 179 -4.63 -63.37 -6.17
CA ASN J 179 -4.02 -62.14 -5.65
C ASN J 179 -5.00 -60.96 -5.71
N PHE J 180 -5.52 -60.56 -4.54
CA PHE J 180 -6.54 -59.49 -4.46
C PHE J 180 -6.00 -58.18 -3.84
N ILE J 181 -6.29 -57.03 -4.47
CA ILE J 181 -5.81 -55.70 -4.03
C ILE J 181 -6.94 -54.70 -3.71
N ILE J 182 -6.78 -53.91 -2.64
CA ILE J 182 -7.72 -52.84 -2.30
C ILE J 182 -7.02 -51.54 -1.92
N ASN J 183 -7.57 -50.39 -2.35
CA ASN J 183 -7.08 -49.11 -1.85
C ASN J 183 -7.29 -49.08 -0.34
N MSE J 184 -6.56 -48.22 0.38
CA MSE J 184 -6.66 -48.20 1.85
C MSE J 184 -7.74 -47.29 2.42
O MSE J 184 -8.37 -47.61 3.44
CB MSE J 184 -5.30 -47.93 2.50
CG MSE J 184 -5.27 -48.18 4.03
SE MSE J 184 -5.86 -49.99 4.61
CE MSE J 184 -5.80 -49.75 6.56
N ALA J 185 -7.97 -46.14 1.79
CA ALA J 185 -9.02 -45.27 2.31
C ALA J 185 -10.39 -45.94 2.17
N ASN J 186 -10.43 -47.09 1.51
CA ASN J 186 -11.69 -47.82 1.27
C ASN J 186 -12.12 -48.76 2.40
N MSE J 187 -11.41 -48.70 3.53
CA MSE J 187 -11.58 -49.67 4.62
C MSE J 187 -12.35 -49.11 5.80
O MSE J 187 -11.85 -49.07 6.94
CB MSE J 187 -10.21 -50.16 5.08
CG MSE J 187 -9.51 -51.01 4.04
SE MSE J 187 -10.30 -52.78 3.93
CE MSE J 187 -9.69 -53.41 5.69
N LYS J 188 -13.59 -48.71 5.56
CA LYS J 188 -14.29 -47.92 6.54
C LYS J 188 -14.86 -48.71 7.72
N MSE J 189 -15.09 -50.01 7.54
CA MSE J 189 -15.70 -50.84 8.59
C MSE J 189 -15.09 -50.67 9.99
O MSE J 189 -13.89 -50.51 10.15
CB MSE J 189 -15.67 -52.32 8.22
CG MSE J 189 -14.33 -53.00 8.45
SE MSE J 189 -13.09 -52.65 6.99
CE MSE J 189 -14.32 -52.82 5.49
N GLN J 190 -15.97 -50.73 10.98
CA GLN J 190 -15.57 -50.56 12.38
C GLN J 190 -14.94 -51.82 12.93
N PRO J 191 -13.83 -51.68 13.67
CA PRO J 191 -13.09 -52.82 14.25
C PRO J 191 -14.01 -53.79 14.99
N GLY J 192 -13.49 -54.97 15.31
CA GLY J 192 -14.31 -56.07 15.77
C GLY J 192 -14.06 -57.22 14.79
N ASN J 193 -14.72 -58.36 15.02
CA ASN J 193 -14.43 -59.59 14.26
C ASN J 193 -15.35 -59.83 13.05
N TYR J 194 -14.75 -59.92 11.86
CA TYR J 194 -15.49 -60.05 10.59
C TYR J 194 -15.14 -61.34 9.81
N LYS J 195 -16.17 -62.04 9.32
CA LYS J 195 -15.97 -63.18 8.44
C LYS J 195 -15.79 -62.66 7.00
N LEU J 196 -14.73 -63.11 6.34
CA LEU J 196 -14.30 -62.46 5.11
C LEU J 196 -14.55 -63.27 3.82
N LEU J 197 -15.70 -63.06 3.20
CA LEU J 197 -16.02 -63.71 1.92
C LEU J 197 -15.35 -63.01 0.72
N LEU J 198 -14.66 -63.74 -0.15
CA LEU J 198 -14.00 -63.16 -1.34
C LEU J 198 -14.58 -63.71 -2.63
N TRP J 199 -14.46 -62.93 -3.71
CA TRP J 199 -15.19 -63.24 -4.94
C TRP J 199 -14.59 -62.66 -6.25
N ALA J 200 -14.85 -63.34 -7.36
CA ALA J 200 -14.32 -62.94 -8.68
C ALA J 200 -15.01 -63.64 -9.86
N LYS J 201 -15.21 -62.92 -10.96
CA LYS J 201 -15.75 -63.49 -12.21
C LYS J 201 -15.12 -62.94 -13.50
N GLY J 202 -14.49 -61.77 -13.40
CA GLY J 202 -13.83 -61.14 -14.53
C GLY J 202 -12.71 -60.28 -13.94
N LYS J 203 -12.22 -59.30 -14.69
CA LYS J 203 -11.30 -58.32 -14.12
C LYS J 203 -11.99 -57.59 -12.98
N GLN J 204 -13.22 -58.05 -12.70
CA GLN J 204 -14.11 -57.57 -11.65
C GLN J 204 -14.17 -58.56 -10.50
N GLY J 205 -14.06 -58.06 -9.27
CA GLY J 205 -14.20 -58.90 -8.07
C GLY J 205 -14.72 -58.12 -6.88
N ALA J 206 -15.00 -58.80 -5.76
CA ALA J 206 -15.53 -58.13 -4.55
C ALA J 206 -15.01 -58.74 -3.25
N ALA J 207 -15.49 -58.25 -2.10
CA ALA J 207 -15.03 -58.76 -0.81
C ALA J 207 -15.89 -58.39 0.42
N LYS J 208 -16.94 -59.16 0.71
CA LYS J 208 -17.90 -58.76 1.75
C LYS J 208 -17.57 -59.17 3.19
N PHE J 209 -16.97 -58.26 3.96
CA PHE J 209 -16.73 -58.48 5.38
C PHE J 209 -18.02 -58.59 6.17
N GLU J 210 -18.16 -59.62 7.00
CA GLU J 210 -19.37 -59.76 7.83
C GLU J 210 -19.08 -59.53 9.30
N GLY J 211 -19.63 -58.46 9.87
CA GLY J 211 -19.51 -58.17 11.29
C GLY J 211 -20.77 -58.59 12.05
N GLU J 212 -20.77 -58.43 13.37
CA GLU J 212 -21.92 -58.81 14.19
C GLU J 212 -22.88 -57.65 14.38
N HIS J 213 -22.65 -56.59 13.60
CA HIS J 213 -23.48 -55.40 13.62
C HIS J 213 -23.93 -55.10 12.19
N ALA J 214 -22.96 -55.00 11.29
CA ALA J 214 -23.27 -54.69 9.91
C ALA J 214 -22.26 -55.29 8.93
N ASN J 215 -22.64 -55.34 7.64
CA ASN J 215 -21.79 -55.86 6.58
C ASN J 215 -21.22 -54.76 5.67
N TYR J 216 -19.98 -54.92 5.22
CA TYR J 216 -19.32 -53.95 4.34
C TYR J 216 -18.78 -54.70 3.14
N VAL J 217 -18.97 -54.13 1.94
CA VAL J 217 -18.40 -54.70 0.72
C VAL J 217 -17.51 -53.70 -0.02
N VAL J 218 -16.32 -54.15 -0.40
CA VAL J 218 -15.35 -53.26 -1.02
C VAL J 218 -14.96 -53.82 -2.38
N ALA J 219 -14.92 -52.95 -3.39
CA ALA J 219 -14.47 -53.31 -4.73
C ALA J 219 -13.03 -53.77 -4.64
N LEU J 220 -12.48 -54.15 -5.78
CA LEU J 220 -11.07 -54.53 -5.80
C LEU J 220 -10.27 -53.47 -6.54
N GLU J 221 -9.00 -53.74 -6.80
CA GLU J 221 -8.21 -52.79 -7.55
C GLU J 221 -7.89 -53.43 -8.89
N ALA J 222 -7.71 -52.61 -9.93
CA ALA J 222 -7.71 -53.09 -11.32
C ALA J 222 -6.75 -54.25 -11.63
N ASP J 223 -5.61 -54.27 -10.95
CA ASP J 223 -4.53 -55.22 -11.27
C ASP J 223 -4.46 -56.43 -10.34
N SER J 224 -5.64 -56.90 -9.91
CA SER J 224 -5.71 -58.11 -9.09
C SER J 224 -5.97 -59.32 -10.00
N THR J 225 -5.22 -60.39 -9.78
CA THR J 225 -5.30 -61.60 -10.60
C THR J 225 -5.71 -62.81 -9.79
N HIS J 226 -6.97 -63.19 -9.98
CA HIS J 226 -7.51 -64.39 -9.37
C HIS J 226 -6.92 -65.57 -10.10
N ASP J 227 -7.03 -66.75 -9.50
CA ASP J 227 -6.58 -67.97 -10.15
C ASP J 227 -7.77 -68.92 -10.31
N PHE J 228 -8.67 -68.56 -11.22
CA PHE J 228 -9.83 -69.39 -11.50
C PHE J 228 -9.83 -69.76 -12.98
PA 08T K . -32.23 -1.22 -10.01
PB 08T K . -29.85 -1.59 -11.36
BE 08T K . -27.31 -1.09 -10.33
C5' 08T K . -33.36 0.93 -9.11
O5' 08T K . -33.34 -0.12 -10.01
C4' 08T K . -34.49 1.87 -9.21
O4' 08T K . -34.42 2.57 -10.40
C3' 08T K . -35.75 1.10 -9.25
O3' 08T K . -36.36 0.93 -8.00
C2' 08T K . -36.57 1.77 -10.20
O2' 08T K . -37.47 2.67 -9.66
C1' 08T K . -35.63 2.45 -11.10
N1 08T K . -37.85 0.48 -15.33
O1A 08T K . -32.94 -2.54 -10.38
O1B 08T K . -29.77 -2.73 -10.32
F1 08T K . -27.58 -2.49 -9.84
C2 08T K . -38.39 1.33 -14.45
O2A 08T K . -31.45 -1.40 -8.69
O2B 08T K . -29.84 -2.13 -12.80
F2 08T K . -27.00 -0.24 -9.20
N3 08T K . -37.68 1.75 -13.40
O3A 08T K . -31.21 -0.85 -11.20
O3B 08T K . -28.62 -0.60 -11.04
F3 08T K . -26.09 -1.09 -11.24
C4 08T K . -36.40 1.33 -13.20
C5 08T K . -35.83 0.47 -14.10
C6 08T K . -36.58 0.05 -15.18
N6 08T K . -36.03 -0.84 -16.12
N7 08T K . -34.60 0.23 -13.67
C8 08T K . -34.38 0.90 -12.55
N9 08T K . -35.47 1.60 -12.25
MG MG L . -28.36 -3.32 -7.93
PA 08T M . -15.26 21.18 7.45
PB 08T M . -14.77 20.03 4.97
BE 08T M . -12.69 18.73 3.82
C5' 08T M . -14.28 22.69 9.33
O5' 08T M . -14.94 22.56 8.12
C4' 08T M . -14.20 24.09 9.83
O4' 08T M . -14.13 24.97 8.76
C3' 08T M . -15.40 24.46 10.58
O3' 08T M . -15.12 24.43 11.93
C2' 08T M . -15.71 25.79 10.20
O2' 08T M . -15.22 26.71 11.11
C1' 08T M . -15.07 26.00 8.91
N1 08T M . -19.68 27.42 6.82
O1A 08T M . -16.80 21.03 7.43
O1B 08T M . -14.96 18.70 5.76
F1 08T M . -13.62 17.62 4.22
C2 08T M . -19.12 27.91 7.95
O2A 08T M . -14.56 19.98 8.10
O2B 08T M . -15.67 20.22 3.75
F2 08T M . -11.35 18.55 4.34
N3 08T M . -17.91 27.47 8.39
O3A 08T M . -14.92 21.29 5.88
O3B 08T M . -13.27 20.02 4.47
F3 08T M . -12.57 18.84 2.31
C4 08T M . -17.24 26.52 7.71
C5 08T M . -17.81 26.00 6.56
C6 08T M . -19.05 26.47 6.12
N6 08T M . -19.62 25.91 4.92
N7 08T M . -16.97 25.08 6.08
C8 08T M . -15.92 25.00 6.89
N9 08T M . -16.05 25.88 7.88
MG MG N . -13.49 16.71 6.35
PA 08T O . 17.62 21.68 9.80
PB 08T O . 16.07 21.41 7.68
BE 08T O . 15.57 20.15 5.28
C5' 08T O . 20.15 21.76 9.99
O5' 08T O . 18.95 22.41 10.15
C4' 08T O . 21.30 22.27 10.78
O4' 08T O . 21.77 23.45 10.24
C3' 08T O . 20.85 22.54 12.15
O3' 08T O . 21.30 21.54 12.99
C2' 08T O . 21.38 23.81 12.48
O2' 08T O . 22.50 23.73 13.30
C1' 08T O . 21.73 24.43 11.21
N1 08T O . 18.84 28.35 12.76
O1A 08T O . 16.48 22.23 10.67
O1B 08T O . 15.76 20.08 8.41
F1 08T O . 14.44 19.61 6.16
C2 08T O . 19.96 27.87 13.35
O2A 08T O . 17.63 20.15 9.98
O2B 08T O . 14.87 22.35 7.85
F2 08T O . 16.49 19.10 4.90
N3 08T O . 20.63 26.84 12.83
O3A 08T O . 17.30 22.09 8.28
O3B 08T O . 16.40 21.17 6.13
F3 08T O . 15.03 20.79 4.00
C4 08T O . 20.17 26.24 11.70
C5 08T O . 19.02 26.72 11.08
C6 08T O . 18.35 27.79 11.64
N6 08T O . 17.16 28.27 10.98
N7 08T O . 18.81 25.96 10.00
C8 08T O . 19.78 25.04 9.91
N9 08T O . 20.60 25.22 10.94
MG MG P . 15.15 17.85 7.73
PB ADP Q . 34.79 5.08 -11.00
O1B ADP Q . 34.42 5.47 -9.58
O2B ADP Q . 35.29 6.24 -11.81
O3B ADP Q . 33.75 4.18 -11.64
PA ADP Q . 36.34 3.08 -9.80
O1A ADP Q . 37.09 3.65 -8.61
O2A ADP Q . 35.04 2.32 -9.65
O3A ADP Q . 36.13 4.21 -10.91
O5' ADP Q . 37.27 2.11 -10.64
C5' ADP Q . 38.03 1.12 -9.96
C4' ADP Q . 39.11 0.68 -10.93
O4' ADP Q . 39.67 1.80 -11.62
C3' ADP Q . 40.20 0.04 -10.13
O3' ADP Q . 40.39 -1.22 -10.77
C2' ADP Q . 41.42 0.93 -10.29
O2' ADP Q . 42.53 0.19 -10.77
C1' ADP Q . 41.07 1.97 -11.34
N9 ADP Q . 41.31 3.34 -10.80
C8 ADP Q . 40.39 4.32 -10.74
N7 ADP Q . 40.88 5.46 -10.18
C5 ADP Q . 42.17 5.20 -9.86
C6 ADP Q . 43.29 5.96 -9.24
N6 ADP Q . 43.14 7.24 -8.84
N1 ADP Q . 44.46 5.32 -9.07
C2 ADP Q . 44.61 4.05 -9.47
N3 ADP Q . 43.66 3.31 -10.04
C4 ADP Q . 42.44 3.81 -10.27
MG MG R . 32.61 2.35 -9.94
#